data_8YAN
# 
_entry.id   8YAN 
# 
_audit_conform.dict_name       mmcif_pdbx.dic 
_audit_conform.dict_version    5.395 
_audit_conform.dict_location   http://mmcif.pdb.org/dictionaries/ascii/mmcif_pdbx.dic 
# 
loop_
_database_2.database_id 
_database_2.database_code 
_database_2.pdbx_database_accession 
_database_2.pdbx_DOI 
PDB   8YAN         pdb_00008yan 10.2210/pdb8yan/pdb 
WWPDB D_1300045289 ?            ?                   
# 
_pdbx_audit_revision_history.ordinal             1 
_pdbx_audit_revision_history.data_content_type   'Structure model' 
_pdbx_audit_revision_history.major_revision      1 
_pdbx_audit_revision_history.minor_revision      0 
_pdbx_audit_revision_history.revision_date       2024-09-11 
# 
_pdbx_audit_revision_details.ordinal             1 
_pdbx_audit_revision_details.revision_ordinal    1 
_pdbx_audit_revision_details.data_content_type   'Structure model' 
_pdbx_audit_revision_details.provider            repository 
_pdbx_audit_revision_details.type                'Initial release' 
_pdbx_audit_revision_details.description         ? 
_pdbx_audit_revision_details.details             ? 
# 
_pdbx_database_status.status_code                     REL 
_pdbx_database_status.status_code_sf                  REL 
_pdbx_database_status.status_code_mr                  ? 
_pdbx_database_status.entry_id                        8YAN 
_pdbx_database_status.recvd_initial_deposition_date   2024-02-09 
_pdbx_database_status.SG_entry                        N 
_pdbx_database_status.deposit_site                    PDBJ 
_pdbx_database_status.process_site                    PDBJ 
_pdbx_database_status.status_code_cs                  ? 
_pdbx_database_status.status_code_nmr_data            ? 
_pdbx_database_status.methods_development_category    ? 
_pdbx_database_status.pdb_format_compatible           N 
# 
_pdbx_contact_author.id                 2 
_pdbx_contact_author.email              tomoyuki.numata94@agr.kyushu-u.ac.jp 
_pdbx_contact_author.name_first         Tomoyuki 
_pdbx_contact_author.name_last          Numata 
_pdbx_contact_author.name_mi            ? 
_pdbx_contact_author.role               'principal investigator/group leader' 
_pdbx_contact_author.identifier_ORCID   0000-0002-4244-8829 
# 
loop_
_audit_author.name 
_audit_author.pdbx_ordinal 
_audit_author.identifier_ORCID 
'Numata, T.'        1 ? 
'Schneekloth, J.S.' 2 ? 
# 
_citation.abstract                  ? 
_citation.abstract_id_CAS           ? 
_citation.book_id_ISBN              ? 
_citation.book_publisher            ? 
_citation.book_publisher_city       ? 
_citation.book_title                ? 
_citation.coordinate_linkage        ? 
_citation.country                   US 
_citation.database_id_Medline       ? 
_citation.details                   ? 
_citation.id                        primary 
_citation.journal_abbrev            Biorxiv 
_citation.journal_id_ASTM           ? 
_citation.journal_id_CSD            ? 
_citation.journal_id_ISSN           2692-8205 
_citation.journal_full              ? 
_citation.journal_issue             ? 
_citation.journal_volume            ? 
_citation.language                  ? 
_citation.page_first                ? 
_citation.page_last                 ? 
_citation.title                     
'Mechanistic Analysis of Riboswitch Ligand Interactions Provides Insights into Pharmacological Control over Gene Expression.' 
_citation.year                      2024 
_citation.database_id_CSD           ? 
_citation.pdbx_database_id_DOI      10.1101/2024.02.23.581746 
_citation.pdbx_database_id_PubMed   38903087 
_citation.pdbx_database_id_patent   ? 
_citation.unpublished_flag          ? 
# 
loop_
_citation_author.citation_id 
_citation_author.name 
_citation_author.ordinal 
_citation_author.identifier_ORCID 
primary 'Parmar, S.'            1  0000-0002-3960-4405 
primary 'Bume, D.D.'            2  ?                   
primary 'Conelly, C.'           3  0000-0003-1671-3243 
primary 'Boer, R.'              4  0000-0002-5027-2763 
primary 'Prestwood, P.R.'       5  ?                   
primary 'Wang, Z.'              6  ?                   
primary 'Labuhn, H.'            7  ?                   
primary 'Sinnadurai, K.'        8  ?                   
primary 'Feri, A.'              9  ?                   
primary 'Ouellet, J.'           10 ?                   
primary 'Homan, P.'             11 ?                   
primary 'Numata, T.'            12 0000-0002-4244-8829 
primary 'Schneekloth Jr., J.S.' 13 0000-0001-7459-783X 
# 
loop_
_entity.id 
_entity.type 
_entity.src_method 
_entity.pdbx_description 
_entity.formula_weight 
_entity.pdbx_number_of_molecules 
_entity.pdbx_ec 
_entity.pdbx_mutation 
_entity.pdbx_fragment 
_entity.details 
1 polymer     syn 'RNA (33-MER)'                                                                 10224.107 1 ? ? ? 
'N means abasic site of the RNA' 
2 non-polymer syn '~{N},~{N}-dimethyl-2-[(1-methyl-9~{H}-pyrido[3,4-b]indol-7-yl)oxy]ethanamine' 269.342   1 ? ? ? ? 
3 water       nat water                                                                          18.015    5 ? ? ? ? 
# 
_entity_poly.entity_id                      1 
_entity_poly.type                           polyribonucleotide 
_entity_poly.nstd_linkage                   no 
_entity_poly.nstd_monomer                   no 
_entity_poly.pdbx_seq_one_letter_code       'CUGGGUCGCAGU(N)(N)(N)CCCAGUUAACAAAACAAG' 
_entity_poly.pdbx_seq_one_letter_code_can   CUGGGUCGCAGUNNNCCCAGUUAACAAAACAAG 
_entity_poly.pdbx_strand_id                 A 
_entity_poly.pdbx_target_identifier         ? 
# 
loop_
_pdbx_entity_nonpoly.entity_id 
_pdbx_entity_nonpoly.name 
_pdbx_entity_nonpoly.comp_id 
2 '~{N},~{N}-dimethyl-2-[(1-methyl-9~{H}-pyrido[3,4-b]indol-7-yl)oxy]ethanamine' A1LYL 
3 water                                                                          HOH   
# 
loop_
_entity_poly_seq.entity_id 
_entity_poly_seq.num 
_entity_poly_seq.mon_id 
_entity_poly_seq.hetero 
1 1  C n 
1 2  U n 
1 3  G n 
1 4  G n 
1 5  G n 
1 6  U n 
1 7  C n 
1 8  G n 
1 9  C n 
1 10 A n 
1 11 G n 
1 12 U n 
1 13 N n 
1 14 N n 
1 15 N n 
1 16 C n 
1 17 C n 
1 18 C n 
1 19 A n 
1 20 G n 
1 21 U n 
1 22 U n 
1 23 A n 
1 24 A n 
1 25 C n 
1 26 A n 
1 27 A n 
1 28 A n 
1 29 A n 
1 30 C n 
1 31 A n 
1 32 A n 
1 33 G n 
# 
_pdbx_entity_src_syn.entity_id              1 
_pdbx_entity_src_syn.pdbx_src_id            1 
_pdbx_entity_src_syn.pdbx_alt_source_flag   sample 
_pdbx_entity_src_syn.pdbx_beg_seq_num       1 
_pdbx_entity_src_syn.pdbx_end_seq_num       33 
_pdbx_entity_src_syn.organism_scientific    'Caldanaerobacter subterraneus subsp. tengcongensis' 
_pdbx_entity_src_syn.organism_common_name   ? 
_pdbx_entity_src_syn.ncbi_taxonomy_id       119072 
_pdbx_entity_src_syn.details                ? 
# 
loop_
_chem_comp.id 
_chem_comp.type 
_chem_comp.mon_nstd_flag 
_chem_comp.name 
_chem_comp.pdbx_synonyms 
_chem_comp.formula 
_chem_comp.formula_weight 
A     'RNA linking' y "ADENOSINE-5'-MONOPHOSPHATE"                                                   ? 'C10 H14 N5 O7 P' 347.221 
A1LYL non-polymer   . '~{N},~{N}-dimethyl-2-[(1-methyl-9~{H}-pyrido[3,4-b]indol-7-yl)oxy]ethanamine' ? 'C16 H19 N3 O'    269.342 
C     'RNA linking' y "CYTIDINE-5'-MONOPHOSPHATE"                                                    ? 'C9 H14 N3 O8 P'  323.197 
G     'RNA linking' y "GUANOSINE-5'-MONOPHOSPHATE"                                                   ? 'C10 H14 N5 O8 P' 363.221 
HOH   non-polymer   . WATER                                                                          ? 'H2 O'            18.015  
N     'RNA linking' . 
;ANY 5'-MONOPHOSPHATE NUCLEOTIDE
;
"1-DEOXY-RIBOFURANOSE-5'-PHOSPHATE" 'C5 H11 O7 P'     214.110 
U     'RNA linking' y "URIDINE-5'-MONOPHOSPHATE"                                                     ? 'C9 H13 N2 O9 P'  324.181 
# 
loop_
_pdbx_poly_seq_scheme.asym_id 
_pdbx_poly_seq_scheme.entity_id 
_pdbx_poly_seq_scheme.seq_id 
_pdbx_poly_seq_scheme.mon_id 
_pdbx_poly_seq_scheme.ndb_seq_num 
_pdbx_poly_seq_scheme.pdb_seq_num 
_pdbx_poly_seq_scheme.auth_seq_num 
_pdbx_poly_seq_scheme.pdb_mon_id 
_pdbx_poly_seq_scheme.auth_mon_id 
_pdbx_poly_seq_scheme.pdb_strand_id 
_pdbx_poly_seq_scheme.pdb_ins_code 
_pdbx_poly_seq_scheme.hetero 
A 1 1  C 1  1  1  C C A . n 
A 1 2  U 2  2  2  U U A . n 
A 1 3  G 3  3  3  G G A . n 
A 1 4  G 4  4  4  G G A . n 
A 1 5  G 5  5  5  G G A . n 
A 1 6  U 6  6  6  U U A . n 
A 1 7  C 7  7  7  C C A . n 
A 1 8  G 8  8  8  G G A . n 
A 1 9  C 9  9  9  C C A . n 
A 1 10 A 10 10 10 A A A . n 
A 1 11 G 11 11 11 G G A . n 
A 1 12 U 12 12 12 U U A . n 
A 1 13 N 13 13 13 N N A . n 
A 1 14 N 14 14 14 N N A . n 
A 1 15 N 15 15 15 N N A . n 
A 1 16 C 16 16 16 C C A . n 
A 1 17 C 17 17 17 C C A . n 
A 1 18 C 18 18 18 C C A . n 
A 1 19 A 19 19 19 A A A . n 
A 1 20 G 20 20 20 G G A . n 
A 1 21 U 21 21 21 U U A . n 
A 1 22 U 22 22 22 U U A . n 
A 1 23 A 23 23 23 A A A . n 
A 1 24 A 24 24 24 A A A . n 
A 1 25 C 25 25 25 C C A . n 
A 1 26 A 26 26 26 A A A . n 
A 1 27 A 27 27 27 A A A . n 
A 1 28 A 28 28 28 A A A . n 
A 1 29 A 29 29 29 A A A . n 
A 1 30 C 30 30 30 C C A . n 
A 1 31 A 31 31 31 A A A . n 
A 1 32 A 32 32 32 A A A . n 
A 1 33 G 33 33 33 G G A . n 
# 
_pdbx_entity_instance_feature.ordinal        1 
_pdbx_entity_instance_feature.comp_id        A1LYL 
_pdbx_entity_instance_feature.asym_id        ? 
_pdbx_entity_instance_feature.seq_num        ? 
_pdbx_entity_instance_feature.auth_comp_id   A1LYL 
_pdbx_entity_instance_feature.auth_asym_id   ? 
_pdbx_entity_instance_feature.auth_seq_num   ? 
_pdbx_entity_instance_feature.feature_type   'SUBJECT OF INVESTIGATION' 
_pdbx_entity_instance_feature.details        ? 
# 
loop_
_pdbx_nonpoly_scheme.asym_id 
_pdbx_nonpoly_scheme.entity_id 
_pdbx_nonpoly_scheme.mon_id 
_pdbx_nonpoly_scheme.ndb_seq_num 
_pdbx_nonpoly_scheme.pdb_seq_num 
_pdbx_nonpoly_scheme.auth_seq_num 
_pdbx_nonpoly_scheme.pdb_mon_id 
_pdbx_nonpoly_scheme.auth_mon_id 
_pdbx_nonpoly_scheme.pdb_strand_id 
_pdbx_nonpoly_scheme.pdb_ins_code 
B 2 A1LYL 1 101 1 A1LYL LIG A . 
C 3 HOH   1 201 4 HOH   HOH A . 
C 3 HOH   2 202 1 HOH   HOH A . 
C 3 HOH   3 203 2 HOH   HOH A . 
C 3 HOH   4 204 5 HOH   HOH A . 
C 3 HOH   5 205 3 HOH   HOH A . 
# 
loop_
_software.citation_id 
_software.classification 
_software.compiler_name 
_software.compiler_version 
_software.contact_author 
_software.contact_author_email 
_software.date 
_software.description 
_software.dependencies 
_software.hardware 
_software.language 
_software.location 
_software.mods 
_software.name 
_software.os 
_software.os_version 
_software.type 
_software.version 
_software.pdbx_ordinal 
? refinement       ? ? ? ? ? ? ? ? ? ? ? PHENIX ? ? ? 1.17.1-3660 1 
? 'data reduction' ? ? ? ? ? ? ? ? ? ? ? XDS    ? ? ? .           2 
? 'data scaling'   ? ? ? ? ? ? ? ? ? ? ? XSCALE ? ? ? .           3 
? phasing          ? ? ? ? ? ? ? ? ? ? ? PHASER ? ? ? .           4 
# 
_cell.angle_alpha                  90.000 
_cell.angle_alpha_esd              ? 
_cell.angle_beta                   90.000 
_cell.angle_beta_esd               ? 
_cell.angle_gamma                  120.000 
_cell.angle_gamma_esd              ? 
_cell.entry_id                     8YAN 
_cell.details                      ? 
_cell.formula_units_Z              ? 
_cell.length_a                     116.390 
_cell.length_a_esd                 ? 
_cell.length_b                     116.390 
_cell.length_b_esd                 ? 
_cell.length_c                     57.780 
_cell.length_c_esd                 ? 
_cell.volume                       677859.217 
_cell.volume_esd                   ? 
_cell.Z_PDB                        12 
_cell.reciprocal_angle_alpha       ? 
_cell.reciprocal_angle_beta        ? 
_cell.reciprocal_angle_gamma       ? 
_cell.reciprocal_angle_alpha_esd   ? 
_cell.reciprocal_angle_beta_esd    ? 
_cell.reciprocal_angle_gamma_esd   ? 
_cell.reciprocal_length_a          ? 
_cell.reciprocal_length_b          ? 
_cell.reciprocal_length_c          ? 
_cell.reciprocal_length_a_esd      ? 
_cell.reciprocal_length_b_esd      ? 
_cell.reciprocal_length_c_esd      ? 
_cell.pdbx_unique_axis             ? 
_cell.pdbx_esd_method              ? 
# 
_symmetry.entry_id                         8YAN 
_symmetry.cell_setting                     ? 
_symmetry.Int_Tables_number                182 
_symmetry.space_group_name_Hall            'P 6c 2c' 
_symmetry.space_group_name_H-M             'P 63 2 2' 
_symmetry.pdbx_full_space_group_name_H-M   ? 
# 
_exptl.absorpt_coefficient_mu     ? 
_exptl.absorpt_correction_T_max   ? 
_exptl.absorpt_correction_T_min   ? 
_exptl.absorpt_correction_type    ? 
_exptl.absorpt_process_details    ? 
_exptl.entry_id                   8YAN 
_exptl.crystals_number            1 
_exptl.details                    ? 
_exptl.method                     'X-RAY DIFFRACTION' 
_exptl.method_details             ? 
# 
_exptl_crystal.colour                       ? 
_exptl_crystal.density_diffrn               ? 
_exptl_crystal.density_Matthews             5.53 
_exptl_crystal.density_method               ? 
_exptl_crystal.density_percent_sol          77.74 
_exptl_crystal.description                  ? 
_exptl_crystal.F_000                        ? 
_exptl_crystal.id                           1 
_exptl_crystal.preparation                  ? 
_exptl_crystal.size_max                     ? 
_exptl_crystal.size_mid                     ? 
_exptl_crystal.size_min                     ? 
_exptl_crystal.size_rad                     ? 
_exptl_crystal.colour_lustre                ? 
_exptl_crystal.colour_modifier              ? 
_exptl_crystal.colour_primary               ? 
_exptl_crystal.density_meas                 ? 
_exptl_crystal.density_meas_esd             ? 
_exptl_crystal.density_meas_gt              ? 
_exptl_crystal.density_meas_lt              ? 
_exptl_crystal.density_meas_temp            ? 
_exptl_crystal.density_meas_temp_esd        ? 
_exptl_crystal.density_meas_temp_gt         ? 
_exptl_crystal.density_meas_temp_lt         ? 
_exptl_crystal.pdbx_crystal_image_url       ? 
_exptl_crystal.pdbx_crystal_image_format    ? 
_exptl_crystal.pdbx_mosaicity               ? 
_exptl_crystal.pdbx_mosaicity_esd           ? 
_exptl_crystal.pdbx_mosaic_method           ? 
_exptl_crystal.pdbx_mosaic_block_size       ? 
_exptl_crystal.pdbx_mosaic_block_size_esd   ? 
# 
_exptl_crystal_grow.apparatus       ? 
_exptl_crystal_grow.atmosphere      ? 
_exptl_crystal_grow.crystal_id      1 
_exptl_crystal_grow.details         ? 
_exptl_crystal_grow.method          'VAPOR DIFFUSION, HANGING DROP' 
_exptl_crystal_grow.method_ref      ? 
_exptl_crystal_grow.pH              5.6 
_exptl_crystal_grow.pressure        ? 
_exptl_crystal_grow.pressure_esd    ? 
_exptl_crystal_grow.seeding         ? 
_exptl_crystal_grow.seeding_ref     ? 
_exptl_crystal_grow.temp_details    ? 
_exptl_crystal_grow.temp_esd        ? 
_exptl_crystal_grow.time            ? 
_exptl_crystal_grow.pdbx_details    '0.1M potassium sodium tartrate, 0.1M sodium citrate (pH 5.6), 2.6M ammonium sulfate' 
_exptl_crystal_grow.pdbx_pH_range   ? 
_exptl_crystal_grow.temp            293 
# 
_diffrn.ambient_environment              ? 
_diffrn.ambient_temp                     100 
_diffrn.ambient_temp_details             ? 
_diffrn.ambient_temp_esd                 ? 
_diffrn.crystal_id                       1 
_diffrn.crystal_support                  ? 
_diffrn.crystal_treatment                ? 
_diffrn.details                          ? 
_diffrn.id                               1 
_diffrn.ambient_pressure                 ? 
_diffrn.ambient_pressure_esd             ? 
_diffrn.ambient_pressure_gt              ? 
_diffrn.ambient_pressure_lt              ? 
_diffrn.ambient_temp_gt                  ? 
_diffrn.ambient_temp_lt                  ? 
_diffrn.pdbx_serial_crystal_experiment   N 
# 
_diffrn_detector.details                      ? 
_diffrn_detector.detector                     PIXEL 
_diffrn_detector.diffrn_id                    1 
_diffrn_detector.type                         'DECTRIS PILATUS 6M' 
_diffrn_detector.area_resol_mean              ? 
_diffrn_detector.dtime                        ? 
_diffrn_detector.pdbx_frames_total            ? 
_diffrn_detector.pdbx_collection_time_total   ? 
_diffrn_detector.pdbx_collection_date         2020-04-06 
_diffrn_detector.pdbx_frequency               ? 
_diffrn_detector.id                           ? 
_diffrn_detector.number_of_axes               ? 
# 
_diffrn_radiation.collimation                      ? 
_diffrn_radiation.diffrn_id                        1 
_diffrn_radiation.filter_edge                      ? 
_diffrn_radiation.inhomogeneity                    ? 
_diffrn_radiation.monochromator                    ? 
_diffrn_radiation.polarisn_norm                    ? 
_diffrn_radiation.polarisn_ratio                   ? 
_diffrn_radiation.probe                            ? 
_diffrn_radiation.type                             ? 
_diffrn_radiation.xray_symbol                      ? 
_diffrn_radiation.wavelength_id                    1 
_diffrn_radiation.pdbx_monochromatic_or_laue_m_l   M 
_diffrn_radiation.pdbx_wavelength_list             ? 
_diffrn_radiation.pdbx_wavelength                  ? 
_diffrn_radiation.pdbx_diffrn_protocol             'SINGLE WAVELENGTH' 
_diffrn_radiation.pdbx_analyzer                    ? 
_diffrn_radiation.pdbx_scattering_type             x-ray 
# 
_diffrn_radiation_wavelength.id           1 
_diffrn_radiation_wavelength.wavelength   1.0 
_diffrn_radiation_wavelength.wt           1.0 
# 
_diffrn_source.current                     ? 
_diffrn_source.details                     ? 
_diffrn_source.diffrn_id                   1 
_diffrn_source.power                       ? 
_diffrn_source.size                        ? 
_diffrn_source.source                      SYNCHROTRON 
_diffrn_source.target                      ? 
_diffrn_source.type                        'SPRING-8 BEAMLINE BL45XU' 
_diffrn_source.voltage                     ? 
_diffrn_source.take-off_angle              ? 
_diffrn_source.pdbx_wavelength_list        1.0 
_diffrn_source.pdbx_wavelength             ? 
_diffrn_source.pdbx_synchrotron_beamline   BL45XU 
_diffrn_source.pdbx_synchrotron_site       SPring-8 
# 
_reflns.B_iso_Wilson_estimate                          ? 
_reflns.entry_id                                       8YAN 
_reflns.data_reduction_details                         ? 
_reflns.data_reduction_method                          ? 
_reflns.d_resolution_high                              2.25 
_reflns.d_resolution_low                               41.0 
_reflns.details                                        ? 
_reflns.limit_h_max                                    ? 
_reflns.limit_h_min                                    ? 
_reflns.limit_k_max                                    ? 
_reflns.limit_k_min                                    ? 
_reflns.limit_l_max                                    ? 
_reflns.limit_l_min                                    ? 
_reflns.number_all                                     ? 
_reflns.number_obs                                     11424 
_reflns.observed_criterion                             ? 
_reflns.observed_criterion_F_max                       ? 
_reflns.observed_criterion_F_min                       ? 
_reflns.observed_criterion_I_max                       ? 
_reflns.observed_criterion_I_min                       ? 
_reflns.observed_criterion_sigma_F                     ? 
_reflns.observed_criterion_sigma_I                     ? 
_reflns.percent_possible_obs                           99.9 
_reflns.R_free_details                                 ? 
_reflns.Rmerge_F_all                                   ? 
_reflns.Rmerge_F_obs                                   ? 
_reflns.Friedel_coverage                               ? 
_reflns.number_gt                                      ? 
_reflns.threshold_expression                           ? 
_reflns.pdbx_redundancy                                31.2 
_reflns.pdbx_netI_over_av_sigmaI                       ? 
_reflns.pdbx_netI_over_sigmaI                          32.4 
_reflns.pdbx_res_netI_over_av_sigmaI_2                 ? 
_reflns.pdbx_res_netI_over_sigmaI_2                    ? 
_reflns.pdbx_chi_squared                               ? 
_reflns.pdbx_scaling_rejects                           ? 
_reflns.pdbx_d_res_high_opt                            ? 
_reflns.pdbx_d_res_low_opt                             ? 
_reflns.pdbx_d_res_opt_method                          ? 
_reflns.phase_calculation_details                      ? 
_reflns.pdbx_Rrim_I_all                                ? 
_reflns.pdbx_Rpim_I_all                                0.012 
_reflns.pdbx_d_opt                                     ? 
_reflns.pdbx_number_measured_all                       ? 
_reflns.pdbx_diffrn_id                                 1 
_reflns.pdbx_ordinal                                   1 
_reflns.pdbx_CC_half                                   0.999 
_reflns.pdbx_CC_star                                   ? 
_reflns.pdbx_R_split                                   ? 
_reflns.pdbx_Rmerge_I_obs                              0.064 
_reflns.pdbx_Rmerge_I_all                              ? 
_reflns.pdbx_Rsym_value                                ? 
_reflns.pdbx_CC_split_method                           ? 
_reflns.pdbx_aniso_diffraction_limit_axis_1_ortho[1]   ? 
_reflns.pdbx_aniso_diffraction_limit_axis_1_ortho[2]   ? 
_reflns.pdbx_aniso_diffraction_limit_axis_1_ortho[3]   ? 
_reflns.pdbx_aniso_diffraction_limit_axis_2_ortho[1]   ? 
_reflns.pdbx_aniso_diffraction_limit_axis_2_ortho[2]   ? 
_reflns.pdbx_aniso_diffraction_limit_axis_2_ortho[3]   ? 
_reflns.pdbx_aniso_diffraction_limit_axis_3_ortho[1]   ? 
_reflns.pdbx_aniso_diffraction_limit_axis_3_ortho[2]   ? 
_reflns.pdbx_aniso_diffraction_limit_axis_3_ortho[3]   ? 
_reflns.pdbx_aniso_diffraction_limit_1                 ? 
_reflns.pdbx_aniso_diffraction_limit_2                 ? 
_reflns.pdbx_aniso_diffraction_limit_3                 ? 
_reflns.pdbx_aniso_B_tensor_eigenvector_1_ortho[1]     ? 
_reflns.pdbx_aniso_B_tensor_eigenvector_1_ortho[2]     ? 
_reflns.pdbx_aniso_B_tensor_eigenvector_1_ortho[3]     ? 
_reflns.pdbx_aniso_B_tensor_eigenvector_2_ortho[1]     ? 
_reflns.pdbx_aniso_B_tensor_eigenvector_2_ortho[2]     ? 
_reflns.pdbx_aniso_B_tensor_eigenvector_2_ortho[3]     ? 
_reflns.pdbx_aniso_B_tensor_eigenvector_3_ortho[1]     ? 
_reflns.pdbx_aniso_B_tensor_eigenvector_3_ortho[2]     ? 
_reflns.pdbx_aniso_B_tensor_eigenvector_3_ortho[3]     ? 
_reflns.pdbx_aniso_B_tensor_eigenvalue_1               ? 
_reflns.pdbx_aniso_B_tensor_eigenvalue_2               ? 
_reflns.pdbx_aniso_B_tensor_eigenvalue_3               ? 
_reflns.pdbx_orthogonalization_convention              ? 
_reflns.pdbx_percent_possible_ellipsoidal              ? 
_reflns.pdbx_percent_possible_spherical                ? 
_reflns.pdbx_percent_possible_ellipsoidal_anomalous    ? 
_reflns.pdbx_percent_possible_spherical_anomalous      ? 
_reflns.pdbx_redundancy_anomalous                      ? 
_reflns.pdbx_CC_half_anomalous                         ? 
_reflns.pdbx_absDiff_over_sigma_anomalous              ? 
_reflns.pdbx_percent_possible_anomalous                ? 
_reflns.pdbx_observed_signal_threshold                 ? 
_reflns.pdbx_signal_type                               ? 
_reflns.pdbx_signal_details                            ? 
_reflns.pdbx_signal_software_id                        ? 
# 
_reflns_shell.d_res_high                                    2.25 
_reflns_shell.d_res_low                                     2.39 
_reflns_shell.meanI_over_sigI_all                           ? 
_reflns_shell.meanI_over_sigI_obs                           1.44 
_reflns_shell.number_measured_all                           ? 
_reflns_shell.number_measured_obs                           ? 
_reflns_shell.number_possible                               ? 
_reflns_shell.number_unique_all                             ? 
_reflns_shell.number_unique_obs                             1830 
_reflns_shell.percent_possible_obs                          ? 
_reflns_shell.Rmerge_F_all                                  ? 
_reflns_shell.Rmerge_F_obs                                  ? 
_reflns_shell.meanI_over_sigI_gt                            ? 
_reflns_shell.meanI_over_uI_all                             ? 
_reflns_shell.meanI_over_uI_gt                              ? 
_reflns_shell.number_measured_gt                            ? 
_reflns_shell.number_unique_gt                              ? 
_reflns_shell.percent_possible_gt                           ? 
_reflns_shell.Rmerge_F_gt                                   ? 
_reflns_shell.Rmerge_I_gt                                   ? 
_reflns_shell.pdbx_redundancy                               31.9 
_reflns_shell.pdbx_chi_squared                              ? 
_reflns_shell.pdbx_netI_over_sigmaI_all                     ? 
_reflns_shell.pdbx_netI_over_sigmaI_obs                     ? 
_reflns_shell.pdbx_Rrim_I_all                               ? 
_reflns_shell.pdbx_Rpim_I_all                               0.641 
_reflns_shell.pdbx_rejects                                  ? 
_reflns_shell.pdbx_ordinal                                  1 
_reflns_shell.pdbx_diffrn_id                                1 
_reflns_shell.pdbx_CC_half                                  0.589 
_reflns_shell.pdbx_CC_star                                  ? 
_reflns_shell.pdbx_R_split                                  ? 
_reflns_shell.percent_possible_all                          99.9 
_reflns_shell.Rmerge_I_all                                  ? 
_reflns_shell.Rmerge_I_obs                                  3.62 
_reflns_shell.pdbx_Rsym_value                               ? 
_reflns_shell.pdbx_percent_possible_ellipsoidal             ? 
_reflns_shell.pdbx_percent_possible_spherical               ? 
_reflns_shell.pdbx_percent_possible_ellipsoidal_anomalous   ? 
_reflns_shell.pdbx_percent_possible_spherical_anomalous     ? 
_reflns_shell.pdbx_redundancy_anomalous                     ? 
_reflns_shell.pdbx_CC_half_anomalous                        ? 
_reflns_shell.pdbx_absDiff_over_sigma_anomalous             ? 
_reflns_shell.pdbx_percent_possible_anomalous               ? 
# 
_refine.aniso_B[1][1]                            ? 
_refine.aniso_B[1][2]                            ? 
_refine.aniso_B[1][3]                            ? 
_refine.aniso_B[2][2]                            ? 
_refine.aniso_B[2][3]                            ? 
_refine.aniso_B[3][3]                            ? 
_refine.B_iso_max                                ? 
_refine.B_iso_mean                               96.87 
_refine.B_iso_min                                ? 
_refine.correlation_coeff_Fo_to_Fc               ? 
_refine.correlation_coeff_Fo_to_Fc_free          ? 
_refine.details                                  ? 
_refine.diff_density_max                         ? 
_refine.diff_density_max_esd                     ? 
_refine.diff_density_min                         ? 
_refine.diff_density_min_esd                     ? 
_refine.diff_density_rms                         ? 
_refine.diff_density_rms_esd                     ? 
_refine.entry_id                                 8YAN 
_refine.pdbx_refine_id                           'X-RAY DIFFRACTION' 
_refine.ls_abs_structure_details                 ? 
_refine.ls_abs_structure_Flack                   ? 
_refine.ls_abs_structure_Flack_esd               ? 
_refine.ls_abs_structure_Rogers                  ? 
_refine.ls_abs_structure_Rogers_esd              ? 
_refine.ls_d_res_high                            2.25 
_refine.ls_d_res_low                             41.0 
_refine.ls_extinction_coef                       ? 
_refine.ls_extinction_coef_esd                   ? 
_refine.ls_extinction_expression                 ? 
_refine.ls_extinction_method                     ? 
_refine.ls_goodness_of_fit_all                   ? 
_refine.ls_goodness_of_fit_all_esd               ? 
_refine.ls_goodness_of_fit_obs                   ? 
_refine.ls_goodness_of_fit_obs_esd               ? 
_refine.ls_hydrogen_treatment                    ? 
_refine.ls_matrix_type                           ? 
_refine.ls_number_constraints                    ? 
_refine.ls_number_parameters                     ? 
_refine.ls_number_reflns_all                     ? 
_refine.ls_number_reflns_obs                     11405 
_refine.ls_number_reflns_R_free                  570 
_refine.ls_number_reflns_R_work                  ? 
_refine.ls_number_restraints                     ? 
_refine.ls_percent_reflns_obs                    99.92 
_refine.ls_percent_reflns_R_free                 5 
_refine.ls_R_factor_all                          ? 
_refine.ls_R_factor_obs                          ? 
_refine.ls_R_factor_R_free                       0.214 
_refine.ls_R_factor_R_free_error                 ? 
_refine.ls_R_factor_R_free_error_details         ? 
_refine.ls_R_factor_R_work                       0.198 
_refine.ls_R_Fsqd_factor_obs                     ? 
_refine.ls_R_I_factor_obs                        ? 
_refine.ls_redundancy_reflns_all                 ? 
_refine.ls_redundancy_reflns_obs                 ? 
_refine.ls_restrained_S_all                      ? 
_refine.ls_restrained_S_obs                      ? 
_refine.ls_shift_over_esd_max                    ? 
_refine.ls_shift_over_esd_mean                   ? 
_refine.ls_structure_factor_coef                 ? 
_refine.ls_weighting_details                     ? 
_refine.ls_weighting_scheme                      ? 
_refine.ls_wR_factor_all                         ? 
_refine.ls_wR_factor_obs                         ? 
_refine.ls_wR_factor_R_free                      ? 
_refine.ls_wR_factor_R_work                      ? 
_refine.occupancy_max                            ? 
_refine.occupancy_min                            ? 
_refine.solvent_model_details                    ? 
_refine.solvent_model_param_bsol                 ? 
_refine.solvent_model_param_ksol                 ? 
_refine.pdbx_R_complete                          ? 
_refine.ls_R_factor_gt                           ? 
_refine.ls_goodness_of_fit_gt                    ? 
_refine.ls_goodness_of_fit_ref                   ? 
_refine.ls_shift_over_su_max                     ? 
_refine.ls_shift_over_su_max_lt                  ? 
_refine.ls_shift_over_su_mean                    ? 
_refine.ls_shift_over_su_mean_lt                 ? 
_refine.pdbx_ls_sigma_I                          ? 
_refine.pdbx_ls_sigma_F                          ? 
_refine.pdbx_ls_sigma_Fsqd                       ? 
_refine.pdbx_data_cutoff_high_absF               ? 
_refine.pdbx_data_cutoff_high_rms_absF           ? 
_refine.pdbx_data_cutoff_low_absF                ? 
_refine.pdbx_isotropic_thermal_model             ? 
_refine.pdbx_ls_cross_valid_method               'FREE R-VALUE' 
_refine.pdbx_method_to_determine_struct          'MOLECULAR REPLACEMENT' 
_refine.pdbx_starting_model                      ? 
_refine.pdbx_stereochemistry_target_values       'GeoStd + Monomer Library + CDL v1.2' 
_refine.pdbx_R_Free_selection_details            'Random selection' 
_refine.pdbx_stereochem_target_val_spec_case     ? 
_refine.pdbx_overall_ESU_R                       ? 
_refine.pdbx_overall_ESU_R_Free                  ? 
_refine.pdbx_solvent_vdw_probe_radii             ? 
_refine.pdbx_solvent_ion_probe_radii             ? 
_refine.pdbx_solvent_shrinkage_radii             ? 
_refine.pdbx_real_space_R                        ? 
_refine.pdbx_density_correlation                 ? 
_refine.pdbx_pd_number_of_powder_patterns        ? 
_refine.pdbx_pd_number_of_points                 ? 
_refine.pdbx_pd_meas_number_of_points            ? 
_refine.pdbx_pd_proc_ls_prof_R_factor            ? 
_refine.pdbx_pd_proc_ls_prof_wR_factor           ? 
_refine.pdbx_pd_Marquardt_correlation_coeff      ? 
_refine.pdbx_pd_Fsqrd_R_factor                   ? 
_refine.pdbx_pd_ls_matrix_band_width             ? 
_refine.pdbx_overall_phase_error                 ? 
_refine.pdbx_overall_SU_R_free_Cruickshank_DPI   ? 
_refine.pdbx_overall_SU_R_free_Blow_DPI          ? 
_refine.pdbx_overall_SU_R_Blow_DPI               ? 
_refine.pdbx_TLS_residual_ADP_flag               ? 
_refine.pdbx_diffrn_id                           1 
_refine.overall_SU_B                             ? 
_refine.overall_SU_ML                            ? 
_refine.overall_SU_R_Cruickshank_DPI             ? 
_refine.overall_SU_R_free                        ? 
_refine.overall_FOM_free_R_set                   ? 
_refine.overall_FOM_work_R_set                   ? 
_refine.pdbx_average_fsc_overall                 ? 
_refine.pdbx_average_fsc_work                    ? 
_refine.pdbx_average_fsc_free                    ? 
# 
_refine_hist.pdbx_refine_id                   'X-RAY DIFFRACTION' 
_refine_hist.cycle_id                         LAST 
_refine_hist.pdbx_number_atoms_protein        0 
_refine_hist.pdbx_number_atoms_nucleic_acid   663 
_refine_hist.pdbx_number_atoms_ligand         20 
_refine_hist.number_atoms_solvent             5 
_refine_hist.number_atoms_total               688 
_refine_hist.d_res_high                       2.25 
_refine_hist.d_res_low                        41.0 
# 
loop_
_refine_ls_restr.pdbx_refine_id 
_refine_ls_restr.criterion 
_refine_ls_restr.dev_ideal 
_refine_ls_restr.dev_ideal_target 
_refine_ls_restr.number 
_refine_ls_restr.rejects 
_refine_ls_restr.type 
_refine_ls_restr.weight 
_refine_ls_restr.pdbx_restraint_function 
'X-RAY DIFFRACTION' ? 0.0016  ? 762  ? f_bond_d           ? ? 
'X-RAY DIFFRACTION' ? 0.3731  ? 1181 ? f_angle_d          ? ? 
'X-RAY DIFFRACTION' ? 0.0191  ? 155  ? f_chiral_restr     ? ? 
'X-RAY DIFFRACTION' ? 0.0034  ? 31   ? f_plane_restr      ? ? 
'X-RAY DIFFRACTION' ? 15.2885 ? 378  ? f_dihedral_angle_d ? ? 
# 
_refine_ls_shell.R_factor_R_free                  0.346 
_refine_ls_shell.R_factor_R_free_error            ? 
_refine_ls_shell.R_factor_R_work                  0.333 
_refine_ls_shell.R_factor_all                     ? 
_refine_ls_shell.R_factor_obs                     ? 
_refine_ls_shell.d_res_high                       2.25 
_refine_ls_shell.d_res_low                        2.48 
_refine_ls_shell.number_reflns_R_free             138 
_refine_ls_shell.number_reflns_R_work             ? 
_refine_ls_shell.number_reflns_all                ? 
_refine_ls_shell.number_reflns_obs                2630 
_refine_ls_shell.pdbx_R_complete                  ? 
_refine_ls_shell.pdbx_fsc_free                    ? 
_refine_ls_shell.pdbx_fsc_work                    ? 
_refine_ls_shell.pdbx_phase_error                 ? 
_refine_ls_shell.pdbx_refine_id                   'X-RAY DIFFRACTION' 
_refine_ls_shell.pdbx_total_number_of_bins_used   ? 
_refine_ls_shell.percent_reflns_R_free            ? 
_refine_ls_shell.percent_reflns_obs               99.9 
_refine_ls_shell.redundancy_reflns_all            ? 
_refine_ls_shell.redundancy_reflns_obs            ? 
_refine_ls_shell.wR_factor_R_free                 ? 
_refine_ls_shell.wR_factor_R_work                 ? 
_refine_ls_shell.wR_factor_all                    ? 
_refine_ls_shell.wR_factor_obs                    ? 
# 
_struct.entry_id                     8YAN 
_struct.title                        'Crystal structure of a class I PreQ1 riboswitch complexed with a synthetic compound' 
_struct.pdbx_model_details           ? 
_struct.pdbx_formula_weight          ? 
_struct.pdbx_formula_weight_method   ? 
_struct.pdbx_model_type_details      ? 
_struct.pdbx_CASP_flag               N 
# 
_struct_keywords.entry_id        8YAN 
_struct_keywords.text            'Riboswitch, RNA' 
_struct_keywords.pdbx_keywords   RNA 
# 
loop_
_struct_asym.id 
_struct_asym.pdbx_blank_PDB_chainid_flag 
_struct_asym.pdbx_modified 
_struct_asym.entity_id 
_struct_asym.details 
A N N 1 ? 
B N N 2 ? 
C N N 3 ? 
# 
_struct_ref.id                         1 
_struct_ref.db_name                    PDB 
_struct_ref.db_code                    8YAN 
_struct_ref.pdbx_db_accession          8YAN 
_struct_ref.pdbx_db_isoform            ? 
_struct_ref.entity_id                  1 
_struct_ref.pdbx_seq_one_letter_code   ? 
_struct_ref.pdbx_align_begin           1 
# 
_struct_ref_seq.align_id                      1 
_struct_ref_seq.ref_id                        1 
_struct_ref_seq.pdbx_PDB_id_code              8YAN 
_struct_ref_seq.pdbx_strand_id                A 
_struct_ref_seq.seq_align_beg                 1 
_struct_ref_seq.pdbx_seq_align_beg_ins_code   ? 
_struct_ref_seq.seq_align_end                 33 
_struct_ref_seq.pdbx_seq_align_end_ins_code   ? 
_struct_ref_seq.pdbx_db_accession             8YAN 
_struct_ref_seq.db_align_beg                  1 
_struct_ref_seq.pdbx_db_align_beg_ins_code    ? 
_struct_ref_seq.db_align_end                  33 
_struct_ref_seq.pdbx_db_align_end_ins_code    ? 
_struct_ref_seq.pdbx_auth_seq_align_beg       1 
_struct_ref_seq.pdbx_auth_seq_align_end       33 
# 
_pdbx_struct_assembly.id                   1 
_pdbx_struct_assembly.details              author_defined_assembly 
_pdbx_struct_assembly.method_details       ? 
_pdbx_struct_assembly.oligomeric_details   monomeric 
_pdbx_struct_assembly.oligomeric_count     1 
# 
_pdbx_struct_assembly_gen.assembly_id       1 
_pdbx_struct_assembly_gen.oper_expression   1 
_pdbx_struct_assembly_gen.asym_id_list      A,B,C 
# 
_pdbx_struct_assembly_auth_evidence.id                     1 
_pdbx_struct_assembly_auth_evidence.assembly_id            1 
_pdbx_struct_assembly_auth_evidence.experimental_support   'gel filtration' 
_pdbx_struct_assembly_auth_evidence.details                ? 
# 
_pdbx_struct_oper_list.id                   1 
_pdbx_struct_oper_list.type                 'identity operation' 
_pdbx_struct_oper_list.name                 1_555 
_pdbx_struct_oper_list.symmetry_operation   x,y,z 
_pdbx_struct_oper_list.matrix[1][1]         1.0000000000 
_pdbx_struct_oper_list.matrix[1][2]         0.0000000000 
_pdbx_struct_oper_list.matrix[1][3]         0.0000000000 
_pdbx_struct_oper_list.vector[1]            0.0000000000 
_pdbx_struct_oper_list.matrix[2][1]         0.0000000000 
_pdbx_struct_oper_list.matrix[2][2]         1.0000000000 
_pdbx_struct_oper_list.matrix[2][3]         0.0000000000 
_pdbx_struct_oper_list.vector[2]            0.0000000000 
_pdbx_struct_oper_list.matrix[3][1]         0.0000000000 
_pdbx_struct_oper_list.matrix[3][2]         0.0000000000 
_pdbx_struct_oper_list.matrix[3][3]         1.0000000000 
_pdbx_struct_oper_list.vector[3]            0.0000000000 
# 
loop_
_struct_conn.id 
_struct_conn.conn_type_id 
_struct_conn.pdbx_leaving_atom_flag 
_struct_conn.pdbx_PDB_id 
_struct_conn.ptnr1_label_asym_id 
_struct_conn.ptnr1_label_comp_id 
_struct_conn.ptnr1_label_seq_id 
_struct_conn.ptnr1_label_atom_id 
_struct_conn.pdbx_ptnr1_label_alt_id 
_struct_conn.pdbx_ptnr1_PDB_ins_code 
_struct_conn.pdbx_ptnr1_standard_comp_id 
_struct_conn.ptnr1_symmetry 
_struct_conn.ptnr2_label_asym_id 
_struct_conn.ptnr2_label_comp_id 
_struct_conn.ptnr2_label_seq_id 
_struct_conn.ptnr2_label_atom_id 
_struct_conn.pdbx_ptnr2_label_alt_id 
_struct_conn.pdbx_ptnr2_PDB_ins_code 
_struct_conn.ptnr1_auth_asym_id 
_struct_conn.ptnr1_auth_comp_id 
_struct_conn.ptnr1_auth_seq_id 
_struct_conn.ptnr2_auth_asym_id 
_struct_conn.ptnr2_auth_comp_id 
_struct_conn.ptnr2_auth_seq_id 
_struct_conn.ptnr2_symmetry 
_struct_conn.pdbx_ptnr3_label_atom_id 
_struct_conn.pdbx_ptnr3_label_seq_id 
_struct_conn.pdbx_ptnr3_label_comp_id 
_struct_conn.pdbx_ptnr3_label_asym_id 
_struct_conn.pdbx_ptnr3_label_alt_id 
_struct_conn.pdbx_ptnr3_PDB_ins_code 
_struct_conn.details 
_struct_conn.pdbx_dist_value 
_struct_conn.pdbx_value_order 
_struct_conn.pdbx_role 
covale1  covale both ? A U 12 "O3'" ? ? ? 1_555 A N 13 P  ? ? A U 12 A N 13 1_555 ? ? ? ? ? ? ?             1.608 ? ? 
covale2  covale both ? A N 14 "O3'" ? ? ? 1_555 A N 15 P  ? ? A N 14 A N 15 1_555 ? ? ? ? ? ? ?             1.608 ? ? 
covale3  covale both ? A N 15 "O3'" ? ? ? 1_555 A C 16 P  ? ? A N 15 A C 16 1_555 ? ? ? ? ? ? ?             1.607 ? ? 
hydrog1  hydrog ?    ? A C 1  N3    ? ? ? 1_555 A G 20 N1 ? ? A C 1  A G 20 1_555 ? ? ? ? ? ? WATSON-CRICK  ?     ? ? 
hydrog2  hydrog ?    ? A C 1  N4    ? ? ? 1_555 A G 20 O6 ? ? A C 1  A G 20 1_555 ? ? ? ? ? ? WATSON-CRICK  ?     ? ? 
hydrog3  hydrog ?    ? A C 1  O2    ? ? ? 1_555 A G 20 N2 ? ? A C 1  A G 20 1_555 ? ? ? ? ? ? WATSON-CRICK  ?     ? ? 
hydrog4  hydrog ?    ? A U 2  N3    ? ? ? 1_555 A A 19 N1 ? ? A U 2  A A 19 1_555 ? ? ? ? ? ? WATSON-CRICK  ?     ? ? 
hydrog5  hydrog ?    ? A U 2  O4    ? ? ? 1_555 A A 19 N6 ? ? A U 2  A A 19 1_555 ? ? ? ? ? ? WATSON-CRICK  ?     ? ? 
hydrog6  hydrog ?    ? A G 3  N1    ? ? ? 1_555 A C 18 N3 ? ? A G 3  A C 18 1_555 ? ? ? ? ? ? WATSON-CRICK  ?     ? ? 
hydrog7  hydrog ?    ? A G 3  N2    ? ? ? 1_555 A C 18 O2 ? ? A G 3  A C 18 1_555 ? ? ? ? ? ? WATSON-CRICK  ?     ? ? 
hydrog8  hydrog ?    ? A G 3  O6    ? ? ? 1_555 A C 18 N4 ? ? A G 3  A C 18 1_555 ? ? ? ? ? ? WATSON-CRICK  ?     ? ? 
hydrog9  hydrog ?    ? A G 4  N1    ? ? ? 1_555 A C 17 N3 ? ? A G 4  A C 17 1_555 ? ? ? ? ? ? WATSON-CRICK  ?     ? ? 
hydrog10 hydrog ?    ? A G 4  N2    ? ? ? 1_555 A C 17 O2 ? ? A G 4  A C 17 1_555 ? ? ? ? ? ? WATSON-CRICK  ?     ? ? 
hydrog11 hydrog ?    ? A G 4  O6    ? ? ? 1_555 A C 17 N4 ? ? A G 4  A C 17 1_555 ? ? ? ? ? ? WATSON-CRICK  ?     ? ? 
hydrog12 hydrog ?    ? A G 5  N1    ? ? ? 1_555 A C 16 N3 ? ? A G 5  A C 16 1_555 ? ? ? ? ? ? WATSON-CRICK  ?     ? ? 
hydrog13 hydrog ?    ? A G 5  N2    ? ? ? 1_555 A C 16 O2 ? ? A G 5  A C 16 1_555 ? ? ? ? ? ? WATSON-CRICK  ?     ? ? 
hydrog14 hydrog ?    ? A G 5  O6    ? ? ? 1_555 A C 16 N4 ? ? A G 5  A C 16 1_555 ? ? ? ? ? ? WATSON-CRICK  ?     ? ? 
hydrog15 hydrog ?    ? A G 5  N2    ? ? ? 1_555 A A 27 N1 ? ? A G 5  A A 27 1_555 ? ? ? ? ? ? TYPE_10_PAIR  ?     ? ? 
hydrog16 hydrog ?    ? A G 5  N3    ? ? ? 1_555 A A 27 N6 ? ? A G 5  A A 27 1_555 ? ? ? ? ? ? TYPE_10_PAIR  ?     ? ? 
hydrog17 hydrog ?    ? A U 6  N3    ? ? ? 1_555 A A 28 N7 ? ? A U 6  A A 28 1_555 ? ? ? ? ? ? HOOGSTEEN     ?     ? ? 
hydrog18 hydrog ?    ? A U 6  O4    ? ? ? 1_555 A A 28 N6 ? ? A U 6  A A 28 1_555 ? ? ? ? ? ? HOOGSTEEN     ?     ? ? 
hydrog19 hydrog ?    ? A C 7  N4    ? ? ? 1_555 A G 11 N7 ? ? A C 7  A G 11 1_555 ? ? ? ? ? ? 'C-G PAIR'    ?     ? ? 
hydrog20 hydrog ?    ? A C 7  O2    ? ? ? 1_555 A A 29 N6 ? ? A C 7  A A 29 1_555 ? ? ? ? ? ? 'C-A MISPAIR' ?     ? ? 
hydrog21 hydrog ?    ? A C 7  O2    ? ? ? 1_555 A C 30 N4 ? ? A C 7  A C 30 1_555 ? ? ? ? ? ? 'C-C MISPAIR' ?     ? ? 
hydrog22 hydrog ?    ? A G 8  N2    ? ? ? 1_555 A A 31 N1 ? ? A G 8  A A 31 1_555 ? ? ? ? ? ? TYPE_10_PAIR  ?     ? ? 
hydrog23 hydrog ?    ? A G 8  N3    ? ? ? 1_555 A A 31 N6 ? ? A G 8  A A 31 1_555 ? ? ? ? ? ? TYPE_10_PAIR  ?     ? ? 
hydrog24 hydrog ?    ? A C 9  N3    ? ? ? 1_555 A G 33 N1 ? ? A C 9  A G 33 1_555 ? ? ? ? ? ? WATSON-CRICK  ?     ? ? 
hydrog25 hydrog ?    ? A C 9  N4    ? ? ? 1_555 A G 33 O6 ? ? A C 9  A G 33 1_555 ? ? ? ? ? ? WATSON-CRICK  ?     ? ? 
hydrog26 hydrog ?    ? A C 9  O2    ? ? ? 1_555 A G 33 N2 ? ? A C 9  A G 33 1_555 ? ? ? ? ? ? WATSON-CRICK  ?     ? ? 
hydrog27 hydrog ?    ? A A 10 N3    ? ? ? 1_555 A A 32 N6 ? ? A A 10 A A 32 1_555 ? ? ? ? ? ? 'A-A MISPAIR' ?     ? ? 
hydrog28 hydrog ?    ? A G 11 N1    ? ? ? 1_555 A C 30 N3 ? ? A G 11 A C 30 1_555 ? ? ? ? ? ? WATSON-CRICK  ?     ? ? 
hydrog29 hydrog ?    ? A G 11 N2    ? ? ? 1_555 A C 30 O2 ? ? A G 11 A C 30 1_555 ? ? ? ? ? ? WATSON-CRICK  ?     ? ? 
hydrog30 hydrog ?    ? A G 11 O6    ? ? ? 1_555 A C 30 N4 ? ? A G 11 A C 30 1_555 ? ? ? ? ? ? WATSON-CRICK  ?     ? ? 
hydrog31 hydrog ?    ? A C 16 O2    ? ? ? 1_555 A A 28 N6 ? ? A C 16 A A 28 1_555 ? ? ? ? ? ? 'C-A MISPAIR' ?     ? ? 
hydrog32 hydrog ?    ? A C 17 O2    ? ? ? 1_555 A A 26 N6 ? ? A C 17 A A 26 1_555 ? ? ? ? ? ? 'C-A MISPAIR' ?     ? ? 
# 
loop_
_struct_conn_type.id 
_struct_conn_type.criteria 
_struct_conn_type.reference 
covale ? ? 
hydrog ? ? 
# 
_pdbx_entry_details.entry_id                   8YAN 
_pdbx_entry_details.has_ligand_of_interest     Y 
_pdbx_entry_details.compound_details           ? 
_pdbx_entry_details.source_details             ? 
_pdbx_entry_details.nonpolymer_details         ? 
_pdbx_entry_details.sequence_details           ? 
_pdbx_entry_details.has_protein_modification   ? 
# 
_pdbx_struct_special_symmetry.id              1 
_pdbx_struct_special_symmetry.PDB_model_num   1 
_pdbx_struct_special_symmetry.auth_asym_id    A 
_pdbx_struct_special_symmetry.auth_comp_id    HOH 
_pdbx_struct_special_symmetry.auth_seq_id     201 
_pdbx_struct_special_symmetry.PDB_ins_code    ? 
_pdbx_struct_special_symmetry.label_asym_id   C 
_pdbx_struct_special_symmetry.label_comp_id   HOH 
_pdbx_struct_special_symmetry.label_seq_id    . 
# 
loop_
_space_group_symop.id 
_space_group_symop.operation_xyz 
1  x,y,z         
2  x-y,x,z+1/2   
3  y,-x+y,z+1/2  
4  -y,x-y,z      
5  -x+y,-x,z     
6  x-y,-y,-z     
7  -x,-x+y,-z    
8  -x,-y,z+1/2   
9  y,x,-z        
10 -y,-x,-z+1/2  
11 -x+y,y,-z+1/2 
12 x,x-y,-z+1/2  
# 
loop_
_pdbx_refine_tls.pdbx_refine_id 
_pdbx_refine_tls.id 
_pdbx_refine_tls.details 
_pdbx_refine_tls.method 
_pdbx_refine_tls.origin_x 
_pdbx_refine_tls.origin_y 
_pdbx_refine_tls.origin_z 
_pdbx_refine_tls.T[1][1] 
_pdbx_refine_tls.T[2][2] 
_pdbx_refine_tls.T[3][3] 
_pdbx_refine_tls.T[1][2] 
_pdbx_refine_tls.T[1][3] 
_pdbx_refine_tls.T[2][3] 
_pdbx_refine_tls.L[1][1] 
_pdbx_refine_tls.L[2][2] 
_pdbx_refine_tls.L[3][3] 
_pdbx_refine_tls.L[1][2] 
_pdbx_refine_tls.L[1][3] 
_pdbx_refine_tls.L[2][3] 
_pdbx_refine_tls.S[1][1] 
_pdbx_refine_tls.S[1][2] 
_pdbx_refine_tls.S[1][3] 
_pdbx_refine_tls.S[2][1] 
_pdbx_refine_tls.S[2][2] 
_pdbx_refine_tls.S[2][3] 
_pdbx_refine_tls.S[3][1] 
_pdbx_refine_tls.S[3][2] 
_pdbx_refine_tls.S[3][3] 
'X-RAY DIFFRACTION' 1 ? refined -3.0495 0.6820  -0.8539 0.8297 0.6061 1.5235 0.1735 0.0198  0.3452 1.5379 0.1519 2.7213  0.4720  2.0521  0.6241  0.0870  0.0668  1.4671 -0.3982 -0.4378 1.1060 -0.7386 -0.1507 0.5191 
'X-RAY DIFFRACTION' 2 ? refined 2.4646  0.9968  -4.1722 0.7466 0.5782 1.2180 0.1034 -0.0338 0.1898 8.7033 2.0264 14.0539 -4.0432 10.8269 -5.3498 -0.1411 1.0567  0.2206 -0.3777 -0.5313 0.7221 -0.4520 0.9887  0.6289 
'X-RAY DIFFRACTION' 3 ? refined 1.0579  -0.8834 2.3842  0.6806 0.6215 1.0637 0.0346 0.1156  0.2149 1.1488 7.3334 6.1788  -1.9319 1.3395  -1.6987 -0.0088 -0.1767 0.6117 0.5407  -0.0988 0.7966 -0.8582 -0.0932 0.1348 
# 
loop_
_pdbx_refine_tls_group.pdbx_refine_id 
_pdbx_refine_tls_group.id 
_pdbx_refine_tls_group.refine_tls_id 
_pdbx_refine_tls_group.beg_auth_asym_id 
_pdbx_refine_tls_group.beg_auth_seq_id 
_pdbx_refine_tls_group.beg_label_asym_id 
_pdbx_refine_tls_group.beg_label_seq_id 
_pdbx_refine_tls_group.end_auth_asym_id 
_pdbx_refine_tls_group.end_auth_seq_id 
_pdbx_refine_tls_group.end_label_asym_id 
_pdbx_refine_tls_group.end_label_seq_id 
_pdbx_refine_tls_group.selection 
_pdbx_refine_tls_group.selection_details 
'X-RAY DIFFRACTION' 1 1 ? ? ? ? ? ? ? ? ? 
;chain 'A' and (resid 1 through 10 )
;
'X-RAY DIFFRACTION' 2 2 ? ? ? ? ? ? ? ? ? 
;chain 'A' and (resid 11 through 18 )
;
'X-RAY DIFFRACTION' 3 3 ? ? ? ? ? ? ? ? ? 
;chain 'A' and (resid 19 through 33 )
;
# 
loop_
_chem_comp_atom.comp_id 
_chem_comp_atom.atom_id 
_chem_comp_atom.type_symbol 
_chem_comp_atom.pdbx_aromatic_flag 
_chem_comp_atom.pdbx_stereo_config 
_chem_comp_atom.pdbx_ordinal 
A     OP3    O N N 1   
A     P      P N N 2   
A     OP1    O N N 3   
A     OP2    O N N 4   
A     "O5'"  O N N 5   
A     "C5'"  C N N 6   
A     "C4'"  C N R 7   
A     "O4'"  O N N 8   
A     "C3'"  C N S 9   
A     "O3'"  O N N 10  
A     "C2'"  C N R 11  
A     "O2'"  O N N 12  
A     "C1'"  C N R 13  
A     N9     N Y N 14  
A     C8     C Y N 15  
A     N7     N Y N 16  
A     C5     C Y N 17  
A     C6     C Y N 18  
A     N6     N N N 19  
A     N1     N Y N 20  
A     C2     C Y N 21  
A     N3     N Y N 22  
A     C4     C Y N 23  
A     HOP3   H N N 24  
A     HOP2   H N N 25  
A     "H5'"  H N N 26  
A     "H5''" H N N 27  
A     "H4'"  H N N 28  
A     "H3'"  H N N 29  
A     "HO3'" H N N 30  
A     "H2'"  H N N 31  
A     "HO2'" H N N 32  
A     "H1'"  H N N 33  
A     H8     H N N 34  
A     H61    H N N 35  
A     H62    H N N 36  
A     H2     H N N 37  
A1LYL C10    C N N 38  
A1LYL N12    N N N 39  
A1LYL C13    C N N 40  
A1LYL C15    C Y N 41  
A1LYL C01    C N N 42  
A1LYL C02    C Y N 43  
A1LYL C03    C Y N 44  
A1LYL C04    C Y N 45  
A1LYL C05    C Y N 46  
A1LYL C06    C Y N 47  
A1LYL C07    C Y N 48  
A1LYL C08    C Y N 49  
A1LYL C11    C N N 50  
A1LYL C14    C N N 51  
A1LYL C16    C Y N 52  
A1LYL C18    C Y N 53  
A1LYL C19    C Y N 54  
A1LYL N17    N Y N 55  
A1LYL N20    N Y N 56  
A1LYL O09    O N N 57  
A1LYL H102   H N N 58  
A1LYL H101   H N N 59  
A1LYL H132   H N N 60  
A1LYL H131   H N N 61  
A1LYL H133   H N N 62  
A1LYL H151   H N N 63  
A1LYL H013   H N N 64  
A1LYL H011   H N N 65  
A1LYL H012   H N N 66  
A1LYL H061   H N N 67  
A1LYL H071   H N N 68  
A1LYL H112   H N N 69  
A1LYL H111   H N N 70  
A1LYL H141   H N N 71  
A1LYL H142   H N N 72  
A1LYL H143   H N N 73  
A1LYL H181   H N N 74  
A1LYL H191   H N N 75  
A1LYL H171   H N N 76  
C     OP3    O N N 77  
C     P      P N N 78  
C     OP1    O N N 79  
C     OP2    O N N 80  
C     "O5'"  O N N 81  
C     "C5'"  C N N 82  
C     "C4'"  C N R 83  
C     "O4'"  O N N 84  
C     "C3'"  C N S 85  
C     "O3'"  O N N 86  
C     "C2'"  C N R 87  
C     "O2'"  O N N 88  
C     "C1'"  C N R 89  
C     N1     N N N 90  
C     C2     C N N 91  
C     O2     O N N 92  
C     N3     N N N 93  
C     C4     C N N 94  
C     N4     N N N 95  
C     C5     C N N 96  
C     C6     C N N 97  
C     HOP3   H N N 98  
C     HOP2   H N N 99  
C     "H5'"  H N N 100 
C     "H5''" H N N 101 
C     "H4'"  H N N 102 
C     "H3'"  H N N 103 
C     "HO3'" H N N 104 
C     "H2'"  H N N 105 
C     "HO2'" H N N 106 
C     "H1'"  H N N 107 
C     H41    H N N 108 
C     H42    H N N 109 
C     H5     H N N 110 
C     H6     H N N 111 
G     OP3    O N N 112 
G     P      P N N 113 
G     OP1    O N N 114 
G     OP2    O N N 115 
G     "O5'"  O N N 116 
G     "C5'"  C N N 117 
G     "C4'"  C N R 118 
G     "O4'"  O N N 119 
G     "C3'"  C N S 120 
G     "O3'"  O N N 121 
G     "C2'"  C N R 122 
G     "O2'"  O N N 123 
G     "C1'"  C N R 124 
G     N9     N Y N 125 
G     C8     C Y N 126 
G     N7     N Y N 127 
G     C5     C Y N 128 
G     C6     C N N 129 
G     O6     O N N 130 
G     N1     N N N 131 
G     C2     C N N 132 
G     N2     N N N 133 
G     N3     N N N 134 
G     C4     C Y N 135 
G     HOP3   H N N 136 
G     HOP2   H N N 137 
G     "H5'"  H N N 138 
G     "H5''" H N N 139 
G     "H4'"  H N N 140 
G     "H3'"  H N N 141 
G     "HO3'" H N N 142 
G     "H2'"  H N N 143 
G     "HO2'" H N N 144 
G     "H1'"  H N N 145 
G     H8     H N N 146 
G     H1     H N N 147 
G     H21    H N N 148 
G     H22    H N N 149 
HOH   O      O N N 150 
HOH   H1     H N N 151 
HOH   H2     H N N 152 
U     OP3    O N N 153 
U     P      P N N 154 
U     OP1    O N N 155 
U     OP2    O N N 156 
U     "O5'"  O N N 157 
U     "C5'"  C N N 158 
U     "C4'"  C N R 159 
U     "O4'"  O N N 160 
U     "C3'"  C N S 161 
U     "O3'"  O N N 162 
U     "C2'"  C N R 163 
U     "O2'"  O N N 164 
U     "C1'"  C N R 165 
U     N1     N N N 166 
U     C2     C N N 167 
U     O2     O N N 168 
U     N3     N N N 169 
U     C4     C N N 170 
U     O4     O N N 171 
U     C5     C N N 172 
U     C6     C N N 173 
U     HOP3   H N N 174 
U     HOP2   H N N 175 
U     "H5'"  H N N 176 
U     "H5''" H N N 177 
U     "H4'"  H N N 178 
U     "H3'"  H N N 179 
U     "HO3'" H N N 180 
U     "H2'"  H N N 181 
U     "HO2'" H N N 182 
U     "H1'"  H N N 183 
U     H3     H N N 184 
U     H5     H N N 185 
U     H6     H N N 186 
# 
loop_
_chem_comp_bond.comp_id 
_chem_comp_bond.atom_id_1 
_chem_comp_bond.atom_id_2 
_chem_comp_bond.value_order 
_chem_comp_bond.pdbx_aromatic_flag 
_chem_comp_bond.pdbx_stereo_config 
_chem_comp_bond.pdbx_ordinal 
A     OP3   P      sing N N 1   
A     OP3   HOP3   sing N N 2   
A     P     OP1    doub N N 3   
A     P     OP2    sing N N 4   
A     P     "O5'"  sing N N 5   
A     OP2   HOP2   sing N N 6   
A     "O5'" "C5'"  sing N N 7   
A     "C5'" "C4'"  sing N N 8   
A     "C5'" "H5'"  sing N N 9   
A     "C5'" "H5''" sing N N 10  
A     "C4'" "O4'"  sing N N 11  
A     "C4'" "C3'"  sing N N 12  
A     "C4'" "H4'"  sing N N 13  
A     "O4'" "C1'"  sing N N 14  
A     "C3'" "O3'"  sing N N 15  
A     "C3'" "C2'"  sing N N 16  
A     "C3'" "H3'"  sing N N 17  
A     "O3'" "HO3'" sing N N 18  
A     "C2'" "O2'"  sing N N 19  
A     "C2'" "C1'"  sing N N 20  
A     "C2'" "H2'"  sing N N 21  
A     "O2'" "HO2'" sing N N 22  
A     "C1'" N9     sing N N 23  
A     "C1'" "H1'"  sing N N 24  
A     N9    C8     sing Y N 25  
A     N9    C4     sing Y N 26  
A     C8    N7     doub Y N 27  
A     C8    H8     sing N N 28  
A     N7    C5     sing Y N 29  
A     C5    C6     sing Y N 30  
A     C5    C4     doub Y N 31  
A     C6    N6     sing N N 32  
A     C6    N1     doub Y N 33  
A     N6    H61    sing N N 34  
A     N6    H62    sing N N 35  
A     N1    C2     sing Y N 36  
A     C2    N3     doub Y N 37  
A     C2    H2     sing N N 38  
A     N3    C4     sing Y N 39  
A1LYL C02   C01    sing N N 40  
A1LYL C03   C02    doub Y N 41  
A1LYL C04   C03    sing Y N 42  
A1LYL C07   C06    doub Y N 43  
A1LYL C08   C07    sing Y N 44  
A1LYL C10   O09    sing N N 45  
A1LYL C11   C10    sing N N 46  
A1LYL N12   C11    sing N N 47  
A1LYL C13   N12    sing N N 48  
A1LYL C14   N12    sing N N 49  
A1LYL O09   C08    sing N N 50  
A1LYL C15   C08    doub Y N 51  
A1LYL C06   C05    sing Y N 52  
A1LYL C16   C05    doub Y N 53  
A1LYL N17   C16    sing Y N 54  
A1LYL C05   C04    sing Y N 55  
A1LYL C18   C04    doub Y N 56  
A1LYL C19   C18    sing Y N 57  
A1LYL N20   C19    doub Y N 58  
A1LYL C02   N20    sing Y N 59  
A1LYL C03   N17    sing Y N 60  
A1LYL C15   C16    sing Y N 61  
A1LYL C10   H102   sing N N 62  
A1LYL C10   H101   sing N N 63  
A1LYL C13   H132   sing N N 64  
A1LYL C13   H131   sing N N 65  
A1LYL C13   H133   sing N N 66  
A1LYL C15   H151   sing N N 67  
A1LYL C01   H013   sing N N 68  
A1LYL C01   H011   sing N N 69  
A1LYL C01   H012   sing N N 70  
A1LYL C06   H061   sing N N 71  
A1LYL C07   H071   sing N N 72  
A1LYL C11   H112   sing N N 73  
A1LYL C11   H111   sing N N 74  
A1LYL C14   H141   sing N N 75  
A1LYL C14   H142   sing N N 76  
A1LYL C14   H143   sing N N 77  
A1LYL C18   H181   sing N N 78  
A1LYL C19   H191   sing N N 79  
A1LYL N17   H171   sing N N 80  
C     OP3   P      sing N N 81  
C     OP3   HOP3   sing N N 82  
C     P     OP1    doub N N 83  
C     P     OP2    sing N N 84  
C     P     "O5'"  sing N N 85  
C     OP2   HOP2   sing N N 86  
C     "O5'" "C5'"  sing N N 87  
C     "C5'" "C4'"  sing N N 88  
C     "C5'" "H5'"  sing N N 89  
C     "C5'" "H5''" sing N N 90  
C     "C4'" "O4'"  sing N N 91  
C     "C4'" "C3'"  sing N N 92  
C     "C4'" "H4'"  sing N N 93  
C     "O4'" "C1'"  sing N N 94  
C     "C3'" "O3'"  sing N N 95  
C     "C3'" "C2'"  sing N N 96  
C     "C3'" "H3'"  sing N N 97  
C     "O3'" "HO3'" sing N N 98  
C     "C2'" "O2'"  sing N N 99  
C     "C2'" "C1'"  sing N N 100 
C     "C2'" "H2'"  sing N N 101 
C     "O2'" "HO2'" sing N N 102 
C     "C1'" N1     sing N N 103 
C     "C1'" "H1'"  sing N N 104 
C     N1    C2     sing N N 105 
C     N1    C6     sing N N 106 
C     C2    O2     doub N N 107 
C     C2    N3     sing N N 108 
C     N3    C4     doub N N 109 
C     C4    N4     sing N N 110 
C     C4    C5     sing N N 111 
C     N4    H41    sing N N 112 
C     N4    H42    sing N N 113 
C     C5    C6     doub N N 114 
C     C5    H5     sing N N 115 
C     C6    H6     sing N N 116 
G     OP3   P      sing N N 117 
G     OP3   HOP3   sing N N 118 
G     P     OP1    doub N N 119 
G     P     OP2    sing N N 120 
G     P     "O5'"  sing N N 121 
G     OP2   HOP2   sing N N 122 
G     "O5'" "C5'"  sing N N 123 
G     "C5'" "C4'"  sing N N 124 
G     "C5'" "H5'"  sing N N 125 
G     "C5'" "H5''" sing N N 126 
G     "C4'" "O4'"  sing N N 127 
G     "C4'" "C3'"  sing N N 128 
G     "C4'" "H4'"  sing N N 129 
G     "O4'" "C1'"  sing N N 130 
G     "C3'" "O3'"  sing N N 131 
G     "C3'" "C2'"  sing N N 132 
G     "C3'" "H3'"  sing N N 133 
G     "O3'" "HO3'" sing N N 134 
G     "C2'" "O2'"  sing N N 135 
G     "C2'" "C1'"  sing N N 136 
G     "C2'" "H2'"  sing N N 137 
G     "O2'" "HO2'" sing N N 138 
G     "C1'" N9     sing N N 139 
G     "C1'" "H1'"  sing N N 140 
G     N9    C8     sing Y N 141 
G     N9    C4     sing Y N 142 
G     C8    N7     doub Y N 143 
G     C8    H8     sing N N 144 
G     N7    C5     sing Y N 145 
G     C5    C6     sing N N 146 
G     C5    C4     doub Y N 147 
G     C6    O6     doub N N 148 
G     C6    N1     sing N N 149 
G     N1    C2     sing N N 150 
G     N1    H1     sing N N 151 
G     C2    N2     sing N N 152 
G     C2    N3     doub N N 153 
G     N2    H21    sing N N 154 
G     N2    H22    sing N N 155 
G     N3    C4     sing N N 156 
HOH   O     H1     sing N N 157 
HOH   O     H2     sing N N 158 
U     OP3   P      sing N N 159 
U     OP3   HOP3   sing N N 160 
U     P     OP1    doub N N 161 
U     P     OP2    sing N N 162 
U     P     "O5'"  sing N N 163 
U     OP2   HOP2   sing N N 164 
U     "O5'" "C5'"  sing N N 165 
U     "C5'" "C4'"  sing N N 166 
U     "C5'" "H5'"  sing N N 167 
U     "C5'" "H5''" sing N N 168 
U     "C4'" "O4'"  sing N N 169 
U     "C4'" "C3'"  sing N N 170 
U     "C4'" "H4'"  sing N N 171 
U     "O4'" "C1'"  sing N N 172 
U     "C3'" "O3'"  sing N N 173 
U     "C3'" "C2'"  sing N N 174 
U     "C3'" "H3'"  sing N N 175 
U     "O3'" "HO3'" sing N N 176 
U     "C2'" "O2'"  sing N N 177 
U     "C2'" "C1'"  sing N N 178 
U     "C2'" "H2'"  sing N N 179 
U     "O2'" "HO2'" sing N N 180 
U     "C1'" N1     sing N N 181 
U     "C1'" "H1'"  sing N N 182 
U     N1    C2     sing N N 183 
U     N1    C6     sing N N 184 
U     C2    O2     doub N N 185 
U     C2    N3     sing N N 186 
U     N3    C4     sing N N 187 
U     N3    H3     sing N N 188 
U     C4    O4     doub N N 189 
U     C4    C5     sing N N 190 
U     C5    C6     doub N N 191 
U     C5    H5     sing N N 192 
U     C6    H6     sing N N 193 
# 
loop_
_ndb_struct_conf_na.entry_id 
_ndb_struct_conf_na.feature 
8YAN 'double helix'        
8YAN 'a-form double helix' 
8YAN 'quadruple helix'     
# 
loop_
_ndb_struct_na_base_pair.model_number 
_ndb_struct_na_base_pair.i_label_asym_id 
_ndb_struct_na_base_pair.i_label_comp_id 
_ndb_struct_na_base_pair.i_label_seq_id 
_ndb_struct_na_base_pair.i_symmetry 
_ndb_struct_na_base_pair.j_label_asym_id 
_ndb_struct_na_base_pair.j_label_comp_id 
_ndb_struct_na_base_pair.j_label_seq_id 
_ndb_struct_na_base_pair.j_symmetry 
_ndb_struct_na_base_pair.shear 
_ndb_struct_na_base_pair.stretch 
_ndb_struct_na_base_pair.stagger 
_ndb_struct_na_base_pair.buckle 
_ndb_struct_na_base_pair.propeller 
_ndb_struct_na_base_pair.opening 
_ndb_struct_na_base_pair.pair_number 
_ndb_struct_na_base_pair.pair_name 
_ndb_struct_na_base_pair.i_auth_asym_id 
_ndb_struct_na_base_pair.i_auth_seq_id 
_ndb_struct_na_base_pair.i_PDB_ins_code 
_ndb_struct_na_base_pair.j_auth_asym_id 
_ndb_struct_na_base_pair.j_auth_seq_id 
_ndb_struct_na_base_pair.j_PDB_ins_code 
_ndb_struct_na_base_pair.hbond_type_28 
_ndb_struct_na_base_pair.hbond_type_12 
1 A C 1  1_555 A G 20 1_555 -0.030 -0.213 -0.143 1.951   -12.305 -3.918  1  A_C1:G20_A  A 1  ? A 20 ? 19 1  
1 A U 2  1_555 A A 19 1_555 0.319  -0.282 0.171  -0.777  -21.175 -3.758  2  A_U2:A19_A  A 2  ? A 19 ? 20 1  
1 A G 3  1_555 A C 18 1_555 0.154  -0.058 0.057  -6.128  -10.034 -2.707  3  A_G3:C18_A  A 3  ? A 18 ? 19 1  
1 A G 4  1_555 A C 17 1_555 0.184  -0.028 0.219  -3.619  -14.421 -0.168  4  A_G4:C17_A  A 4  ? A 17 ? 19 1  
1 A G 5  1_555 A C 16 1_555 -0.141 0.066  0.087  -7.878  -15.510 0.921   5  A_G5:C16_A  A 5  ? A 16 ? 19 1  
1 A U 6  1_555 A A 28 1_555 -0.415 3.431  1.711  -28.693 -17.470 -70.655 6  A_U6:A28_A  A 6  ? A 28 ? 23 3  
1 A C 7  1_555 A A 29 1_555 4.662  -0.068 2.285  -20.414 18.468  -43.977 7  A_C7:A29_A  A 7  ? A 29 ? ?  ?  
1 A G 11 1_555 A C 30 1_555 -0.567 -0.172 0.341  -4.328  -24.276 1.187   8  A_G11:C30_A A 11 ? A 30 ? 19 1  
1 A G 8  1_555 A A 31 1_555 3.952  -4.244 -0.132 18.333  13.120  -65.755 9  A_G8:A31_A  A 8  ? A 31 ? 10 6  
1 A A 10 1_555 A A 32 1_555 6.475  -4.363 -0.304 8.820   -14.565 -22.769 10 A_A10:A32_A A 10 ? A 32 ? ?  10 
1 A C 9  1_555 A G 33 1_555 0.272  -0.098 -0.203 -2.365  -8.318  -3.570  11 A_C9:G33_A  A 9  ? A 33 ? 19 1  
# 
loop_
_ndb_struct_na_base_pair_step.model_number 
_ndb_struct_na_base_pair_step.i_label_asym_id_1 
_ndb_struct_na_base_pair_step.i_label_comp_id_1 
_ndb_struct_na_base_pair_step.i_label_seq_id_1 
_ndb_struct_na_base_pair_step.i_symmetry_1 
_ndb_struct_na_base_pair_step.j_label_asym_id_1 
_ndb_struct_na_base_pair_step.j_label_comp_id_1 
_ndb_struct_na_base_pair_step.j_label_seq_id_1 
_ndb_struct_na_base_pair_step.j_symmetry_1 
_ndb_struct_na_base_pair_step.i_label_asym_id_2 
_ndb_struct_na_base_pair_step.i_label_comp_id_2 
_ndb_struct_na_base_pair_step.i_label_seq_id_2 
_ndb_struct_na_base_pair_step.i_symmetry_2 
_ndb_struct_na_base_pair_step.j_label_asym_id_2 
_ndb_struct_na_base_pair_step.j_label_comp_id_2 
_ndb_struct_na_base_pair_step.j_label_seq_id_2 
_ndb_struct_na_base_pair_step.j_symmetry_2 
_ndb_struct_na_base_pair_step.shift 
_ndb_struct_na_base_pair_step.slide 
_ndb_struct_na_base_pair_step.rise 
_ndb_struct_na_base_pair_step.tilt 
_ndb_struct_na_base_pair_step.roll 
_ndb_struct_na_base_pair_step.twist 
_ndb_struct_na_base_pair_step.x_displacement 
_ndb_struct_na_base_pair_step.y_displacement 
_ndb_struct_na_base_pair_step.helical_rise 
_ndb_struct_na_base_pair_step.inclination 
_ndb_struct_na_base_pair_step.tip 
_ndb_struct_na_base_pair_step.helical_twist 
_ndb_struct_na_base_pair_step.step_number 
_ndb_struct_na_base_pair_step.step_name 
_ndb_struct_na_base_pair_step.i_auth_asym_id_1 
_ndb_struct_na_base_pair_step.i_auth_seq_id_1 
_ndb_struct_na_base_pair_step.i_PDB_ins_code_1 
_ndb_struct_na_base_pair_step.j_auth_asym_id_1 
_ndb_struct_na_base_pair_step.j_auth_seq_id_1 
_ndb_struct_na_base_pair_step.j_PDB_ins_code_1 
_ndb_struct_na_base_pair_step.i_auth_asym_id_2 
_ndb_struct_na_base_pair_step.i_auth_seq_id_2 
_ndb_struct_na_base_pair_step.i_PDB_ins_code_2 
_ndb_struct_na_base_pair_step.j_auth_asym_id_2 
_ndb_struct_na_base_pair_step.j_auth_seq_id_2 
_ndb_struct_na_base_pair_step.j_PDB_ins_code_2 
1 A C 1  1_555 A G 20 1_555 A U 2  1_555 A A 19 1_555 0.534  -1.485 3.221  -0.410   9.470   38.787   -3.196 -0.827 2.792  14.006  
0.607   39.885   1  AA_C1U2:A19G20_AA  A 1  ? A 20 ? A 2  ? A 19 ? 
1 A U 2  1_555 A A 19 1_555 A G 3  1_555 A C 18 1_555 -0.294 -1.670 3.338  0.533    7.607   30.912   -4.381 0.630  2.851  14.006  
-0.981  31.816   2  AA_U2G3:C18A19_AA  A 2  ? A 19 ? A 3  ? A 18 ? 
1 A G 3  1_555 A C 18 1_555 A G 4  1_555 A C 17 1_555 0.548  -1.552 3.144  1.103    5.007   29.923   -3.898 -0.841 2.870  9.608   
-2.117  30.350   3  AA_G3G4:C17C18_AA  A 3  ? A 18 ? A 4  ? A 17 ? 
1 A G 4  1_555 A C 17 1_555 A G 5  1_555 A C 16 1_555 0.477  -1.823 3.381  3.524    3.988   32.789   -3.865 -0.240 3.176  7.007   
-6.192  33.206   4  AA_G4G5:C16C17_AA  A 4  ? A 17 ? A 5  ? A 16 ? 
1 A G 5  1_555 A C 16 1_555 A U 6  1_555 A A 28 1_555 -6.782 -1.202 1.174  11.835   8.166   21.249   -2.196 14.555 -2.500 19.526  
-28.296 25.610   5  AA_G5U6:A28C16_AA  A 5  ? A 16 ? A 6  ? A 28 ? 
1 A U 6  1_555 A A 28 1_555 A C 7  1_555 A A 29 1_555 2.743  -1.574 3.873  0.234    -0.860  51.747   -1.734 -3.124 3.908  -0.986  
-0.268  51.754   6  AA_U6C7:A29A28_AA  A 6  ? A 28 ? A 7  ? A 29 ? 
1 A C 7  1_555 A A 29 1_555 A G 11 1_555 A C 30 1_555 0.776  -1.825 0.568  -149.363 -98.237 139.814  -0.853 -0.478 0.655  -49.139 
74.713  179.579  7  AA_C7G11:C30A29_AA A 7  ? A 29 ? A 11 ? A 30 ? 
1 A G 11 1_555 A C 30 1_555 A G 8  1_555 A A 31 1_555 -2.895 2.898  2.574  -164.386 -10.062 -117.196 -1.423 -1.921 0.798  5.099   
-83.301 -172.042 8  AA_G11G8:A31C30_AA A 11 ? A 30 ? A 8  ? A 31 ? 
1 A G 8  1_555 A A 31 1_555 A A 10 1_555 A A 32 1_555 -6.227 2.731  -1.561 150.553  39.659  -23.973  -1.743 -1.862 4.873  -22.274 
84.554  -156.227 9  AA_G8A10:A32A31_AA A 8  ? A 31 ? A 10 ? A 32 ? 
1 A A 10 1_555 A A 32 1_555 A C 9  1_555 A G 33 1_555 1.258  0.914  -3.373 1.156    -1.649  -58.511  -1.023 1.224  -3.371 1.687   
1.182   -58.543  10 AA_A10C9:G33A32_AA A 10 ? A 32 ? A 9  ? A 33 ? 
# 
loop_
_pdbx_audit_support.funding_organization 
_pdbx_audit_support.country 
_pdbx_audit_support.grant_number 
_pdbx_audit_support.ordinal 
'Japan Society for the Promotion of Science (JSPS)' Japan 20K21281 1 
'Japan Society for the Promotion of Science (JSPS)' Japan 20H02916 2 
# 
_pdbx_initial_refinement_model.id               1 
_pdbx_initial_refinement_model.entity_id_list   ? 
_pdbx_initial_refinement_model.type             'experimental model' 
_pdbx_initial_refinement_model.source_name      PDB 
_pdbx_initial_refinement_model.accession_code   6E1S 
_pdbx_initial_refinement_model.details          ? 
# 
_space_group.crystal_system   hexagonal 
_space_group.name_H-M_alt     'P 63 2 2' 
_space_group.IT_number        182 
_space_group.name_Hall        'P 6c 2c' 
_space_group.id               1 
# 
_atom_sites.entry_id                    8YAN 
_atom_sites.Cartn_transf_matrix[1][1]   ? 
_atom_sites.Cartn_transf_matrix[1][2]   ? 
_atom_sites.Cartn_transf_matrix[1][3]   ? 
_atom_sites.Cartn_transf_matrix[2][1]   ? 
_atom_sites.Cartn_transf_matrix[2][2]   ? 
_atom_sites.Cartn_transf_matrix[2][3]   ? 
_atom_sites.Cartn_transf_matrix[3][1]   ? 
_atom_sites.Cartn_transf_matrix[3][2]   ? 
_atom_sites.Cartn_transf_matrix[3][3]   ? 
_atom_sites.Cartn_transf_vector[1]      ? 
_atom_sites.Cartn_transf_vector[2]      ? 
_atom_sites.Cartn_transf_vector[3]      ? 
_atom_sites.Cartn_transform_axes        ? 
_atom_sites.fract_transf_matrix[1][1]   0.00113281 
_atom_sites.fract_transf_matrix[1][2]   -0.00811226 
_atom_sites.fract_transf_matrix[1][3]   -0.00559751 
_atom_sites.fract_transf_matrix[2][1]   0.00880201 
_atom_sites.fract_transf_matrix[2][2]   -0.00455955 
_atom_sites.fract_transf_matrix[2][3]   -0.00040177 
_atom_sites.fract_transf_matrix[3][1]   -0.00452015 
_atom_sites.fract_transf_matrix[3][2]   -0.00991101 
_atom_sites.fract_transf_matrix[3][3]   0.01344888 
_atom_sites.fract_transf_vector[1]      0.381442 
_atom_sites.fract_transf_vector[2]      -0.129668 
_atom_sites.fract_transf_vector[3]      -0.041952 
_atom_sites.solution_primary            ? 
_atom_sites.solution_secondary          ? 
_atom_sites.solution_hydrogens          ? 
_atom_sites.special_details             ? 
# 
loop_
_atom_type.symbol 
C 
N 
O 
P 
# 
loop_
_atom_site.group_PDB 
_atom_site.id 
_atom_site.type_symbol 
_atom_site.label_atom_id 
_atom_site.label_alt_id 
_atom_site.label_comp_id 
_atom_site.label_asym_id 
_atom_site.label_entity_id 
_atom_site.label_seq_id 
_atom_site.pdbx_PDB_ins_code 
_atom_site.Cartn_x 
_atom_site.Cartn_y 
_atom_site.Cartn_z 
_atom_site.occupancy 
_atom_site.B_iso_or_equiv 
_atom_site.pdbx_formal_charge 
_atom_site.auth_seq_id 
_atom_site.auth_comp_id 
_atom_site.auth_asym_id 
_atom_site.auth_atom_id 
_atom_site.pdbx_PDB_model_num 
ATOM   1   O "O5'" . C     A 1 1  ? 8.20533   -9.87497  -11.23049 1.000 97.34062  ? 1   C     A "O5'" 1 
ATOM   2   C "C5'" . C     A 1 1  ? 6.83400   -9.80625  -10.86605 1.000 96.25101  ? 1   C     A "C5'" 1 
ATOM   3   C "C4'" . C     A 1 1  ? 6.35316   -11.11198 -10.28609 1.000 85.37339  ? 1   C     A "C4'" 1 
ATOM   4   O "O4'" . C     A 1 1  ? 7.32396   -11.60489 -9.32701  1.000 85.10494  ? 1   C     A "O4'" 1 
ATOM   5   C "C3'" . C     A 1 1  ? 5.05345   -11.05112 -9.49801  1.000 88.54483  ? 1   C     A "C3'" 1 
ATOM   6   O "O3'" . C     A 1 1  ? 3.89838   -11.08074 -10.31728 1.000 83.46264  ? 1   C     A "O3'" 1 
ATOM   7   C "C2'" . C     A 1 1  ? 5.17060   -12.24940 -8.56838  1.000 86.47353  ? 1   C     A "C2'" 1 
ATOM   8   O "O2'" . C     A 1 1  ? 4.87482   -13.45103 -9.26377  1.000 91.62151  ? 1   C     A "O2'" 1 
ATOM   9   C "C1'" . C     A 1 1  ? 6.66398   -12.23625 -8.24979  1.000 77.91987  ? 1   C     A "C1'" 1 
ATOM   10  N N1    . C     A 1 1  ? 6.96848   -11.48568 -7.01009  1.000 76.01964  ? 1   C     A N1    1 
ATOM   11  C C2    . C     A 1 1  ? 6.70159   -12.07504 -5.77367  1.000 81.68085  ? 1   C     A C2    1 
ATOM   12  O O2    . C     A 1 1  ? 6.20923   -13.21357 -5.73839  1.000 92.26106  ? 1   C     A O2    1 
ATOM   13  N N3    . C     A 1 1  ? 6.98586   -11.39094 -4.64251  1.000 75.60380  ? 1   C     A N3    1 
ATOM   14  C C4    . C     A 1 1  ? 7.51513   -10.16930 -4.71353  1.000 69.88996  ? 1   C     A C4    1 
ATOM   15  N N4    . C     A 1 1  ? 7.77954   -9.53567  -3.56833  1.000 72.06127  ? 1   C     A N4    1 
ATOM   16  C C5    . C     A 1 1  ? 7.79940   -9.54122  -5.95932  1.000 76.56181  ? 1   C     A C5    1 
ATOM   17  C C6    . C     A 1 1  ? 7.51232   -10.23031 -7.07065  1.000 73.79043  ? 1   C     A C6    1 
ATOM   18  P P     . U     A 1 2  ? 2.57521   -10.29358 -9.86534  1.000 92.35318  ? 2   U     A P     1 
ATOM   19  O OP1   . U     A 1 2  ? 1.53270   -10.51349 -10.89896 1.000 98.36969  ? 2   U     A OP1   1 
ATOM   20  O OP2   . U     A 1 2  ? 2.97186   -8.91251  -9.49024  1.000 94.10865  ? 2   U     A OP2   1 
ATOM   21  O "O5'" . U     A 1 2  ? 2.10907   -11.04264 -8.53946  1.000 98.55129  ? 2   U     A "O5'" 1 
ATOM   22  C "C5'" . U     A 1 2  ? 1.56389   -12.35154 -8.59216  1.000 92.26106  ? 2   U     A "C5'" 1 
ATOM   23  C "C4'" . U     A 1 2  ? 1.31244   -12.90206 -7.21125  1.000 79.56743  ? 2   U     A "C4'" 1 
ATOM   24  O "O4'" . U     A 1 2  ? 2.55415   -12.92787 -6.45776  1.000 81.52293  ? 2   U     A "O4'" 1 
ATOM   25  C "C3'" . U     A 1 2  ? 0.37314   -12.09729 -6.32776  1.000 84.97071  ? 2   U     A "C3'" 1 
ATOM   26  O "O3'" . U     A 1 2  ? -0.99596  -12.31238 -6.61956  1.000 91.89523  ? 2   U     A "O3'" 1 
ATOM   27  C "C2'" . U     A 1 2  ? 0.77830   -12.54139 -4.93087  1.000 91.67152  ? 2   U     A "C2'" 1 
ATOM   28  O "O2'" . U     A 1 2  ? 0.25101   -13.82844 -4.64229  1.000 87.28415  ? 2   U     A "O2'" 1 
ATOM   29  C "C1'" . U     A 1 2  ? 2.29217   -12.67265 -5.09273  1.000 84.37327  ? 2   U     A "C1'" 1 
ATOM   30  N N1    . U     A 1 2  ? 3.00110   -11.43509 -4.69270  1.000 81.80191  ? 2   U     A N1    1 
ATOM   31  C C2    . U     A 1 2  ? 3.19745   -11.23175 -3.34055  1.000 79.66745  ? 2   U     A C2    1 
ATOM   32  O O2    . U     A 1 2  ? 2.81703   -12.01306 -2.48707  1.000 76.06438  ? 2   U     A O2    1 
ATOM   33  N N3    . U     A 1 2  ? 3.85884   -10.07484 -3.01722  1.000 78.09884  ? 2   U     A N3    1 
ATOM   34  C C4    . U     A 1 2  ? 4.33362   -9.11860  -3.88765  1.000 77.26979  ? 2   U     A C4    1 
ATOM   35  O O4    . U     A 1 2  ? 4.90975   -8.13182  -3.42752  1.000 69.99260  ? 2   U     A O4    1 
ATOM   36  C C5    . U     A 1 2  ? 4.09142   -9.39437  -5.27385  1.000 74.13257  ? 2   U     A C5    1 
ATOM   37  C C6    . U     A 1 2  ? 3.44745   -10.51798 -5.61826  1.000 80.72284  ? 2   U     A C6    1 
ATOM   38  P P     . G     A 1 3  ? -2.05542  -11.12332 -6.40823  1.000 94.24551  ? 3   G     A P     1 
ATOM   39  O OP1   . G     A 1 3  ? -3.35607  -11.57487 -6.96195  1.000 97.22481  ? 3   G     A OP1   1 
ATOM   40  O OP2   . G     A 1 3  ? -1.44338  -9.85800  -6.89023  1.000 92.19526  ? 3   G     A OP2   1 
ATOM   41  O "O5'" . G     A 1 3  ? -2.21360  -11.02638 -4.82512  1.000 92.90588  ? 3   G     A "O5'" 1 
ATOM   42  C "C5'" . G     A 1 3  ? -2.83969  -12.07068 -4.09745  1.000 92.38739  ? 3   G     A "C5'" 1 
ATOM   43  C "C4'" . G     A 1 3  ? -2.76152  -11.84416 -2.60965  1.000 82.85730  ? 3   G     A "C4'" 1 
ATOM   44  O "O4'" . G     A 1 3  ? -1.37392  -11.84948 -2.17680  1.000 80.91496  ? 3   G     A "O4'" 1 
ATOM   45  C "C3'" . G     A 1 3  ? -3.28631  -10.51543 -2.09767  1.000 81.80981  ? 3   G     A "C3'" 1 
ATOM   46  O "O3'" . G     A 1 3  ? -4.69750  -10.45065 -2.01849  1.000 90.71877  ? 3   G     A "O3'" 1 
ATOM   47  C "C2'" . G     A 1 3  ? -2.59118  -10.39747 -0.75147  1.000 80.84390  ? 3   G     A "C2'" 1 
ATOM   48  O "O2'" . G     A 1 3  ? -3.20164  -11.25519 0.20131   1.000 86.13138  ? 3   G     A "O2'" 1 
ATOM   49  C "C1'" . G     A 1 3  ? -1.21269  -10.95959 -1.08848  1.000 82.63886  ? 3   G     A "C1'" 1 
ATOM   50  N N9    . G     A 1 3  ? -0.28009  -9.88625  -1.48067  1.000 81.98878  ? 3   G     A N9    1 
ATOM   51  C C8    . G     A 1 3  ? 0.08358   -9.51798  -2.75484  1.000 73.09824  ? 3   G     A C8    1 
ATOM   52  N N7    . G     A 1 3  ? 0.92309   -8.51794  -2.77422  1.000 71.26907  ? 3   G     A N7    1 
ATOM   53  C C5    . G     A 1 3  ? 1.12026   -8.20537  -1.43395  1.000 79.28582  ? 3   G     A C5    1 
ATOM   54  C C6    . G     A 1 3  ? 1.92646   -7.20726  -0.82766  1.000 76.94344  ? 3   G     A C6    1 
ATOM   55  O O6    . G     A 1 3  ? 2.65516   -6.36884  -1.36628  1.000 71.60595  ? 3   G     A O6    1 
ATOM   56  N N1    . G     A 1 3  ? 1.83123   -7.23701  0.55971   1.000 68.05553  ? 3   G     A N1    1 
ATOM   57  C C2    . G     A 1 3  ? 1.05737   -8.11091  1.27707   1.000 71.18748  ? 3   G     A C2    1 
ATOM   58  N N2    . G     A 1 3  ? 1.10418   -7.97280  2.61196   1.000 65.84474  ? 3   G     A N2    1 
ATOM   59  N N3    . G     A 1 3  ? 0.30127   -9.04980  0.72610   1.000 77.32769  ? 3   G     A N3    1 
ATOM   60  C C4    . G     A 1 3  ? 0.38108   -9.03797  -0.62303  1.000 76.73552  ? 3   G     A C4    1 
ATOM   61  P P     . G     A 1 4  ? -5.44245  -9.05234  -2.27947  1.000 94.16392  ? 4   G     A P     1 
ATOM   62  O OP1   . G     A 1 4  ? -6.90254  -9.31483  -2.27389  1.000 110.64221 ? 4   G     A OP1   1 
ATOM   63  O OP2   . G     A 1 4  ? -4.81570  -8.40844  -3.46157  1.000 98.60656  ? 4   G     A OP2   1 
ATOM   64  O "O5'" . G     A 1 4  ? -5.08593  -8.17241  -0.99773  1.000 97.61960  ? 4   G     A "O5'" 1 
ATOM   65  C "C5'" . G     A 1 4  ? -5.61734  -8.50756  0.27535   1.000 88.95803  ? 4   G     A "C5'" 1 
ATOM   66  C "C4'" . G     A 1 4  ? -4.83981  -7.88333  1.40978   1.000 84.59435  ? 4   G     A "C4'" 1 
ATOM   67  O "O4'" . G     A 1 4  ? -3.41386  -8.11218  1.24425   1.000 80.85706  ? 4   G     A "O4'" 1 
ATOM   68  C "C3'" . G     A 1 4  ? -4.93518  -6.37686  1.55878   1.000 85.29181  ? 4   G     A "C3'" 1 
ATOM   69  O "O3'" . G     A 1 4  ? -6.15146  -5.93299  2.12439   1.000 92.01103  ? 4   G     A "O3'" 1 
ATOM   70  C "C2'" . G     A 1 4  ? -3.71212  -6.07076  2.40904   1.000 86.99727  ? 4   G     A "C2'" 1 
ATOM   71  O "O2'" . G     A 1 4  ? -3.92874  -6.45761  3.75755   1.000 86.80514  ? 4   G     A "O2'" 1 
ATOM   72  C "C1'" . G     A 1 4  ? -2.69266  -7.02520  1.79481   1.000 81.71769  ? 4   G     A "C1'" 1 
ATOM   73  N N9    . G     A 1 4  ? -1.93741  -6.35600  0.72088   1.000 81.45977  ? 4   G     A N9    1 
ATOM   74  C C8    . G     A 1 4  ? -2.06639  -6.52246  -0.63550  1.000 82.72308  ? 4   G     A C8    1 
ATOM   75  N N7    . G     A 1 4  ? -1.26030  -5.76076  -1.32433  1.000 86.54459  ? 4   G     A N7    1 
ATOM   76  C C5    . G     A 1 4  ? -0.56109  -5.04185  -0.36264  1.000 84.54698  ? 4   G     A C5    1 
ATOM   77  C C6    . G     A 1 4  ? 0.45152   -4.05838  -0.50077  1.000 81.72822  ? 4   G     A C6    1 
ATOM   78  O O6    . G     A 1 4  ? 0.95171   -3.60828  -1.54006  1.000 92.21369  ? 4   G     A O6    1 
ATOM   79  N N1    . G     A 1 4  ? 0.88229   -3.58837  0.73805   1.000 77.11714  ? 4   G     A N1    1 
ATOM   80  C C2    . G     A 1 4  ? 0.40137   -4.01040  1.95507   1.000 78.37255  ? 4   G     A C2    1 
ATOM   81  N N2    . G     A 1 4  ? 0.93991   -3.43867  3.04256   1.000 73.31142  ? 4   G     A N2    1 
ATOM   82  N N3    . G     A 1 4  ? -0.54123  -4.92640  2.09568   1.000 82.34935  ? 4   G     A N3    1 
ATOM   83  C C4    . G     A 1 4  ? -0.97253  -5.39517  0.90520   1.000 82.21512  ? 4   G     A C4    1 
ATOM   84  P P     . G     A 1 5  ? -6.76032  -4.51617  1.67184   1.000 95.16141  ? 5   G     A P     1 
ATOM   85  O OP1   . G     A 1 5  ? -8.12906  -4.40312  2.23197   1.000 101.77010 ? 5   G     A OP1   1 
ATOM   86  O OP2   . G     A 1 5  ? -6.54413  -4.37683  0.20900   1.000 96.15890  ? 5   G     A OP2   1 
ATOM   87  O "O5'" . G     A 1 5  ? -5.82890  -3.44573  2.39798   1.000 97.64065  ? 5   G     A "O5'" 1 
ATOM   88  C "C5'" . G     A 1 5  ? -5.72119  -3.41476  3.81337   1.000 84.01007  ? 5   G     A "C5'" 1 
ATOM   89  C "C4'" . G     A 1 5  ? -4.61362  -2.50076  4.27237   1.000 80.79653  ? 5   G     A "C4'" 1 
ATOM   90  O "O4'" . G     A 1 5  ? -3.35159  -2.91087  3.68396   1.000 82.48884  ? 5   G     A "O4'" 1 
ATOM   91  C "C3'" . G     A 1 5  ? -4.73809  -1.04136  3.87373   1.000 89.78708  ? 5   G     A "C3'" 1 
ATOM   92  O "O3'" . G     A 1 5  ? -5.63621  -0.31667  4.69146   1.000 94.49554  ? 5   G     A "O3'" 1 
ATOM   93  C "C2'" . G     A 1 5  ? -3.29863  -0.55306  3.96456   1.000 86.23139  ? 5   G     A "C2'" 1 
ATOM   94  O "O2'" . G     A 1 5  ? -2.92704  -0.32691  5.31650   1.000 92.23737  ? 5   G     A "O2'" 1 
ATOM   95  C "C1'" . G     A 1 5  ? -2.53994  -1.77628  3.45324   1.000 77.67773  ? 5   G     A "C1'" 1 
ATOM   96  N N9    . G     A 1 5  ? -2.25331  -1.67882  2.00894   1.000 84.68910  ? 5   G     A N9    1 
ATOM   97  C C8    . G     A 1 5  ? -2.91184  -2.30674  0.97999   1.000 86.34456  ? 5   G     A C8    1 
ATOM   98  N N7    . G     A 1 5  ? -2.41880  -2.01524  -0.19402  1.000 86.17086  ? 5   G     A N7    1 
ATOM   99  C C5    . G     A 1 5  ? -1.37305  -1.14308  0.07696   1.000 82.58359  ? 5   G     A C5    1 
ATOM   100 C C6    . G     A 1 5  ? -0.46525  -0.49266  -0.79996  1.000 83.55212  ? 5   G     A C6    1 
ATOM   101 O O6    . G     A 1 5  ? -0.40221  -0.55599  -2.03382  1.000 90.15555  ? 5   G     A O6    1 
ATOM   102 N N1    . G     A 1 5  ? 0.43591   0.30636   -0.10128  1.000 80.38332  ? 5   G     A N1    1 
ATOM   103 C C2    . G     A 1 5  ? 0.46684   0.45464   1.26408   1.000 77.46192  ? 5   G     A C2    1 
ATOM   104 N N2    . G     A 1 5  ? 1.41570   1.26904   1.74690   1.000 75.42746  ? 5   G     A N2    1 
ATOM   105 N N3    . G     A 1 5  ? -0.37162  -0.14683  2.09228   1.000 78.10673  ? 5   G     A N3    1 
ATOM   106 C C4    . G     A 1 5  ? -1.25843  -0.92379  1.43270   1.000 81.15447  ? 5   G     A C4    1 
ATOM   107 P P     . U     A 1 6  ? -6.31768  1.02159   4.13216   1.000 101.39374 ? 6   U     A P     1 
ATOM   108 O OP1   . U     A 1 6  ? -7.79009  0.83838   4.15343   1.000 101.04369 ? 6   U     A OP1   1 
ATOM   109 O OP2   . U     A 1 6  ? -5.64324  1.35283   2.85151   1.000 101.68588 ? 6   U     A OP2   1 
ATOM   110 O "O5'" . U     A 1 6  ? -5.92324  2.12771   5.20856   1.000 105.66267 ? 6   U     A "O5'" 1 
ATOM   111 C "C5'" . U     A 1 6  ? -6.14075  1.90137   6.59269   1.000 101.56481 ? 6   U     A "C5'" 1 
ATOM   112 C "C4'" . U     A 1 6  ? -5.19714  2.71218   7.44559   1.000 98.85659  ? 6   U     A "C4'" 1 
ATOM   113 O "O4'" . U     A 1 6  ? -3.82849  2.29445   7.20525   1.000 97.28008  ? 6   U     A "O4'" 1 
ATOM   114 C "C3'" . U     A 1 6  ? -5.17006  4.20682   7.17662   1.000 108.39458 ? 6   U     A "C3'" 1 
ATOM   115 O "O3'" . U     A 1 6  ? -6.25169  4.90903   7.76039   1.000 113.07935 ? 6   U     A "O3'" 1 
ATOM   116 C "C2'" . U     A 1 6  ? -3.80837  4.60936   7.72246   1.000 108.99991 ? 6   U     A "C2'" 1 
ATOM   117 O "O2'" . U     A 1 6  ? -3.83503  4.67443   9.14098   1.000 114.69007 ? 6   U     A "O2'" 1 
ATOM   118 C "C1'" . U     A 1 6  ? -2.96243  3.40631   7.31323   1.000 99.38297  ? 6   U     A "C1'" 1 
ATOM   119 N N1    . U     A 1 6  ? -2.29902  3.62275   6.00733   1.000 97.21429  ? 6   U     A N1    1 
ATOM   120 C C2    . U     A 1 6  ? -1.19728  4.45565   5.97479   1.000 99.65405  ? 6   U     A C2    1 
ATOM   121 O O2    . U     A 1 6  ? -0.75362  5.00939   6.96565   1.000 100.78577 ? 6   U     A O2    1 
ATOM   122 N N3    . U     A 1 6  ? -0.62784  4.61770   4.73363   1.000 94.62187  ? 6   U     A N3    1 
ATOM   123 C C4    . U     A 1 6  ? -1.04072  4.04260   3.54820   1.000 92.01103  ? 6   U     A C4    1 
ATOM   124 O O4    . U     A 1 6  ? -0.42335  4.28386   2.50764   1.000 90.22134  ? 6   U     A O4    1 
ATOM   125 C C5    . U     A 1 6  ? -2.18760  3.19568   3.66462   1.000 91.57940  ? 6   U     A C5    1 
ATOM   126 C C6    . U     A 1 6  ? -2.76127  3.02078   4.86015   1.000 98.17756  ? 6   U     A C6    1 
ATOM   127 P P     . C     A 1 7  ? -7.12824  5.91143   6.86228   1.000 118.26155 ? 7   C     A P     1 
ATOM   128 O OP1   . C     A 1 7  ? -8.07534  6.63083   7.75359   1.000 116.49818 ? 7   C     A OP1   1 
ATOM   129 O OP2   . C     A 1 7  ? -7.65398  5.13518   5.70945   1.000 109.71315 ? 7   C     A OP2   1 
ATOM   130 O "O5'" . C     A 1 7  ? -6.06586  6.96259   6.30561   1.000 123.23583 ? 7   C     A "O5'" 1 
ATOM   131 C "C5'" . C     A 1 7  ? -5.30607  7.77702   7.18948   1.000 120.89344 ? 7   C     A "C5'" 1 
ATOM   132 C "C4'" . C     A 1 7  ? -4.12610  8.40833   6.49160   1.000 112.25030 ? 7   C     A "C4'" 1 
ATOM   133 O "O4'" . C     A 1 7  ? -3.31398  7.38379   5.85897   1.000 103.76507 ? 7   C     A "O4'" 1 
ATOM   134 C "C3'" . C     A 1 7  ? -4.45750  9.36348   5.35584   1.000 115.78230 ? 7   C     A "C3'" 1 
ATOM   135 O "O3'" . C     A 1 7  ? -4.82232  10.65399  5.80591   1.000 117.37986 ? 7   C     A "O3'" 1 
ATOM   136 C "C2'" . C     A 1 7  ? -3.18338  9.34410   4.52410   1.000 113.00565 ? 7   C     A "C2'" 1 
ATOM   137 O "O2'" . C     A 1 7  ? -2.18211  10.15621  5.11936   1.000 111.56338 ? 7   C     A "O2'" 1 
ATOM   138 C "C1'" . C     A 1 7  ? -2.76219  7.88055   4.65521   1.000 101.06475 ? 7   C     A "C1'" 1 
ATOM   139 N N1    . C     A 1 7  ? -3.26124  7.05778   3.52855   1.000 103.92825 ? 7   C     A N1    1 
ATOM   140 C C2    . C     A 1 7  ? -2.63541  7.15317   2.27910   1.000 100.44625 ? 7   C     A C2    1 
ATOM   141 O O2    . C     A 1 7  ? -1.67376  7.92333   2.13651   1.000 98.30652  ? 7   C     A O2    1 
ATOM   142 N N3    . C     A 1 7  ? -3.09433  6.40140   1.25041   1.000 93.09800  ? 7   C     A N3    1 
ATOM   143 C C4    . C     A 1 7  ? -4.13185  5.58171   1.42880   1.000 94.72715  ? 7   C     A C4    1 
ATOM   144 N N4    . C     A 1 7  ? -4.54786  4.86197   0.38409   1.000 91.10303  ? 7   C     A N4    1 
ATOM   145 C C5    . C     A 1 7  ? -4.78795  5.46394   2.68891   1.000 99.82513  ? 7   C     A C5    1 
ATOM   146 C C6    . C     A 1 7  ? -4.32410  6.21169   3.69827   1.000 105.23893 ? 7   C     A C6    1 
ATOM   147 P P     . G     A 1 8  ? -6.17944  11.33112  5.28127   1.000 124.76496 ? 8   G     A P     1 
ATOM   148 O OP1   . G     A 1 8  ? -6.30887  12.65517  5.93942   1.000 117.40092 ? 8   G     A OP1   1 
ATOM   149 O OP2   . G     A 1 8  ? -7.26878  10.32889  5.40811   1.000 128.40487 ? 8   G     A OP2   1 
ATOM   150 O "O5'" . G     A 1 8  ? -5.91746  11.56475  3.72701   1.000 127.92060 ? 8   G     A "O5'" 1 
ATOM   151 C "C5'" . G     A 1 8  ? -4.84348  12.38005  3.28610   1.000 121.43561 ? 8   G     A "C5'" 1 
ATOM   152 C "C4'" . G     A 1 8  ? -4.66298  12.30763  1.79034   1.000 117.38776 ? 8   G     A "C4'" 1 
ATOM   153 O "O4'" . G     A 1 8  ? -4.16907  10.99754  1.40268   1.000 103.75981 ? 8   G     A "O4'" 1 
ATOM   154 C "C3'" . G     A 1 8  ? -5.91604  12.48689  0.94793   1.000 113.89787 ? 8   G     A "C3'" 1 
ATOM   155 O "O3'" . G     A 1 8  ? -6.31069  13.84238  0.82202   1.000 127.68636 ? 8   G     A "O3'" 1 
ATOM   156 C "C2'" . G     A 1 8  ? -5.51244  11.84173  -0.37117  1.000 111.50811 ? 8   G     A "C2'" 1 
ATOM   157 O "O2'" . G     A 1 8  ? -4.68730  12.71776  -1.12506  1.000 109.45786 ? 8   G     A "O2'" 1 
ATOM   158 C "C1'" . G     A 1 8  ? -4.65889  10.66342  0.11804   1.000 108.27614 ? 8   G     A "C1'" 1 
ATOM   159 N N9    . G     A 1 8  ? -5.45698  9.42565   0.21165   1.000 105.69162 ? 8   G     A N9    1 
ATOM   160 C C8    . G     A 1 8  ? -6.09674  8.92420   1.31932   1.000 103.66243 ? 8   G     A C8    1 
ATOM   161 N N7    . G     A 1 8  ? -6.74723  7.81798   1.07948   1.000 109.03149 ? 8   G     A N7    1 
ATOM   162 C C5    . G     A 1 8  ? -6.53138  7.57691   -0.27132  1.000 103.79929 ? 8   G     A C5    1 
ATOM   163 C C6    . G     A 1 8  ? -6.98942  6.51994   -1.10124  1.000 102.70968 ? 8   G     A C6    1 
ATOM   164 O O6    . G     A 1 8  ? -7.69927  5.55364   -0.79723  1.000 108.60776 ? 8   G     A O6    1 
ATOM   165 N N1    . G     A 1 8  ? -6.53777  6.66496   -2.40870  1.000 96.30892  ? 8   G     A N1    1 
ATOM   166 C C2    . G     A 1 8  ? -5.74536  7.69275   -2.86100  1.000 98.06702  ? 8   G     A C2    1 
ATOM   167 N N2    . G     A 1 8  ? -5.41194  7.65658   -4.15897  1.000 100.34887 ? 8   G     A N2    1 
ATOM   168 N N3    . G     A 1 8  ? -5.31148  8.68293   -2.09871  1.000 99.71196  ? 8   G     A N3    1 
ATOM   169 C C4    . G     A 1 8  ? -5.74110  8.56362   -0.82282  1.000 100.21991 ? 8   G     A C4    1 
ATOM   170 P P     . C     A 1 9  ? -7.84855  14.26899  1.03262   1.000 130.99465 ? 9   C     A P     1 
ATOM   171 O OP1   . C     A 1 9  ? -7.92539  15.73740  0.83423   1.000 122.20149 ? 9   C     A OP1   1 
ATOM   172 O OP2   . C     A 1 9  ? -8.34832  13.66947  2.29525   1.000 131.83949 ? 9   C     A OP2   1 
ATOM   173 O "O5'" . C     A 1 9  ? -8.61388  13.57274  -0.17781  1.000 131.63420 ? 9   C     A "O5'" 1 
ATOM   174 C "C5'" . C     A 1 9  ? -10.03117 13.59620  -0.25724  1.000 119.42221 ? 9   C     A "C5'" 1 
ATOM   175 C "C4'" . C     A 1 9  ? -10.49805 13.48882  -1.68622  1.000 120.30390 ? 9   C     A "C4'" 1 
ATOM   176 O "O4'" . C     A 1 9  ? -10.14686 14.69999  -2.40390  1.000 123.65693 ? 9   C     A "O4'" 1 
ATOM   177 C "C3'" . C     A 1 9  ? -9.86856  12.37902  -2.51256  1.000 125.43609 ? 9   C     A "C3'" 1 
ATOM   178 O "O3'" . C     A 1 9  ? -10.46015 11.11073  -2.28969  1.000 113.57678 ? 9   C     A "O3'" 1 
ATOM   179 C "C2'" . C     A 1 9  ? -10.03728 12.89038  -3.93743  1.000 121.68038 ? 9   C     A "C2'" 1 
ATOM   180 O "O2'" . C     A 1 9  ? -11.36550 12.67948  -4.39385  1.000 120.19862 ? 9   C     A "O2'" 1 
ATOM   181 C "C1'" . C     A 1 9  ? -9.82939  14.39107  -3.74609  1.000 122.77261 ? 9   C     A "C1'" 1 
ATOM   182 N N1    . C     A 1 9  ? -8.43468  14.81614  -4.01675  1.000 122.18570 ? 9   C     A N1    1 
ATOM   183 C C2    . C     A 1 9  ? -7.96914  14.87171  -5.33784  1.000 122.37783 ? 9   C     A C2    1 
ATOM   184 O O2    . C     A 1 9  ? -8.72405  14.54719  -6.26697  1.000 129.34972 ? 9   C     A O2    1 
ATOM   185 N N3    . C     A 1 9  ? -6.70071  15.27234  -5.57886  1.000 122.08569 ? 9   C     A N3    1 
ATOM   186 C C4    . C     A 1 9  ? -5.90581  15.61665  -4.56637  1.000 121.55142 ? 9   C     A C4    1 
ATOM   187 N N4    . C     A 1 9  ? -4.66267  16.00533  -4.85559  1.000 121.39350 ? 9   C     A N4    1 
ATOM   188 C C5    . C     A 1 9  ? -6.35038  15.57713  -3.21483  1.000 121.25928 ? 9   C     A C5    1 
ATOM   189 C C6    . C     A 1 9  ? -7.60843  15.17823  -2.98834  1.000 121.64090 ? 9   C     A C6    1 
ATOM   190 P P     . A     A 1 10 ? -9.53419  9.80777   -2.13309  1.000 110.44482 ? 10  A     A P     1 
ATOM   191 O OP1   . A     A 1 10 ? -10.40320 8.64476   -1.82420  1.000 122.71471 ? 10  A     A OP1   1 
ATOM   192 O OP2   . A     A 1 10 ? -8.43130  10.15774  -1.20337  1.000 107.54184 ? 10  A     A OP2   1 
ATOM   193 O "O5'" . A     A 1 10 ? -8.92364  9.59158   -3.58899  1.000 109.50260 ? 10  A     A "O5'" 1 
ATOM   194 C "C5'" . A     A 1 10 ? -9.76757  9.45279   -4.72387  1.000 108.86832 ? 10  A     A "C5'" 1 
ATOM   195 C "C4'" . A     A 1 10 ? -9.01184  9.69742   -6.00628  1.000 109.05518 ? 10  A     A "C4'" 1 
ATOM   196 O "O4'" . A     A 1 10 ? -8.45485  11.03510  -5.99662  1.000 112.03185 ? 10  A     A "O4'" 1 
ATOM   197 C "C3'" . A     A 1 10 ? -7.81339  8.79234   -6.24731  1.000 106.38381 ? 10  A     A "C3'" 1 
ATOM   198 O "O3'" . A     A 1 10 ? -8.18812  7.55638   -6.82595  1.000 111.10806 ? 10  A     A "O3'" 1 
ATOM   199 C "C2'" . A     A 1 10 ? -6.92044  9.63216   -7.15436  1.000 109.57366 ? 10  A     A "C2'" 1 
ATOM   200 O "O2'" . A     A 1 10 ? -7.34351  9.53946   -8.50633  1.000 118.81688 ? 10  A     A "O2'" 1 
ATOM   201 C "C1'" . A     A 1 10 ? -7.20589  11.04729  -6.65142  1.000 110.82118 ? 10  A     A "C1'" 1 
ATOM   202 N N9    . A     A 1 10 ? -6.18507  11.53099  -5.70349  1.000 110.41324 ? 10  A     A N9    1 
ATOM   203 C C8    . A     A 1 10 ? -6.22620  11.50689  -4.33110  1.000 109.64736 ? 10  A     A C8    1 
ATOM   204 N N7    . A     A 1 10 ? -5.16610  12.03045  -3.76527  1.000 109.49734 ? 10  A     A N7    1 
ATOM   205 C C5    . A     A 1 10 ? -4.37803  12.42985  -4.83653  1.000 110.31059 ? 10  A     A C5    1 
ATOM   206 C C6    . A     A 1 10 ? -3.12253  13.05840  -4.91007  1.000 111.44757 ? 10  A     A C6    1 
ATOM   207 N N6    . A     A 1 10 ? -2.40518  13.40459  -3.83991  1.000 111.27387 ? 10  A     A N6    1 
ATOM   208 N N1    . A     A 1 10 ? -2.61778  13.31616  -6.13590  1.000 115.29277 ? 10  A     A N1    1 
ATOM   209 C C2    . A     A 1 10 ? -3.33386  12.96407  -7.20999  1.000 113.98735 ? 10  A     A C2    1 
ATOM   210 N N3    . A     A 1 10 ? -4.52502  12.37364  -7.27075  1.000 113.91103 ? 10  A     A N3    1 
ATOM   211 C C4    . A     A 1 10 ? -4.99611  12.13005  -6.03603  1.000 110.90277 ? 10  A     A C4    1 
ATOM   212 P P     . G     A 1 11 ? -7.75565  6.17424   -6.13689  1.000 94.52712  ? 11  G     A P     1 
ATOM   213 O OP1   . G     A 1 11 ? -8.40329  5.07353   -6.89548  1.000 100.61733 ? 11  G     A OP1   1 
ATOM   214 O OP2   . G     A 1 11 ? -7.96421  6.29513   -4.67017  1.000 100.78840 ? 11  G     A OP2   1 
ATOM   215 O "O5'" . G     A 1 11 ? -6.19088  6.08585   -6.41092  1.000 94.92717  ? 11  G     A "O5'" 1 
ATOM   216 C "C5'" . G     A 1 11 ? -5.68001  6.12939   -7.73851  1.000 88.36059  ? 11  G     A "C5'" 1 
ATOM   217 C "C4'" . G     A 1 11 ? -4.44579  5.27668   -7.88902  1.000 85.87082  ? 11  G     A "C4'" 1 
ATOM   218 O "O4'" . G     A 1 11 ? -3.46691  5.67507   -6.89195  1.000 87.32100  ? 11  G     A "O4'" 1 
ATOM   219 C "C3'" . G     A 1 11 ? -4.66152  3.77737   -7.69978  1.000 85.68659  ? 11  G     A "C3'" 1 
ATOM   220 O "O3'" . G     A 1 11 ? -3.75870  3.07080   -8.54632  1.000 95.54830  ? 11  G     A "O3'" 1 
ATOM   221 C "C2'" . G     A 1 11 ? -4.26662  3.56058   -6.24304  1.000 84.30484  ? 11  G     A "C2'" 1 
ATOM   222 O "O2'" . G     A 1 11 ? -3.85380  2.24602   -5.93674  1.000 90.86879  ? 11  G     A "O2'" 1 
ATOM   223 C "C1'" . G     A 1 11 ? -3.12845  4.56610   -6.07822  1.000 87.82369  ? 11  G     A "C1'" 1 
ATOM   224 N N9    . G     A 1 11 ? -2.97255  5.05979   -4.70971  1.000 84.97598  ? 11  G     A N9    1 
ATOM   225 C C8    . G     A 1 11 ? -3.79122  4.80763   -3.63417  1.000 83.72846  ? 11  G     A C8    1 
ATOM   226 N N7    . G     A 1 11 ? -3.39511  5.40196   -2.54059  1.000 84.40222  ? 11  G     A N7    1 
ATOM   227 C C5    . G     A 1 11 ? -2.24967  6.08876   -2.92090  1.000 82.85467  ? 11  G     A C5    1 
ATOM   228 C C6    . G     A 1 11 ? -1.37910  6.91281   -2.16387  1.000 84.88649  ? 11  G     A C6    1 
ATOM   229 O O6    . G     A 1 11 ? -1.44900  7.21192   -0.96576  1.000 84.34169  ? 11  G     A O6    1 
ATOM   230 N N1    . G     A 1 11 ? -0.33856  7.41069   -2.94516  1.000 95.51408  ? 11  G     A N1    1 
ATOM   231 C C2    . G     A 1 11 ? -0.15553  7.15065   -4.28107  1.000 91.23725  ? 11  G     A C2    1 
ATOM   232 N N2    . G     A 1 11 ? 0.91107   7.72236   -4.86022  1.000 83.26788  ? 11  G     A N2    1 
ATOM   233 N N3    . G     A 1 11 ? -0.96093  6.38354   -4.99741  1.000 94.24551  ? 11  G     A N3    1 
ATOM   234 C C4    . G     A 1 11 ? -1.97683  5.88896   -4.25688  1.000 87.94212  ? 11  G     A C4    1 
ATOM   235 P P     . U     A 1 12 ? -3.76768  3.33668   -10.13057 1.000 118.62475 ? 12  U     A P     1 
ATOM   236 O OP1   . U     A 1 12 ? -2.66916  4.28267   -10.45533 1.000 121.32507 ? 12  U     A OP1   1 
ATOM   237 O OP2   . U     A 1 12 ? -5.16410  3.63653   -10.54366 1.000 127.61267 ? 12  U     A OP2   1 
ATOM   238 O "O5'" . U     A 1 12 ? -3.38205  1.92730   -10.75133 1.000 113.62152 ? 12  U     A "O5'" 1 
ATOM   239 C "C5'" . U     A 1 12 ? -3.91201  0.72567   -10.20638 1.000 102.92023 ? 12  U     A "C5'" 1 
ATOM   240 C "C4'" . U     A 1 12 ? -3.77447  -0.41824  -11.17559 1.000 101.63061 ? 12  U     A "C4'" 1 
ATOM   241 O "O4'" . U     A 1 12 ? -4.81544  -0.31543  -12.18321 1.000 95.95361  ? 12  U     A "O4'" 1 
ATOM   242 C "C3'" . U     A 1 12 ? -2.44709  -0.46777  -11.93058 1.000 101.52007 ? 12  U     A "C3'" 1 
ATOM   243 O "O3'" . U     A 1 12 ? -2.05966  -1.82576  -12.13195 1.000 109.35522 ? 12  U     A "O3'" 1 
ATOM   244 C "C2'" . U     A 1 12 ? -2.79545  0.17034   -13.27223 1.000 101.55165 ? 12  U     A "C2'" 1 
ATOM   245 O "O2'" . U     A 1 12 ? -1.96178  -0.22137  -14.34237 1.000 111.91868 ? 12  U     A "O2'" 1 
ATOM   246 C "C1'" . U     A 1 12 ? -4.23469  -0.29725  -13.46997 1.000 93.36646  ? 12  U     A "C1'" 1 
ATOM   247 N N1    . U     A 1 12 ? -5.04119  0.58800   -14.31892 1.000 83.96007  ? 12  U     A N1    1 
ATOM   248 C C2    . U     A 1 12 ? -5.46115  0.09116   -15.53527 1.000 91.04513  ? 12  U     A C2    1 
ATOM   249 O O2    . U     A 1 12 ? -5.18645  -1.03590  -15.91319 1.000 97.95911  ? 12  U     A O2    1 
ATOM   250 N N3    . U     A 1 12 ? -6.20809  0.96310   -16.28649 1.000 84.88123  ? 12  U     A N3    1 
ATOM   251 C C4    . U     A 1 12 ? -6.56895  2.25166   -15.94977 1.000 85.30496  ? 12  U     A C4    1 
ATOM   252 O O4    . U     A 1 12 ? -7.24867  2.91482   -16.73574 1.000 95.62726  ? 12  U     A O4    1 
ATOM   253 C C5    . U     A 1 12 ? -6.09512  2.69051   -14.67311 1.000 81.09920  ? 12  U     A C5    1 
ATOM   254 C C6    . U     A 1 12 ? -5.36617  1.86182   -13.91794 1.000 80.25699  ? 12  U     A C6    1 
ATOM   255 P P     . N     A 1 13 ? -1.24736  -2.61260  -10.98848 1.000 122.06464 ? 13  N     A P     1 
ATOM   256 O OP1   . N     A 1 13 ? -1.69035  -4.05617  -11.02757 1.000 130.27088 ? 13  N     A OP1   1 
ATOM   257 O OP2   . N     A 1 13 ? -1.35205  -1.84306  -9.69345  1.000 110.05530 ? 13  N     A OP2   1 
ATOM   258 O "O5'" . N     A 1 13 ? 0.27095   -2.54609  -11.47025 1.000 139.02720 ? 13  N     A "O5'" 1 
ATOM   259 C "C5'" . N     A 1 13 ? 1.03478   -1.35611  -11.32748 1.000 143.61459 ? 13  N     A "C5'" 1 
ATOM   260 C "C4'" . N     A 1 13 ? 2.51569   -1.64832  -11.29860 1.000 153.12625 ? 13  N     A "C4'" 1 
ATOM   261 O "O4'" . N     A 1 13 ? 3.25821   -0.40375  -11.20511 1.000 151.42605 ? 13  N     A "O4'" 1 
ATOM   262 C "C3'" . N     A 1 13 ? 3.01443   -2.47145  -10.11868 1.000 152.88675 ? 13  N     A "C3'" 1 
ATOM   263 O "O3'" . N     A 1 13 ? 2.82724   -3.86599  -10.29561 1.000 153.26838 ? 13  N     A "O3'" 1 
ATOM   264 C "C2'" . N     A 1 13 ? 4.47787   -2.06159  -10.01969 1.000 150.00220 ? 13  N     A "C2'" 1 
ATOM   265 O "O2'" . N     A 1 13 ? 5.25413   -2.73293  -11.00120 1.000 149.62320 ? 13  N     A "O2'" 1 
ATOM   266 C "C1'" . N     A 1 13 ? 4.39829   -0.58111  -10.39027 1.000 150.22854 ? 13  N     A "C1'" 1 
ATOM   267 O "O3'" . N     A 1 14 ? 8.38282   -0.83367  -11.10188 1.000 220.57381 ? 14  N     A "O3'" 1 
ATOM   268 P P     . N     A 1 15 ? 8.17537   0.50413   -10.23462 1.000 221.06335 ? 15  N     A P     1 
ATOM   269 O OP1   . N     A 1 15 ? 7.35026   1.46432   -11.05776 1.000 225.66916 ? 15  N     A OP1   1 
ATOM   270 O OP2   . N     A 1 15 ? 9.52668   0.93263   -9.71691  1.000 221.68447 ? 15  N     A OP2   1 
ATOM   271 O "O5'" . N     A 1 15 ? 7.28112   0.03132   -9.00221  1.000 213.82564 ? 15  N     A "O5'" 1 
ATOM   272 C "C5'" . N     A 1 15 ? 7.34875   0.68872   -7.74605  1.000 206.88007 ? 15  N     A "C5'" 1 
ATOM   273 C "C4'" . N     A 1 15 ? 7.24978   2.18627   -7.89567  1.000 204.33239 ? 15  N     A "C4'" 1 
ATOM   274 O "O4'" . N     A 1 15 ? 6.00248   2.54072   -8.55041  1.000 205.48253 ? 15  N     A "O4'" 1 
ATOM   275 C "C3'" . N     A 1 15 ? 7.22957   2.98645   -6.60371  1.000 190.72287 ? 15  N     A "C3'" 1 
ATOM   276 O "O3'" . N     A 1 15 ? 8.51945   3.18449   -6.05127  1.000 171.00208 ? 15  N     A "O3'" 1 
ATOM   277 C "C2'" . N     A 1 15 ? 6.54647   4.27923   -7.02849  1.000 198.36326 ? 15  N     A "C2'" 1 
ATOM   278 O "O2'" . N     A 1 15 ? 7.45191   5.12054   -7.72821  1.000 202.84537 ? 15  N     A "O2'" 1 
ATOM   279 C "C1'" . N     A 1 15 ? 5.51036   3.75480   -8.02186  1.000 201.90579 ? 15  N     A "C1'" 1 
ATOM   280 P P     . C     A 1 16 ? 8.95699   2.39539   -4.72142  1.000 135.31886 ? 16  C     A P     1 
ATOM   281 O OP1   . C     A 1 16 ? 10.37901  2.72282   -4.44616  1.000 141.83543 ? 16  C     A OP1   1 
ATOM   282 O OP2   . C     A 1 16 ? 8.53816   0.97624   -4.85407  1.000 120.56182 ? 16  C     A OP2   1 
ATOM   283 O "O5'" . C     A 1 16 ? 8.07080   3.05062   -3.56996  1.000 116.17972 ? 16  C     A "O5'" 1 
ATOM   284 C "C5'" . C     A 1 16 ? 8.53498   4.17852   -2.84271  1.000 101.01211 ? 16  C     A "C5'" 1 
ATOM   285 C "C4'" . C     A 1 16 ? 7.72131   4.39928   -1.59198  1.000 90.64508  ? 16  C     A "C4'" 1 
ATOM   286 O "O4'" . C     A 1 16 ? 6.33821   4.65673   -1.94819  1.000 94.39553  ? 16  C     A "O4'" 1 
ATOM   287 C "C3'" . C     A 1 16 ? 7.64014   3.22044   -0.63491  1.000 83.67582  ? 16  C     A "C3'" 1 
ATOM   288 O "O3'" . C     A 1 16 ? 8.77773   3.11057   0.19924   1.000 84.88386  ? 16  C     A "O3'" 1 
ATOM   289 C "C2'" . C     A 1 16 ? 6.34907   3.49863   0.12321   1.000 82.93363  ? 16  C     A "C2'" 1 
ATOM   290 O "O2'" . C     A 1 16 ? 6.55451   4.50499   1.10504   1.000 88.51851  ? 16  C     A "O2'" 1 
ATOM   291 C "C1'" . C     A 1 16 ? 5.47623   4.08919   -0.98321  1.000 81.59136  ? 16  C     A "C1'" 1 
ATOM   292 N N1    . C     A 1 16 ? 4.62649   3.07335   -1.65065  1.000 86.07348  ? 16  C     A N1    1 
ATOM   293 C C2    . C     A 1 16 ? 3.50803   2.53408   -0.99555  1.000 80.00696  ? 16  C     A C2    1 
ATOM   294 O O2    . C     A 1 16 ? 3.22899   2.89679   0.15856   1.000 75.46694  ? 16  C     A O2    1 
ATOM   295 N N3    . C     A 1 16 ? 2.74040   1.62033   -1.63996  1.000 65.47627  ? 16  C     A N3    1 
ATOM   296 C C4    . C     A 1 16 ? 3.04780   1.23515   -2.88088  1.000 70.31106  ? 16  C     A C4    1 
ATOM   297 N N4    . C     A 1 16 ? 2.26278   0.33136   -3.47617  1.000 68.23976  ? 16  C     A N4    1 
ATOM   298 C C5    . C     A 1 16 ? 4.17342   1.76739   -3.57093  1.000 81.72559  ? 16  C     A C5    1 
ATOM   299 C C6    . C     A 1 16 ? 4.91930   2.67394   -2.92627  1.000 84.07061  ? 16  C     A C6    1 
ATOM   300 P P     . C     A 1 17 ? 9.23619   1.67353   0.74720   1.000 90.85826  ? 17  C     A P     1 
ATOM   301 O OP1   . C     A 1 17 ? 10.53128  1.84866   1.45180   1.000 90.99249  ? 17  C     A OP1   1 
ATOM   302 O OP2   . C     A 1 17 ? 9.12002   0.69410   -0.36237  1.000 85.63922  ? 17  C     A OP2   1 
ATOM   303 O "O5'" . C     A 1 17 ? 8.13120   1.30954   1.83198   1.000 89.97921  ? 17  C     A "O5'" 1 
ATOM   304 C "C5'" . C     A 1 17 ? 8.01991   2.04800   3.03883   1.000 84.28116  ? 17  C     A "C5'" 1 
ATOM   305 C "C4'" . C     A 1 17 ? 6.94097   1.47989   3.92405   1.000 80.48597  ? 17  C     A "C4'" 1 
ATOM   306 O "O4'" . C     A 1 17 ? 5.65323   1.62346   3.27017   1.000 78.51731  ? 17  C     A "O4'" 1 
ATOM   307 C "C3'" . C     A 1 17 ? 7.04031   -0.00947  4.21108   1.000 84.15746  ? 17  C     A "C3'" 1 
ATOM   308 O "O3'" . C     A 1 17 ? 7.96479   -0.32132  5.23654   1.000 86.41299  ? 17  C     A "O3'" 1 
ATOM   309 C "C2'" . C     A 1 17 ? 5.60079   -0.37631  4.54304   1.000 84.90755  ? 17  C     A "C2'" 1 
ATOM   310 O "O2'" . C     A 1 17 ? 5.27086   0.03912   5.86045   1.000 91.02407  ? 17  C     A "O2'" 1 
ATOM   311 C "C1'" . C     A 1 17 ? 4.83597   0.50954   3.56314   1.000 77.59615  ? 17  C     A "C1'" 1 
ATOM   312 N N1    . C     A 1 17 ? 4.51915   -0.19070  2.29718   1.000 71.77440  ? 17  C     A N1    1 
ATOM   313 C C2    . C     A 1 17 ? 3.43303   -1.06943  2.25358   1.000 79.32004  ? 17  C     A C2    1 
ATOM   314 O O2    . C     A 1 17 ? 2.75936   -1.25258  3.27816   1.000 87.54471  ? 17  C     A O2    1 
ATOM   315 N N3    . C     A 1 17 ? 3.14115   -1.70264  1.09431   1.000 79.19107  ? 17  C     A N3    1 
ATOM   316 C C4    . C     A 1 17 ? 3.88644   -1.48679  0.00852   1.000 71.09273  ? 17  C     A C4    1 
ATOM   317 N N4    . C     A 1 17 ? 3.56290   -2.13441  -1.11281  1.000 75.45378  ? 17  C     A N4    1 
ATOM   318 C C5    . C     A 1 17 ? 4.99994   -0.60062  0.02434   1.000 69.16619  ? 17  C     A C5    1 
ATOM   319 C C6    . C     A 1 17 ? 5.27302   0.02301   1.17667   1.000 73.66146  ? 17  C     A C6    1 
ATOM   320 P P     . C     A 1 18 ? 8.75991   -1.71615  5.19910   1.000 86.87094  ? 18  C     A P     1 
ATOM   321 O OP1   . C     A 1 18 ? 9.84922   -1.66019  6.20486   1.000 92.97167  ? 18  C     A OP1   1 
ATOM   322 O OP2   . C     A 1 18 ? 9.08375   -2.03043  3.78561   1.000 90.55823  ? 18  C     A OP2   1 
ATOM   323 O "O5'" . C     A 1 18 ? 7.68522   -2.77158  5.70731   1.000 97.65908  ? 18  C     A "O5'" 1 
ATOM   324 C "C5'" . C     A 1 18 ? 6.99824   -2.57164  6.93251   1.000 91.90576  ? 18  C     A "C5'" 1 
ATOM   325 C "C4'" . C     A 1 18 ? 5.88113   -3.56586  7.10095   1.000 83.04154  ? 18  C     A "C4'" 1 
ATOM   326 O "O4'" . C     A 1 18 ? 4.79505   -3.26025  6.18644   1.000 82.60727  ? 18  C     A "O4'" 1 
ATOM   327 C "C3'" . C     A 1 18 ? 6.23120   -5.00476  6.77721   1.000 81.68874  ? 18  C     A "C3'" 1 
ATOM   328 O "O3'" . C     A 1 18 ? 6.94661   -5.64317  7.81733   1.000 91.73995  ? 18  C     A "O3'" 1 
ATOM   329 C "C2'" . C     A 1 18 ? 4.86605   -5.61488  6.48646   1.000 77.36980  ? 18  C     A "C2'" 1 
ATOM   330 O "O2'" . C     A 1 18 ? 4.16117   -5.86344  7.69299   1.000 79.82273  ? 18  C     A "O2'" 1 
ATOM   331 C "C1'" . C     A 1 18 ? 4.17445   -4.45796  5.76310   1.000 77.88302  ? 18  C     A "C1'" 1 
ATOM   332 N N1    . C     A 1 18 ? 4.29612   -4.56545  4.28992   1.000 73.75621  ? 18  C     A N1    1 
ATOM   333 C C2    . C     A 1 18 ? 3.40387   -5.38652  3.59215   1.000 81.64137  ? 18  C     A C2    1 
ATOM   334 O O2    . C     A 1 18 ? 2.53097   -6.00628  4.21899   1.000 86.17349  ? 18  C     A O2    1 
ATOM   335 N N3    . C     A 1 18 ? 3.51172   -5.48844  2.24710   1.000 80.00170  ? 18  C     A N3    1 
ATOM   336 C C4    . C     A 1 18 ? 4.46071   -4.81124  1.59808   1.000 75.56169  ? 18  C     A C4    1 
ATOM   337 N N4    . C     A 1 18 ? 4.52705   -4.94258  0.27017   1.000 70.79796  ? 18  C     A N4    1 
ATOM   338 C C5    . C     A 1 18 ? 5.38375   -3.96858  2.28094   1.000 72.08759  ? 18  C     A C5    1 
ATOM   339 C C6    . C     A 1 18 ? 5.26489   -3.87792  3.61140   1.000 75.70908  ? 18  C     A C6    1 
ATOM   340 P P     . A     A 1 19 ? 7.66133   -7.05574  7.55320   1.000 83.12049  ? 19  A     A P     1 
ATOM   341 O OP1   . A     A 1 19 ? 8.73487   -7.22856  8.56264   1.000 88.02898  ? 19  A     A OP1   1 
ATOM   342 O OP2   . A     A 1 19 ? 8.00494   -7.16199  6.11306   1.000 78.41730  ? 19  A     A OP2   1 
ATOM   343 O "O5'" . A     A 1 19 ? 6.50904   -8.10313  7.87524   1.000 87.27889  ? 19  A     A "O5'" 1 
ATOM   344 C "C5'" . A     A 1 19 ? 6.55878   -9.41960  7.36062   1.000 82.94942  ? 19  A     A "C5'" 1 
ATOM   345 C "C4'" . A     A 1 19 ? 5.20724   -9.86396  6.86974   1.000 78.26202  ? 19  A     A "C4'" 1 
ATOM   346 O "O4'" . A     A 1 19 ? 4.64976   -8.85851  5.98847   1.000 81.78612  ? 19  A     A "O4'" 1 
ATOM   347 C "C3'" . A     A 1 19 ? 5.21270   -11.13370 6.04009   1.000 74.04835  ? 19  A     A "C3'" 1 
ATOM   348 O "O3'" . A     A 1 19 ? 5.19602   -12.29619 6.84172   1.000 77.39612  ? 19  A     A "O3'" 1 
ATOM   349 C "C2'" . A     A 1 19 ? 3.97312   -10.98275 5.17235   1.000 64.99200  ? 19  A     A "C2'" 1 
ATOM   350 O "O2'" . A     A 1 19 ? 2.80690   -11.34201 5.89902   1.000 66.67905  ? 19  A     A "O2'" 1 
ATOM   351 C "C1'" . A     A 1 19 ? 3.94254   -9.47389  4.93566   1.000 68.60296  ? 19  A     A "C1'" 1 
ATOM   352 N N9    . A     A 1 19 ? 4.56699   -9.07190  3.65817   1.000 62.99176  ? 19  A     A N9    1 
ATOM   353 C C8    . A     A 1 19 ? 5.59714   -8.17804  3.51395   1.000 59.40712  ? 19  A     A C8    1 
ATOM   354 N N7    . A     A 1 19 ? 5.95532   -7.97334  2.27182   1.000 63.15231  ? 19  A     A N7    1 
ATOM   355 C C5    . A     A 1 19 ? 5.09660   -8.78117  1.54102   1.000 61.99428  ? 19  A     A C5    1 
ATOM   356 C C6    . A     A 1 19 ? 4.96854   -9.00652  0.15699   1.000 64.56564  ? 19  A     A C6    1 
ATOM   357 N N6    . A     A 1 19 ? 5.73814   -8.41477  -0.76071  1.000 67.48704  ? 19  A     A N6    1 
ATOM   358 N N1    . A     A 1 19 ? 4.01336   -9.86728  -0.25917  1.000 63.02071  ? 19  A     A N1    1 
ATOM   359 C C2    . A     A 1 19 ? 3.24815   -10.45785 0.66732   1.000 74.94056  ? 19  A     A C2    1 
ATOM   360 N N3    . A     A 1 19 ? 3.26896   -10.32346 1.99331   1.000 75.31429  ? 19  A     A N3    1 
ATOM   361 C C4    . A     A 1 19 ? 4.22917   -9.46107  2.37761   1.000 62.79437  ? 19  A     A C4    1 
ATOM   362 P P     . G     A 1 20 ? 6.11821   -13.54539 6.45372   1.000 71.68228  ? 20  G     A P     1 
ATOM   363 O OP1   . G     A 1 20 ? 6.09791   -14.50491 7.58903   1.000 82.06510  ? 20  G     A OP1   1 
ATOM   364 O OP2   . G     A 1 20 ? 7.40698   -13.01218 5.94404   1.000 67.22122  ? 20  G     A OP2   1 
ATOM   365 O "O5'" . G     A 1 20 ? 5.35428   -14.20691 5.22559   1.000 64.23928  ? 20  G     A "O5'" 1 
ATOM   366 C "C5'" . G     A 1 20 ? 4.01032   -14.66293 5.35409   1.000 68.94248  ? 20  G     A "C5'" 1 
ATOM   367 C "C4'" . G     A 1 20 ? 3.52270   -15.29338 4.07315   1.000 70.26632  ? 20  G     A "C4'" 1 
ATOM   368 O "O4'" . G     A 1 20 ? 3.65889   -14.32636 2.99648   1.000 71.24802  ? 20  G     A "O4'" 1 
ATOM   369 C "C3'" . G     A 1 20 ? 4.30254   -16.52741 3.62917   1.000 67.62653  ? 20  G     A "C3'" 1 
ATOM   370 O "O3'" . G     A 1 20 ? 3.43885   -17.38290 2.88603   1.000 75.73540  ? 20  G     A "O3'" 1 
ATOM   371 C "C2'" . G     A 1 20 ? 5.34494   -15.93585 2.68977   1.000 66.95540  ? 20  G     A "C2'" 1 
ATOM   372 O "O2'" . G     A 1 20 ? 5.87850   -16.85390 1.75887   1.000 74.85898  ? 20  G     A "O2'" 1 
ATOM   373 C "C1'" . G     A 1 20 ? 4.54148   -14.82903 2.01028   1.000 62.70752  ? 20  G     A "C1'" 1 
ATOM   374 N N9    . G     A 1 20 ? 5.34799   -13.70984 1.52070   1.000 62.52329  ? 20  G     A N9    1 
ATOM   375 C C8    . G     A 1 20 ? 6.02596   -12.78544 2.27794   1.000 64.27086  ? 20  G     A C8    1 
ATOM   376 N N7    . G     A 1 20 ? 6.64865   -11.89422 1.55857   1.000 66.35269  ? 20  G     A N7    1 
ATOM   377 C C5    . G     A 1 20 ? 6.35499   -12.24561 0.24864   1.000 64.86567  ? 20  G     A C5    1 
ATOM   378 C C6    . G     A 1 20 ? 6.75038   -11.64447 -0.97324  1.000 67.98447  ? 20  G     A C6    1 
ATOM   379 O O6    . G     A 1 20 ? 7.46213   -10.64683 -1.14670  1.000 64.13401  ? 20  G     A O6    1 
ATOM   380 N N1    . G     A 1 20 ? 6.22727   -12.32496 -2.06876  1.000 65.08938  ? 20  G     A N1    1 
ATOM   381 C C2    . G     A 1 20 ? 5.42973   -13.44011 -1.99656  1.000 68.55032  ? 20  G     A C2    1 
ATOM   382 N N2    . G     A 1 20 ? 5.02530   -13.95229 -3.16753  1.000 67.67654  ? 20  G     A N2    1 
ATOM   383 N N3    . G     A 1 20 ? 5.05331   -14.00975 -0.86479  1.000 66.42112  ? 20  G     A N3    1 
ATOM   384 C C4    . G     A 1 20 ? 5.54681   -13.36059 0.20928   1.000 64.57616  ? 20  G     A C4    1 
ATOM   385 P P     . U     A 1 21 ? 2.88726   -18.74417 3.53384   1.000 73.52987  ? 21  U     A P     1 
ATOM   386 O OP1   . U     A 1 21 ? 2.68582   -18.52557 4.98617   1.000 74.69317  ? 21  U     A OP1   1 
ATOM   387 O OP2   . U     A 1 21 ? 3.75501   -19.85461 3.07022   1.000 79.15423  ? 21  U     A OP2   1 
ATOM   388 O "O5'" . U     A 1 21 ? 1.45887   -18.92863 2.85476   1.000 78.99631  ? 21  U     A "O5'" 1 
ATOM   389 C "C5'" . U     A 1 21 ? 0.41434   -17.98838 3.08079   1.000 71.76913  ? 21  U     A "C5'" 1 
ATOM   390 C "C4'" . U     A 1 21 ? -0.68565  -18.12648 2.05724   1.000 78.55416  ? 21  U     A "C4'" 1 
ATOM   391 O "O4'" . U     A 1 21 ? -0.32737  -17.38173 0.86182   1.000 84.51013  ? 21  U     A "O4'" 1 
ATOM   392 C "C3'" . U     A 1 21 ? -0.97510  -19.55457 1.60117   1.000 78.38571  ? 21  U     A "C3'" 1 
ATOM   393 O "O3'" . U     A 1 21 ? -2.37088  -19.69817 1.34537   1.000 83.27841  ? 21  U     A "O3'" 1 
ATOM   394 C "C2'" . U     A 1 21 ? -0.19902  -19.65542 0.28976   1.000 80.47281  ? 21  U     A "C2'" 1 
ATOM   395 O "O2'" . U     A 1 21 ? -0.69684  -20.61940 -0.61497  1.000 86.59196  ? 21  U     A "O2'" 1 
ATOM   396 C "C1'" . U     A 1 21 ? -0.33802  -18.24110 -0.26151  1.000 79.85168  ? 21  U     A "C1'" 1 
ATOM   397 N N1    . U     A 1 21 ? 0.76167   -17.83309 -1.14706  1.000 79.75167  ? 21  U     A N1    1 
ATOM   398 C C2    . U     A 1 21 ? 0.50685   -17.73576 -2.50060  1.000 81.06761  ? 21  U     A C2    1 
ATOM   399 O O2    . U     A 1 21 ? -0.58245  -17.98095 -2.98821  1.000 91.60572  ? 21  U     A O2    1 
ATOM   400 N N3    . U     A 1 21 ? 1.57780   -17.33977 -3.26183  1.000 80.92286  ? 21  U     A N3    1 
ATOM   401 C C4    . U     A 1 21 ? 2.84767   -17.03843 -2.81370  1.000 82.68097  ? 21  U     A C4    1 
ATOM   402 O O4    . U     A 1 21 ? 3.70912   -16.69665 -3.62352  1.000 86.91568  ? 21  U     A O4    1 
ATOM   403 C C5    . U     A 1 21 ? 3.02950   -17.16230 -1.40001  1.000 76.93291  ? 21  U     A C5    1 
ATOM   404 C C6    . U     A 1 21 ? 2.00405   -17.54267 -0.63386  1.000 75.26692  ? 21  U     A C6    1 
ATOM   405 P P     . U     A 1 22 ? -3.24062  -20.72347 2.22391   1.000 87.35521  ? 22  U     A P     1 
ATOM   406 O OP1   . U     A 1 22 ? -2.42232  -21.94544 2.43618   1.000 89.27649  ? 22  U     A OP1   1 
ATOM   407 O OP2   . U     A 1 22 ? -4.58943  -20.83205 1.61206   1.000 94.88243  ? 22  U     A OP2   1 
ATOM   408 O "O5'" . U     A 1 22 ? -3.39389  -19.99007 3.63041   1.000 80.83074  ? 22  U     A "O5'" 1 
ATOM   409 C "C5'" . U     A 1 22 ? -4.34883  -18.94950 3.81635   1.000 70.66637  ? 22  U     A "C5'" 1 
ATOM   410 C "C4'" . U     A 1 22 ? -4.23129  -18.31647 5.18327   1.000 76.25651  ? 22  U     A "C4'" 1 
ATOM   411 O "O4'" . U     A 1 22 ? -4.34366  -19.34564 6.20285   1.000 80.24646  ? 22  U     A "O4'" 1 
ATOM   412 C "C3'" . U     A 1 22 ? -2.92049  -17.58977 5.45416   1.000 73.62725  ? 22  U     A "C3'" 1 
ATOM   413 O "O3'" . U     A 1 22 ? -3.17555  -16.48286 6.31800   1.000 85.09705  ? 22  U     A "O3'" 1 
ATOM   414 C "C2'" . U     A 1 22 ? -2.09387  -18.64363 6.18818   1.000 76.53549  ? 22  U     A "C2'" 1 
ATOM   415 O "O2'" . U     A 1 22 ? -1.08967  -18.10811 7.02329   1.000 77.22505  ? 22  U     A "O2'" 1 
ATOM   416 C "C1'" . U     A 1 22 ? -3.16571  -19.38012 6.99158   1.000 69.22146  ? 22  U     A "C1'" 1 
ATOM   417 N N1    . U     A 1 22 ? -2.88214  -20.80088 7.25211   1.000 74.42734  ? 22  U     A N1    1 
ATOM   418 C C2    . U     A 1 22 ? -2.79038  -21.23337 8.56510   1.000 77.36717  ? 22  U     A C2    1 
ATOM   419 O O2    . U     A 1 22 ? -2.89846  -20.48370 9.51749   1.000 75.46168  ? 22  U     A O2    1 
ATOM   420 N N3    . U     A 1 22 ? -2.56913  -22.58062 8.72502   1.000 71.10853  ? 22  U     A N3    1 
ATOM   421 C C4    . U     A 1 22 ? -2.43497  -23.52403 7.72742   1.000 73.38248  ? 22  U     A C4    1 
ATOM   422 O O4    . U     A 1 22 ? -2.23119  -24.70189 8.02689   1.000 76.08544  ? 22  U     A O4    1 
ATOM   423 C C5    . U     A 1 22 ? -2.55242  -23.00497 6.40010   1.000 69.67678  ? 22  U     A C5    1 
ATOM   424 C C6    . U     A 1 22 ? -2.77242  -21.69656 6.21455   1.000 69.73468  ? 22  U     A C6    1 
ATOM   425 P P     . A     A 1 23 ? -3.47946  -15.03052 5.69813   1.000 86.32088  ? 23  A     A P     1 
ATOM   426 O OP1   . A     A 1 23 ? -3.74246  -14.08522 6.81468   1.000 84.73121  ? 23  A     A OP1   1 
ATOM   427 O OP2   . A     A 1 23 ? -4.47621  -15.17444 4.60720   1.000 80.12013  ? 23  A     A OP2   1 
ATOM   428 O "O5'" . A     A 1 23 ? -2.10361  -14.61888 5.01876   1.000 75.18007  ? 23  A     A "O5'" 1 
ATOM   429 C "C5'" . A     A 1 23 ? -0.94537  -14.35989 5.79837   1.000 75.44062  ? 23  A     A "C5'" 1 
ATOM   430 C "C4'" . A     A 1 23 ? 0.05214   -13.55908 5.00708   1.000 71.23486  ? 23  A     A "C4'" 1 
ATOM   431 O "O4'" . A     A 1 23 ? 0.39144   -14.28626 3.80282   1.000 81.33080  ? 23  A     A "O4'" 1 
ATOM   432 C "C3'" . A     A 1 23 ? -0.45307  -12.20515 4.52630   1.000 66.16320  ? 23  A     A "C3'" 1 
ATOM   433 O "O3'" . A     A 1 23 ? -0.20105  -11.19891 5.49281   1.000 76.50391  ? 23  A     A "O3'" 1 
ATOM   434 C "C2'" . A     A 1 23 ? 0.29424   -11.97869 3.21608   1.000 68.39504  ? 23  A     A "C2'" 1 
ATOM   435 O "O2'" . A     A 1 23 ? 1.55538   -11.37981 3.45459   1.000 71.32171  ? 23  A     A "O2'" 1 
ATOM   436 C "C1'" . A     A 1 23 ? 0.52553   -13.40498 2.71501   1.000 76.11176  ? 23  A     A "C1'" 1 
ATOM   437 N N9    . A     A 1 23 ? -0.41933  -13.82421 1.66255   1.000 78.31992  ? 23  A     A N9    1 
ATOM   438 C C8    . A     A 1 23 ? -1.76550  -14.06698 1.76729   1.000 79.28582  ? 23  A     A C8    1 
ATOM   439 N N7    . A     A 1 23 ? -2.31445  -14.45967 0.64224   1.000 84.01007  ? 23  A     A N7    1 
ATOM   440 C C5    . A     A 1 23 ? -1.25514  -14.49188 -0.25572  1.000 76.79342  ? 23  A     A C5    1 
ATOM   441 C C6    . A     A 1 23 ? -1.17085  -14.82918 -1.61870  1.000 73.96150  ? 23  A     A C6    1 
ATOM   442 N N6    . A     A 1 23 ? -2.21432  -15.21402 -2.35725  1.000 83.98112  ? 23  A     A N6    1 
ATOM   443 N N1    . A     A 1 23 ? 0.03980   -14.75071 -2.21050  1.000 73.34827  ? 23  A     A N1    1 
ATOM   444 C C2    . A     A 1 23 ? 1.09145   -14.36268 -1.47714  1.000 71.03746  ? 23  A     A C2    1 
ATOM   445 N N3    . A     A 1 23 ? 1.13983   -14.02352 -0.19174  1.000 72.15339  ? 23  A     A N3    1 
ATOM   446 C C4    . A     A 1 23 ? -0.08044  -14.11317 0.36542   1.000 73.48513  ? 23  A     A C4    1 
ATOM   447 P P     . A     A 1 24 ? -1.10952  -9.88024  5.59045   1.000 73.29300  ? 24  A     A P     1 
ATOM   448 O OP1   . A     A 1 24 ? -2.46657  -10.20022 5.07356   1.000 75.25902  ? 24  A     A OP1   1 
ATOM   449 O OP2   . A     A 1 24 ? -0.34114  -8.75217  5.00452   1.000 76.10913  ? 24  A     A OP2   1 
ATOM   450 O "O5'" . A     A 1 24 ? -1.21508  -9.62176  7.15974   1.000 76.36179  ? 24  A     A "O5'" 1 
ATOM   451 C "C5'" . A     A 1 24 ? -1.77017  -10.60982 8.01448   1.000 79.13054  ? 24  A     A "C5'" 1 
ATOM   452 C "C4'" . A     A 1 24 ? -1.42410  -10.36957 9.46217   1.000 76.27230  ? 24  A     A "C4'" 1 
ATOM   453 O "O4'" . A     A 1 24 ? -0.01344  -10.59959 9.69085   1.000 80.57019  ? 24  A     A "O4'" 1 
ATOM   454 C "C3'" . A     A 1 24 ? -1.64306  -8.96512  9.98733   1.000 84.40222  ? 24  A     A "C3'" 1 
ATOM   455 O "O3'" . A     A 1 24 ? -3.00129  -8.68759  10.26940  1.000 89.21070  ? 24  A     A "O3'" 1 
ATOM   456 C "C2'" . A     A 1 24 ? -0.74378  -8.93032  11.21860  1.000 81.50451  ? 24  A     A "C2'" 1 
ATOM   457 O "O2'" . A     A 1 24 ? -1.37117  -9.57674  12.31625  1.000 83.18629  ? 24  A     A "O2'" 1 
ATOM   458 C "C1'" . A     A 1 24 ? 0.43238   -9.79431  10.76357  1.000 72.96401  ? 24  A     A "C1'" 1 
ATOM   459 N N9    . A     A 1 24 ? 1.58592   -8.98896  10.32664  1.000 78.78839  ? 24  A     A N9    1 
ATOM   460 C C8    . A     A 1 24 ? 1.95784   -8.65240  9.04990   1.000 73.69568  ? 24  A     A C8    1 
ATOM   461 N N7    . A     A 1 24 ? 3.04476   -7.92042  8.99849   1.000 75.45642  ? 24  A     A N7    1 
ATOM   462 C C5    . A     A 1 24 ? 3.41212   -7.76354  10.32755  1.000 75.30377  ? 24  A     A C5    1 
ATOM   463 C C6    . A     A 1 24 ? 4.48073   -7.08883  10.94457  1.000 79.12001  ? 24  A     A C6    1 
ATOM   464 N N6    . A     A 1 24 ? 5.41601   -6.41404  10.26985  1.000 73.49829  ? 24  A     A N6    1 
ATOM   465 N N1    . A     A 1 24 ? 4.55726   -7.12962  12.29402  1.000 72.12181  ? 24  A     A N1    1 
ATOM   466 C C2    . A     A 1 24 ? 3.61942   -7.80713  12.96845  1.000 80.14645  ? 24  A     A C2    1 
ATOM   467 N N3    . A     A 1 24 ? 2.56886   -8.47972  12.50060  1.000 82.49410  ? 24  A     A N3    1 
ATOM   468 C C4    . A     A 1 24 ? 2.52186   -8.41733  11.15770  1.000 81.02550  ? 24  A     A C4    1 
ATOM   469 P P     . C     A 1 25 ? -3.56363  -7.20214  10.05679  1.000 88.91856  ? 25  C     A P     1 
ATOM   470 O OP1   . C     A 1 25 ? -5.04749  -7.25273  10.07542  1.000 89.18964  ? 25  C     A OP1   1 
ATOM   471 O OP2   . C     A 1 25 ? -2.85623  -6.62965  8.88393   1.000 88.15004  ? 25  C     A OP2   1 
ATOM   472 O "O5'" . C     A 1 25 ? -3.06729  -6.42113  11.35124  1.000 94.82453  ? 25  C     A "O5'" 1 
ATOM   473 C "C5'" . C     A 1 25 ? -3.32556  -6.92983  12.65128  1.000 91.84785  ? 25  C     A "C5'" 1 
ATOM   474 C "C4'" . C     A 1 25 ? -2.52949  -6.19457  13.69746  1.000 97.89068  ? 25  C     A "C4'" 1 
ATOM   475 O "O4'" . C     A 1 25 ? -1.12420  -6.53793  13.58859  1.000 92.71375  ? 25  C     A "O4'" 1 
ATOM   476 C "C3'" . C     A 1 25 ? -2.54419  -4.67974  13.59277  1.000 101.48585 ? 25  C     A "C3'" 1 
ATOM   477 O "O3'" . C     A 1 25 ? -3.72202  -4.10701  14.13114  1.000 103.62032 ? 25  C     A "O3'" 1 
ATOM   478 C "C2'" . C     A 1 25 ? -1.27229  -4.28029  14.33006  1.000 101.57797 ? 25  C     A "C2'" 1 
ATOM   479 O "O2'" . C     A 1 25 ? -1.47745  -4.30189  15.73539  1.000 108.37878 ? 25  C     A "O2'" 1 
ATOM   480 C "C1'" . C     A 1 25 ? -0.32918  -5.42960  13.95835  1.000 95.09561  ? 25  C     A "C1'" 1 
ATOM   481 N N1    . C     A 1 25 ? 0.56920   -5.08443  12.83273  1.000 91.93997  ? 25  C     A N1    1 
ATOM   482 C C2    . C     A 1 25 ? 1.76990   -4.42544  13.11451  1.000 97.17744  ? 25  C     A C2    1 
ATOM   483 O O2    . C     A 1 25 ? 2.04190   -4.15214  14.29271  1.000 107.68396 ? 25  C     A O2    1 
ATOM   484 N N3    . C     A 1 25 ? 2.60707   -4.10177  12.10175  1.000 92.84271  ? 25  C     A N3    1 
ATOM   485 C C4    . C     A 1 25 ? 2.28367   -4.41307  10.84610  1.000 87.92896  ? 25  C     A C4    1 
ATOM   486 N N4    . C     A 1 25 ? 3.13942   -4.07502  9.87977   1.000 86.87621  ? 25  C     A N4    1 
ATOM   487 C C5    . C     A 1 25 ? 1.06663   -5.08501  10.52612  1.000 85.85240  ? 25  C     A C5    1 
ATOM   488 C C6    . C     A 1 25 ? 0.24867   -5.40000  11.54016  1.000 85.80239  ? 25  C     A C6    1 
ATOM   489 P P     . A     A 1 26 ? -4.36088  -2.80194  13.44976  1.000 109.66841 ? 26  A     A P     1 
ATOM   490 O OP1   . A     A 1 26 ? -5.68134  -2.53856  14.07769  1.000 112.85037 ? 26  A     A OP1   1 
ATOM   491 O OP2   . A     A 1 26 ? -4.25912  -2.96084  11.97574  1.000 104.78098 ? 26  A     A OP2   1 
ATOM   492 O "O5'" . A     A 1 26 ? -3.37245  -1.63522  13.88766  1.000 118.70107 ? 26  A     A "O5'" 1 
ATOM   493 C "C5'" . A     A 1 26 ? -2.82226  -0.74745  12.92776  1.000 116.08234 ? 26  A     A "C5'" 1 
ATOM   494 C "C4'" . A     A 1 26 ? -1.34235  -0.56594  13.13940  1.000 111.27387 ? 26  A     A "C4'" 1 
ATOM   495 O "O4'" . A     A 1 26 ? -0.61763  -1.62269  12.46395  1.000 105.63109 ? 26  A     A "O4'" 1 
ATOM   496 C "C3'" . A     A 1 26 ? -0.74857  0.71265   12.57610  1.000 111.09490 ? 26  A     A "C3'" 1 
ATOM   497 O "O3'" . A     A 1 26 ? -0.93486  1.81467   13.44658  1.000 115.11117 ? 26  A     A "O3'" 1 
ATOM   498 C "C2'" . A     A 1 26 ? 0.71424   0.34359   12.36467  1.000 103.40714 ? 26  A     A "C2'" 1 
ATOM   499 O "O2'" . A     A 1 26 ? 1.43856   0.42902   13.58347  1.000 107.28128 ? 26  A     A "O2'" 1 
ATOM   500 C "C1'" . A     A 1 26 ? 0.60725   -1.12927  11.96910  1.000 97.75119  ? 26  A     A "C1'" 1 
ATOM   501 N N9    . A     A 1 26 ? 0.64267   -1.33479  10.50922  1.000 91.03723  ? 26  A     A N9    1 
ATOM   502 C C8    . A     A 1 26 ? -0.32892  -1.90067  9.72061   1.000 88.11846  ? 26  A     A C8    1 
ATOM   503 N N7    . A     A 1 26 ? -0.01192  -1.96665  8.45048   1.000 80.46228  ? 26  A     A N7    1 
ATOM   504 C C5    . A     A 1 26 ? 1.26051   -1.41191  8.40029   1.000 86.79462  ? 26  A     A C5    1 
ATOM   505 C C6    . A     A 1 26 ? 2.15365   -1.18909  7.33845   1.000 82.68360  ? 26  A     A C6    1 
ATOM   506 N N6    . A     A 1 26 ? 1.88779   -1.51450  6.07116   1.000 74.20100  ? 26  A     A N6    1 
ATOM   507 N N1    . A     A 1 26 ? 3.34340   -0.61488  7.62614   1.000 84.52329  ? 26  A     A N1    1 
ATOM   508 C C2    . A     A 1 26 ? 3.60922   -0.29212  8.89790   1.000 85.94452  ? 26  A     A C2    1 
ATOM   509 N N3    . A     A 1 26 ? 2.85352   -0.45173  9.98175   1.000 93.61386  ? 26  A     A N3    1 
ATOM   510 C C4    . A     A 1 26 ? 1.67858   -1.02288  9.66267   1.000 91.18462  ? 26  A     A C4    1 
ATOM   511 P P     . A     A 1 27 ? -1.51629  3.20239   12.88786  1.000 117.31143 ? 27  A     A P     1 
ATOM   512 O OP1   . A     A 1 27 ? -1.90210  4.04132   14.05204  1.000 124.13857 ? 27  A     A OP1   1 
ATOM   513 O OP2   . A     A 1 27 ? -2.52274  2.90127   11.83739  1.000 111.64496 ? 27  A     A OP2   1 
ATOM   514 O "O5'" . A     A 1 27 ? -0.25750  3.87518   12.18658  1.000 116.67715 ? 27  A     A "O5'" 1 
ATOM   515 C "C5'" . A     A 1 27 ? 1.00632   3.90819   12.83127  1.000 115.22171 ? 27  A     A "C5'" 1 
ATOM   516 C "C4'" . A     A 1 27 ? 2.09937   4.23785   11.84973  1.000 110.68169 ? 27  A     A "C4'" 1 
ATOM   517 O "O4'" . A     A 1 27 ? 2.39717   3.07384   11.03925  1.000 110.83434 ? 27  A     A "O4'" 1 
ATOM   518 C "C3'" . A     A 1 27 ? 1.75126   5.31915   10.84249  1.000 113.20305 ? 27  A     A "C3'" 1 
ATOM   519 O "O3'" . A     A 1 27 ? 1.94189   6.61737   11.37297  1.000 119.49327 ? 27  A     A "O3'" 1 
ATOM   520 C "C2'" . A     A 1 27 ? 2.65778   4.99516   9.66142   1.000 106.19168 ? 27  A     A "C2'" 1 
ATOM   521 O "O2'" . A     A 1 27 ? 3.96960   5.48871   9.88438   1.000 106.19431 ? 27  A     A "O2'" 1 
ATOM   522 C "C1'" . A     A 1 27 ? 2.70293   3.46710   9.71899   1.000 103.14395 ? 27  A     A "C1'" 1 
ATOM   523 N N9    . A     A 1 27 ? 1.73665   2.82000   8.80797   1.000 90.93459  ? 27  A     A N9    1 
ATOM   524 C C8    . A     A 1 27 ? 0.50609   2.29869   9.12464   1.000 88.99488  ? 27  A     A C8    1 
ATOM   525 N N7    . A     A 1 27 ? -0.12198  1.76347   8.10603   1.000 89.54758  ? 27  A     A N7    1 
ATOM   526 C C5    . A     A 1 27 ? 0.75658   1.93632   7.04493   1.000 85.93925  ? 27  A     A C5    1 
ATOM   527 C C6    . A     A 1 27 ? 0.68205   1.58388   5.68304   1.000 80.64914  ? 27  A     A C6    1 
ATOM   528 N N6    . A     A 1 27 ? -0.35687  0.95658   5.12895   1.000 80.89391  ? 27  A     A N6    1 
ATOM   529 N N1    . A     A 1 27 ? 1.73109   1.90078   4.89478   1.000 76.58550  ? 27  A     A N1    1 
ATOM   530 C C2    . A     A 1 27 ? 2.77599   2.52887   5.44760   1.000 81.93614  ? 27  A     A C2    1 
ATOM   531 N N3    . A     A 1 27 ? 2.96631   2.90911   6.70932   1.000 90.05553  ? 27  A     A N3    1 
ATOM   532 C C4    . A     A 1 27 ? 1.90661   2.58103   7.46517   1.000 83.15997  ? 27  A     A C4    1 
ATOM   533 P P     . A     A 1 28 ? 0.99109   7.83054   10.92567  1.000 122.58575 ? 28  A     A P     1 
ATOM   534 O OP1   . A     A 1 28 ? 0.67802   8.63417   12.13331  1.000 114.84008 ? 28  A     A OP1   1 
ATOM   535 O OP2   . A     A 1 28 ? -0.11390  7.28496   10.09559  1.000 126.66782 ? 28  A     A OP2   1 
ATOM   536 O "O5'" . A     A 1 28 ? 1.93693   8.69696   9.98649   1.000 128.58647 ? 28  A     A "O5'" 1 
ATOM   537 C "C5'" . A     A 1 28 ? 3.34355   8.70432   10.19830  1.000 130.17877 ? 28  A     A "C5'" 1 
ATOM   538 C "C4'" . A     A 1 28 ? 4.08090   9.31015   9.03176   1.000 129.58396 ? 28  A     A "C4'" 1 
ATOM   539 O "O4'" . A     A 1 28 ? 4.26775   8.30678   7.99224   1.000 124.22542 ? 28  A     A "O4'" 1 
ATOM   540 C "C3'" . A     A 1 28 ? 3.37397   10.48930  8.36210   1.000 127.87586 ? 28  A     A "C3'" 1 
ATOM   541 O "O3'" . A     A 1 28 ? 4.35214   11.42292  7.91184   1.000 132.33955 ? 28  A     A "O3'" 1 
ATOM   542 C "C2'" . A     A 1 28 ? 2.71372   9.83462   7.15456   1.000 121.67511 ? 28  A     A "C2'" 1 
ATOM   543 O "O2'" . A     A 1 28 ? 2.41482   10.71745  6.09481   1.000 126.04143 ? 28  A     A "O2'" 1 
ATOM   544 C "C1'" . A     A 1 28 ? 3.76960   8.80637   6.76841   1.000 119.15376 ? 28  A     A "C1'" 1 
ATOM   545 N N9    . A     A 1 28 ? 3.26743   7.69778   5.95254   1.000 108.38931 ? 28  A     A N9    1 
ATOM   546 C C8    . A     A 1 28 ? 2.02591   7.11401   5.97241   1.000 103.68348 ? 28  A     A C8    1 
ATOM   547 N N7    . A     A 1 28 ? 1.88407   6.15185   5.09215   1.000 99.18558  ? 28  A     A N7    1 
ATOM   548 C C5    . A     A 1 28 ? 3.11076   6.10746   4.44351   1.000 97.19323  ? 28  A     A C5    1 
ATOM   549 C C6    . A     A 1 28 ? 3.60789   5.30285   3.40252   1.000 87.95002  ? 28  A     A C6    1 
ATOM   550 N N6    . A     A 1 28 ? 2.89975   4.34553   2.80262   1.000 89.76603  ? 28  A     A N6    1 
ATOM   551 N N1    . A     A 1 28 ? 4.87662   5.51678   2.99055   1.000 90.28451  ? 28  A     A N1    1 
ATOM   552 C C2    . A     A 1 28 ? 5.59049   6.47659   3.58906   1.000 97.99070  ? 28  A     A C2    1 
ATOM   553 N N3    . A     A 1 28 ? 5.23386   7.29842   4.57415   1.000 107.32339 ? 28  A     A N3    1 
ATOM   554 C C4    . A     A 1 28 ? 3.96834   7.05817   4.96008   1.000 103.84140 ? 28  A     A C4    1 
ATOM   555 P P     . A     A 1 29 ? 3.94632   12.94823  7.61393   1.000 135.65574 ? 29  A     A P     1 
ATOM   556 O OP1   . A     A 1 29 ? 4.34523   13.76493  8.78868   1.000 142.61184 ? 29  A     A OP1   1 
ATOM   557 O OP2   . A     A 1 29 ? 2.54059   12.98554  7.13678   1.000 126.20197 ? 29  A     A OP2   1 
ATOM   558 O "O5'" . A     A 1 29 ? 4.87832   13.34974  6.38797   1.000 133.73972 ? 29  A     A "O5'" 1 
ATOM   559 C "C5'" . A     A 1 29 ? 4.40760   13.24838  5.05351   1.000 122.77261 ? 29  A     A "C5'" 1 
ATOM   560 C "C4'" . A     A 1 29 ? 5.42886   12.60106  4.15403   1.000 113.07145 ? 29  A     A "C4'" 1 
ATOM   561 O "O4'" . A     A 1 29 ? 5.39934   11.16109  4.34150   1.000 110.52115 ? 29  A     A "O4'" 1 
ATOM   562 C "C3'" . A     A 1 29 ? 5.20065   12.78583  2.66281   1.000 107.65764 ? 29  A     A "C3'" 1 
ATOM   563 O "O3'" . A     A 1 29 ? 5.68252   14.02608  2.18164   1.000 109.36574 ? 29  A     A "O3'" 1 
ATOM   564 C "C2'" . A     A 1 29 ? 5.90862   11.57901  2.06416   1.000 106.51803 ? 29  A     A "C2'" 1 
ATOM   565 O "O2'" . A     A 1 29 ? 7.31325   11.78456  2.03272   1.000 108.17876 ? 29  A     A "O2'" 1 
ATOM   566 C "C1'" . A     A 1 29 ? 5.59628   10.50788  3.10529   1.000 101.31215 ? 29  A     A "C1'" 1 
ATOM   567 N N9    . A     A 1 29 ? 4.36124   9.77373   2.77588   1.000 101.22266 ? 29  A     A N9    1 
ATOM   568 C C8    . A     A 1 29 ? 3.16199   9.83743   3.43638   1.000 105.78900 ? 29  A     A C8    1 
ATOM   569 N N7    . A     A 1 29 ? 2.22823   9.07391   2.92921   1.000 107.88662 ? 29  A     A N7    1 
ATOM   570 C C5    . A     A 1 29 ? 2.85420   8.46446   1.85400   1.000 97.49590  ? 29  A     A C5    1 
ATOM   571 C C6    . A     A 1 29 ? 2.39822   7.53746   0.90307   1.000 81.42555  ? 29  A     A C6    1 
ATOM   572 N N6    . A     A 1 29 ? 1.15556   7.04823   0.88671   1.000 80.07802  ? 29  A     A N6    1 
ATOM   573 N N1    . A     A 1 29 ? 3.27261   7.12852   -0.04254  1.000 85.10231  ? 29  A     A N1    1 
ATOM   574 C C2    . A     A 1 29 ? 4.51757   7.62410   -0.02330  1.000 83.84426  ? 29  A     A C2    1 
ATOM   575 N N3    . A     A 1 29 ? 5.06375   8.49986   0.81852   1.000 90.60560  ? 29  A     A N3    1 
ATOM   576 C C4    . A     A 1 29 ? 4.16906   8.88654   1.74477   1.000 99.56720  ? 29  A     A C4    1 
ATOM   577 P P     . C     A 1 30 ? 4.80307   14.87843  1.14495   1.000 117.92467 ? 30  C     A P     1 
ATOM   578 O OP1   . C     A 1 30 ? 5.50266   16.16274  0.88396   1.000 130.72883 ? 30  C     A OP1   1 
ATOM   579 O OP2   . C     A 1 30 ? 3.40112   14.88771  1.63675   1.000 107.35235 ? 30  C     A OP2   1 
ATOM   580 O "O5'" . C     A 1 30 ? 4.84966   14.01328  -0.18988  1.000 115.61386 ? 30  C     A "O5'" 1 
ATOM   581 C "C5'" . C     A 1 30 ? 6.08823   13.69059  -0.80283  1.000 109.81053 ? 30  C     A "C5'" 1 
ATOM   582 C "C4'" . C     A 1 30 ? 5.90722   12.66689  -1.89217  1.000 101.74115 ? 30  C     A "C4'" 1 
ATOM   583 O "O4'" . C     A 1 30 ? 5.44179   11.41778  -1.32064  1.000 103.17290 ? 30  C     A "O4'" 1 
ATOM   584 C "C3'" . C     A 1 30 ? 4.86195   13.00015  -2.94246  1.000 103.66769 ? 30  C     A "C3'" 1 
ATOM   585 O "O3'" . C     A 1 30 ? 5.34044   13.89531  -3.92745  1.000 102.60704 ? 30  C     A "O3'" 1 
ATOM   586 C "C2'" . C     A 1 30 ? 4.49086   11.62895  -3.48700  1.000 102.31490 ? 30  C     A "C2'" 1 
ATOM   587 O "O2'" . C     A 1 30 ? 5.47835   11.16771  -4.39840  1.000 101.54375 ? 30  C     A "O2'" 1 
ATOM   588 C "C1'" . C     A 1 30 ? 4.56920   10.77238  -2.22337  1.000 99.10925  ? 30  C     A "C1'" 1 
ATOM   589 N N1    . C     A 1 30 ? 3.25008   10.60097  -1.57052  1.000 99.33033  ? 30  C     A N1    1 
ATOM   590 C C2    . C     A 1 30 ? 2.37810   9.62985   -2.07221  1.000 97.95911  ? 30  C     A C2    1 
ATOM   591 O O2    . C     A 1 30 ? 2.73371   8.95786   -3.05146  1.000 96.10889  ? 30  C     A O2    1 
ATOM   592 N N3    . C     A 1 30 ? 1.17259   9.45039   -1.48105  1.000 93.71387  ? 30  C     A N3    1 
ATOM   593 C C4    . C     A 1 30 ? 0.82716   10.19445  -0.42983  1.000 101.10686 ? 30  C     A C4    1 
ATOM   594 N N4    . C     A 1 30 ? -0.37214  9.98281   0.11911   1.000 98.00912  ? 30  C     A N4    1 
ATOM   595 C C5    . C     A 1 30 ? 1.69613   11.18946  0.10519   1.000 103.83877 ? 30  C     A C5    1 
ATOM   596 C C6    . C     A 1 30 ? 2.88673   11.35555  -0.48798  1.000 100.95684 ? 30  C     A C6    1 
ATOM   597 P P     . A     A 1 31 ? 4.33645   14.94389  -4.61044  1.000 109.46049 ? 31  A     A P     1 
ATOM   598 O OP1   . A     A 1 31 ? 5.14891   16.01716  -5.23867  1.000 118.62475 ? 31  A     A OP1   1 
ATOM   599 O OP2   . A     A 1 31 ? 3.29362   15.29736  -3.61433  1.000 116.38501 ? 31  A     A OP2   1 
ATOM   600 O "O5'" . A     A 1 31 ? 3.64498   14.10300  -5.77137  1.000 110.34218 ? 31  A     A "O5'" 1 
ATOM   601 C "C5'" . A     A 1 31 ? 4.41413   13.55312  -6.83049  1.000 111.07911 ? 31  A     A "C5'" 1 
ATOM   602 C "C4'" . A     A 1 31 ? 3.53761   12.82703  -7.81716  1.000 108.71567 ? 31  A     A "C4'" 1 
ATOM   603 O "O4'" . A     A 1 31 ? 3.07976   11.58080  -7.23582  1.000 103.30449 ? 31  A     A "O4'" 1 
ATOM   604 C "C3'" . A     A 1 31 ? 2.26111   13.55488  -8.21298  1.000 106.97335 ? 31  A     A "C3'" 1 
ATOM   605 O "O3'" . A     A 1 31 ? 2.48267   14.49397  -9.25066  1.000 111.97395 ? 31  A     A "O3'" 1 
ATOM   606 C "C2'" . A     A 1 31 ? 1.32496   12.41706  -8.59915  1.000 109.29995 ? 31  A     A "C2'" 1 
ATOM   607 O "O2'" . A     A 1 31 ? 1.60962   11.96194  -9.91470  1.000 111.48705 ? 31  A     A "O2'" 1 
ATOM   608 C "C1'" . A     A 1 31 ? 1.74465   11.32781  -7.61232  1.000 100.04094 ? 31  A     A "C1'" 1 
ATOM   609 N N9    . A     A 1 31 ? 0.92609   11.30392  -6.38396  1.000 99.73827  ? 31  A     A N9    1 
ATOM   610 C C8    . A     A 1 31 ? 1.18511   11.94979  -5.19938  1.000 98.29600  ? 31  A     A C8    1 
ATOM   611 N N7    . A     A 1 31 ? 0.29297   11.72489  -4.26485  1.000 95.03771  ? 31  A     A N7    1 
ATOM   612 C C5    . A     A 1 31 ? -0.61347  10.86386  -4.86944  1.000 95.89308  ? 31  A     A C5    1 
ATOM   613 C C6    . A     A 1 31 ? -1.79261  10.24823  -4.40553  1.000 96.29312  ? 31  A     A C6    1 
ATOM   614 N N6    . A     A 1 31 ? -2.28927  10.41265  -3.17600  1.000 84.12324  ? 31  A     A N6    1 
ATOM   615 N N1    . A     A 1 31 ? -2.46334  9.44887   -5.26250  1.000 92.57689  ? 31  A     A N1    1 
ATOM   616 C C2    . A     A 1 31 ? -1.97239  9.28040   -6.49694  1.000 93.25855  ? 31  A     A C2    1 
ATOM   617 N N3    . A     A 1 31 ? -0.87673  9.79907   -7.04750  1.000 98.59866  ? 31  A     A N3    1 
ATOM   618 C C4    . A     A 1 31 ? -0.23293  10.59275  -6.17287  1.000 100.03568 ? 31  A     A C4    1 
ATOM   619 P P     . A     A 1 32 ? 1.33018   15.52347  -9.68620  1.000 121.43298 ? 32  A     A P     1 
ATOM   620 O OP1   . A     A 1 32 ? 1.94652   16.86055  -9.87581  1.000 129.11022 ? 32  A     A OP1   1 
ATOM   621 O OP2   . A     A 1 32 ? 0.19659   15.36875  -8.73864  1.000 131.63684 ? 32  A     A OP2   1 
ATOM   622 O "O5'" . A     A 1 32 ? 0.86342   14.98963  -11.11285 1.000 124.12014 ? 32  A     A "O5'" 1 
ATOM   623 C "C5'" . A     A 1 32 ? 1.81257   14.68304  -12.12520 1.000 116.91139 ? 32  A     A "C5'" 1 
ATOM   624 C "C4'" . A     A 1 32 ? 1.19376   13.86205  -13.22904 1.000 114.28476 ? 32  A     A "C4'" 1 
ATOM   625 O "O4'" . A     A 1 32 ? 0.74777   12.58674  -12.69987 1.000 106.24432 ? 32  A     A "O4'" 1 
ATOM   626 C "C3'" . A     A 1 32 ? -0.05114  14.45303  -13.87339 1.000 111.08174 ? 32  A     A "C3'" 1 
ATOM   627 O "O3'" . A     A 1 32 ? 0.24595   15.41639  -14.86522 1.000 120.31443 ? 32  A     A "O3'" 1 
ATOM   628 C "C2'" . A     A 1 32 ? -0.76274  13.22294  -14.41679 1.000 111.45020 ? 32  A     A "C2'" 1 
ATOM   629 O "O2'" . A     A 1 32 ? -0.16196  12.79232  -15.62864 1.000 119.64066 ? 32  A     A "O2'" 1 
ATOM   630 C "C1'" . A     A 1 32 ? -0.45296  12.19362  -13.33266 1.000 107.53395 ? 32  A     A "C1'" 1 
ATOM   631 N N9    . A     A 1 32 ? -1.51710  12.12757  -12.31442 1.000 112.89511 ? 32  A     A N9    1 
ATOM   632 C C8    . A     A 1 32 ? -1.44149  12.51683  -11.00096 1.000 112.04764 ? 32  A     A C8    1 
ATOM   633 N N7    . A     A 1 32 ? -2.55299  12.33130  -10.33120 1.000 112.40032 ? 32  A     A N7    1 
ATOM   634 C C5    . A     A 1 32 ? -3.42001  11.78224  -11.26658 1.000 115.19539 ? 32  A     A C5    1 
ATOM   635 C C6    . A     A 1 32 ? -4.75860  11.35800  -11.18364 1.000 119.07217 ? 32  A     A C6    1 
ATOM   636 N N6    . A     A 1 32 ? -5.48935  11.42434  -10.06776 1.000 121.25928 ? 32  A     A N6    1 
ATOM   637 N N1    . A     A 1 32 ? -5.32904  10.85574  -12.30144 1.000 123.31742 ? 32  A     A N1    1 
ATOM   638 C C2    . A     A 1 32 ? -4.59701  10.78999  -13.42032 1.000 123.02528 ? 32  A     A C2    1 
ATOM   639 N N3    . A     A 1 32 ? -3.33302  11.15682  -13.62212 1.000 122.65944 ? 32  A     A N3    1 
ATOM   640 C C4    . A     A 1 32 ? -2.79381  11.65005  -12.49317 1.000 117.48514 ? 32  A     A C4    1 
ATOM   641 P P     . G     A 1 33 ? -0.22857  16.93813  -14.67668 1.000 130.17087 ? 33  G     A P     1 
ATOM   642 O OP1   . G     A 1 33 ? 0.17953   17.69972  -15.88542 1.000 126.99944 ? 33  G     A OP1   1 
ATOM   643 O OP2   . G     A 1 33 ? 0.22055   17.38872  -13.33404 1.000 136.61901 ? 33  G     A OP2   1 
ATOM   644 O "O5'" . G     A 1 33 ? -1.81941  16.84870  -14.65956 1.000 132.06057 ? 33  G     A "O5'" 1 
ATOM   645 C "C5'" . G     A 1 33 ? -2.53607  16.35840  -15.78294 1.000 126.63097 ? 33  G     A "C5'" 1 
ATOM   646 C "C4'" . G     A 1 33 ? -3.88269  15.81425  -15.37927 1.000 124.33859 ? 33  G     A "C4'" 1 
ATOM   647 O "O4'" . G     A 1 33 ? -3.71416  14.85659  -14.30138 1.000 121.82513 ? 33  G     A "O4'" 1 
ATOM   648 C "C3'" . G     A 1 33 ? -4.87311  16.82538  -14.82159 1.000 125.89931 ? 33  G     A "C3'" 1 
ATOM   649 O "O3'" . G     A 1 33 ? -5.55033  17.55236  -15.83250 1.000 136.68218 ? 33  G     A "O3'" 1 
ATOM   650 C "C2'" . G     A 1 33 ? -5.79315  15.95807  -13.97349 1.000 127.83375 ? 33  G     A "C2'" 1 
ATOM   651 O "O2'" . G     A 1 33 ? -6.73273  15.27354  -14.78859 1.000 138.26658 ? 33  G     A "O2'" 1 
ATOM   652 C "C1'" . G     A 1 33 ? -4.80612  14.93514  -13.40985 1.000 119.11165 ? 33  G     A "C1'" 1 
ATOM   653 N N9    . G     A 1 33 ? -4.30134  15.34045  -12.08702 1.000 117.07193 ? 33  G     A N9    1 
ATOM   654 C C8    . G     A 1 33 ? -3.11647  15.97775  -11.80723 1.000 117.12194 ? 33  G     A C8    1 
ATOM   655 N N7    . G     A 1 33 ? -2.95265  16.21230  -10.53439 1.000 119.37484 ? 33  G     A N7    1 
ATOM   656 C C5    . G     A 1 33 ? -4.09958  15.70184  -9.94097  1.000 116.17972 ? 33  G     A C5    1 
ATOM   657 C C6    . G     A 1 33 ? -4.49428  15.66843  -8.57845  1.000 112.89775 ? 33  G     A C6    1 
ATOM   658 O O6    . G     A 1 33 ? -3.88504  16.09609  -7.59139  1.000 108.19192 ? 33  G     A O6    1 
ATOM   659 N N1    . G     A 1 33 ? -5.73295  15.05599  -8.41788  1.000 115.22171 ? 33  G     A N1    1 
ATOM   660 C C2    . G     A 1 33 ? -6.49961  14.54474  -9.43581  1.000 115.49543 ? 33  G     A C2    1 
ATOM   661 N N2    . G     A 1 33 ? -7.66933  13.99571  -9.07665  1.000 115.80336 ? 33  G     A N2    1 
ATOM   662 N N3    . G     A 1 33 ? -6.14724  14.57356  -10.71041 1.000 116.21130 ? 33  G     A N3    1 
ATOM   663 C C4    . G     A 1 33 ? -4.94351  15.16127  -10.88678 1.000 116.52976 ? 33  G     A C4    1 
HETATM 664 C C10   . A1LYL B 2 .  ? -4.98480  -0.08691  -1.84366  1.000 93.33000  ? 101 A1LYL A C10   1 
HETATM 665 N N12   . A1LYL B 2 .  ? -7.33021  -0.72952  -1.48663  1.000 109.81000 ? 101 A1LYL A N12   1 
HETATM 666 C C13   . A1LYL B 2 .  ? -7.44288  -0.53606  -0.05131  1.000 95.30000  ? 101 A1LYL A C13   1 
HETATM 667 C C15   . A1LYL B 2 .  ? -2.80670  1.43594   -2.29929  1.000 64.46000  ? 101 A1LYL A C15   1 
HETATM 668 C C01   . A1LYL B 2 .  ? 1.13656   3.34020   -5.79782  1.000 72.47000  ? 101 A1LYL A C01   1 
HETATM 669 C C02   . A1LYL B 2 .  ? 1.09506   3.78175   -4.33462  1.000 64.64000  ? 101 A1LYL A C02   1 
HETATM 670 C C03   . A1LYL B 2 .  ? 0.07288   3.26820   -3.49179  1.000 60.16000  ? 101 A1LYL A C03   1 
HETATM 671 C C04   . A1LYL B 2 .  ? 0.04276   3.67285   -2.17551  1.000 53.05000  ? 101 A1LYL A C04   1 
HETATM 672 C C05   . A1LYL B 2 .  ? -1.09611  2.99000   -1.57259  1.000 52.86000  ? 101 A1LYL A C05   1 
HETATM 673 C C06   . A1LYL B 2 .  ? -1.65367  2.97837   -0.27192  1.000 65.35000  ? 101 A1LYL A C06   1 
HETATM 674 C C07   . A1LYL B 2 .  ? -2.78247  2.19669   -0.00611  1.000 66.50000  ? 101 A1LYL A C07   1 
HETATM 675 C C08   . A1LYL B 2 .  ? -3.35916  1.42532   -1.02191  1.000 72.77000  ? 101 A1LYL A C08   1 
HETATM 676 C C11   . A1LYL B 2 .  ? -6.45628  0.28708   -2.05103  1.000 109.89000 ? 101 A1LYL A C11   1 
HETATM 677 C C14   . A1LYL B 2 .  ? -8.64406  -0.63334  -2.10055  1.000 111.51000 ? 101 A1LYL A C14   1 
HETATM 678 C C16   . A1LYL B 2 .  ? -1.66129  2.23068   -2.57176  1.000 58.92000  ? 101 A1LYL A C16   1 
HETATM 679 C C18   . A1LYL B 2 .  ? 1.03481   4.58048   -1.73043  1.000 59.99000  ? 101 A1LYL A C18   1 
HETATM 680 C C19   . A1LYL B 2 .  ? 2.00445   5.03833   -2.62295  1.000 69.26000  ? 101 A1LYL A C19   1 
HETATM 681 N N17   . A1LYL B 2 .  ? -0.95126  2.40552   -3.71764  1.000 62.19000  ? 101 A1LYL A N17   1 
HETATM 682 N N20   . A1LYL B 2 .  ? 2.00810   4.62831   -3.89033  1.000 74.36000  ? 101 A1LYL A N20   1 
HETATM 683 O O09   . A1LYL B 2 .  ? -4.49249  0.63837   -0.74607  1.000 83.31000  ? 101 A1LYL A O09   1 
HETATM 684 O O     . HOH   C 3 .  ? -2.09075  -16.33869 8.96495   0.470 77.83000  ? 201 HOH   A O     1 
HETATM 685 O O     . HOH   C 3 .  ? -8.37181  14.66031  5.22838   1.000 87.53000  ? 202 HOH   A O     1 
HETATM 686 O O     . HOH   C 3 .  ? -6.20859  0.22033   -5.94194  1.000 86.29000  ? 203 HOH   A O     1 
HETATM 687 O O     . HOH   C 3 .  ? 8.61267   -17.36686 3.22893   1.000 82.29000  ? 204 HOH   A O     1 
HETATM 688 O O     . HOH   C 3 .  ? 6.95758   -5.33985  13.48030  1.000 103.20000 ? 205 HOH   A O     1 
# 
loop_
_atom_site_anisotrop.id 
_atom_site_anisotrop.type_symbol 
_atom_site_anisotrop.pdbx_label_atom_id 
_atom_site_anisotrop.pdbx_label_alt_id 
_atom_site_anisotrop.pdbx_label_comp_id 
_atom_site_anisotrop.pdbx_label_asym_id 
_atom_site_anisotrop.pdbx_label_seq_id 
_atom_site_anisotrop.pdbx_PDB_ins_code 
_atom_site_anisotrop.U[1][1] 
_atom_site_anisotrop.U[2][2] 
_atom_site_anisotrop.U[3][3] 
_atom_site_anisotrop.U[1][2] 
_atom_site_anisotrop.U[1][3] 
_atom_site_anisotrop.U[2][3] 
_atom_site_anisotrop.pdbx_auth_seq_id 
_atom_site_anisotrop.pdbx_auth_comp_id 
_atom_site_anisotrop.pdbx_auth_asym_id 
_atom_site_anisotrop.pdbx_auth_atom_id 
1   O "O5'" . C A 1  ? 1.27041 1.30198 1.12611 0.15831  -0.08970 0.38460  1  C A "O5'" 
2   C "C5'" . C A 1  ? 1.25401 1.25982 1.14327 0.16517  -0.09248 0.38685  1  C A "C5'" 
3   C "C4'" . C A 1  ? 1.12205 1.11966 1.00208 0.17003  -0.09676 0.36423  1  C A "C4'" 
4   O "O4'" . C A 1  ? 1.11972 1.13498 0.97890 0.16266  -0.08265 0.35449  1  C A "O4'" 
5   C "C3'" . C A 1  ? 1.15583 1.13451 1.07396 0.17463  -0.09294 0.36636  1  C A "C3'" 
6   O "O3'" . C A 1  ? 1.09319 1.05161 1.02640 0.18429  -0.11006 0.36474  1  C A "O3'" 
7   C "C2'" . C A 1  ? 1.13524 1.11631 1.03405 0.17260  -0.08970 0.34749  1  C A "C2'" 
8   O "O2'" . C A 1  ? 1.21312 1.18224 1.08584 0.17687  -0.11217 0.32738  1  C A "O2'" 
9   C "C1'" . C A 1  ? 1.02880 1.03349 0.89830 0.16370  -0.07739 0.34541  1  C A "C1'" 
10  N N1    . C A 1  ? 0.99512 1.00854 0.88475 0.15604  -0.05222 0.35814  1  C A N1    
11  C C2    . C A 1  ? 1.06679 1.07721 0.95950 0.15389  -0.04119 0.34997  1  C A C2    
12  O O2    . C A 1  ? 1.20925 1.20946 1.08679 0.15783  -0.05455 0.33295  1  C A O2    
13  N N3    . C A 1  ? 0.98173 0.99743 0.89344 0.14559  -0.01651 0.36103  1  C A N3    
14  C C4    . C A 1  ? 0.90217 0.92369 0.82964 0.13873  -0.00469 0.37891  1  C A C4    
15  N N4    . C A 1  ? 0.92352 0.94470 0.86979 0.12824  0.02002  0.38725  1  C A N4    
16  C C5    . C A 1  ? 0.98691 1.01190 0.91020 0.14004  -0.01780 0.38865  1  C A C5    
17  C C6    . C A 1  ? 0.95922 0.98116 0.86332 0.14933  -0.04042 0.37807  1  C A C6    
18  P P     . U A 2  ? 1.19258 1.13470 1.18173 0.18918  -0.10495 0.37622  2  U A P     
19  O OP1   . U A 2  ? 1.27378 1.19821 1.26560 0.20029  -0.12501 0.36935  2  U A OP1   
20  O OP2   . U A 2  ? 1.20354 1.14868 1.22348 0.18180  -0.08965 0.39838  2  U A OP2   
21  O "O5'" . U A 2  ? 1.26653 1.20935 1.26862 0.18794  -0.09427 0.36643  2  U A "O5'" 
22  C "C5'" . U A 2  ? 1.19685 1.13206 1.17660 0.19243  -0.10848 0.34670  2  U A "C5'" 
23  C "C4'" . U A 2  ? 1.03083 0.97025 1.02212 0.18802  -0.09531 0.34273  2  U A "C4'" 
24  O "O4'" . U A 2  ? 1.05789 1.01309 1.02652 0.17851  -0.07920 0.34404  2  U A "O4'" 
25  C "C3'" . U A 2  ? 1.07818 1.01611 1.13421 0.18835  -0.07918 0.35600  2  U A "C3'" 
26  O "O3'" . U A 2  ? 1.16007 1.08735 1.24417 0.19654  -0.09125 0.35117  2  U A "O3'" 
27  C "C2'" . U A 2  ? 1.16049 1.10823 1.21438 0.17967  -0.06055 0.35530  2  U A "C2'" 
28  O "O2'" . U A 2  ? 1.11328 1.05759 1.14553 0.18017  -0.07187 0.34108  2  U A "O2'" 
29  C "C1'" . U A 2  ? 1.08164 1.04083 1.08333 0.17346  -0.05744 0.35211  2  U A "C1'" 
30  N N1    . U A 2  ? 1.03916 1.00590 1.06304 0.16693  -0.03617 0.36954  2  U A N1    
31  C C2    . U A 2  ? 1.00454 0.97484 1.04762 0.15856  -0.01122 0.37505  2  U A C2    
32  O O2    . U A 2  ? 0.95944 0.92913 1.00153 0.15638  -0.00596 0.36788  2  U A O2    
33  N N3    . U A 2  ? 0.97789 0.94947 1.04004 0.15076  0.00761  0.38956  2  U A N3    
34  C C4    . U A 2  ? 0.96711 0.93881 1.02998 0.14987  0.00191  0.40084  2  U A C4    
35  O O4    . U A 2  ? 0.87011 0.84000 0.94929 0.14002  0.01919  0.41319  2  U A O4    
36  C C5    . U A 2  ? 0.93467 0.90521 0.97682 0.15906  -0.02424 0.39627  2  U A C5    
37  C C6    . U A 2  ? 1.02513 0.99253 1.04945 0.16722  -0.04088 0.38015  2  U A C6    
38  P P     . G A 3  ? 1.16639 1.08797 1.32654 0.20046  -0.08346 0.36238  3  G A P     
39  O OP1   . G A 3  ? 1.20226 1.11665 1.37519 0.20981  -0.10012 0.35315  3  G A OP1   
40  O OP2   . G A 3  ? 1.13862 1.05555 1.30883 0.19896  -0.07939 0.37584  3  G A OP2   
41  O "O5'" . G A 3  ? 1.13125 1.06089 1.33786 0.19286  -0.05999 0.36638  3  G A "O5'" 
42  C "C5'" . G A 3  ? 1.12151 1.05726 1.33153 0.19101  -0.06025 0.35871  3  G A "C5'" 
43  C "C4'" . G A 3  ? 0.98425 0.92634 1.23761 0.18229  -0.03425 0.36436  3  G A "C4'" 
44  O "O4'" . G A 3  ? 0.97335 0.91890 1.18215 0.17357  -0.01961 0.36928  3  G A "O4'" 
45  C "C3'" . G A 3  ? 0.94595 0.88358 1.27887 0.18033  -0.01666 0.36105  3  G A "C3'" 
46  O "O3'" . G A 3  ? 1.03849 0.98014 1.42827 0.18370  -0.02221 0.34661  3  G A "O3'" 
47  C "C2'" . G A 3  ? 0.93325 0.88020 1.25825 0.15577  0.01354  0.33910  3  G A "C2'" 
48  O "O2'" . G A 3  ? 0.99454 0.95675 1.32130 0.13961  0.02110  0.31344  3  G A "O2'" 
49  C "C1'" . G A 3  ? 0.98125 0.92815 1.23049 0.15724  0.00965  0.35670  3  G A "C1'" 
50  N N9    . G A 3  ? 0.97618 0.91551 1.22350 0.15975  0.01602  0.37485  3  G A N9    
51  C C8    . G A 3  ? 0.87281 0.80846 1.09613 0.16979  -0.00289 0.38878  3  G A C8    
52  N N7    . G A 3  ? 0.85052 0.78224 1.07514 0.16368  0.00773  0.39965  3  G A N7    
53  C C5    . G A 3  ? 0.94372 0.87407 1.19471 0.14970  0.03611  0.39097  3  G A C5    
54  C C6    . G A 3  ? 0.91254 0.83897 1.17200 0.13408  0.05779  0.38869  3  G A C6    
55  O O6    . G A 3  ? 0.85018 0.76901 1.10150 0.13422  0.05541  0.41065  3  G A O6    
56  N N1    . G A 3  ? 0.79151 0.72438 1.06991 0.11512  0.08369  0.35750  3  G A N1    
57  C C2    . G A 3  ? 0.82448 0.76841 1.11191 0.10956  0.08822  0.33250  3  G A C2    
58  N N2    . G A 3  ? 0.74811 0.70049 1.05320 0.08869  0.11491  0.30451  3  G A N2    
59  N N3    . G A 3  ? 0.90422 0.85155 1.18233 0.12189  0.06732  0.33541  3  G A N3    
60  C C4    . G A 3  ? 0.90528 0.84439 1.16593 0.14260  0.04219  0.36465  3  G A C4    
61  P P     . G A 4  ? 1.06051 0.99170 1.52559 0.19395  -0.02215 0.34493  4  G A P     
62  O OP1   . G A 4  ? 1.24965 1.19220 1.76205 0.19950  -0.03169 0.32928  4  G A OP1   
63  O OP2   . G A 4  ? 1.13334 1.04781 1.56545 0.20159  -0.03637 0.36268  4  G A OP2   
64  O "O5'" . G A 4  ? 1.09211 1.02841 1.58857 0.17416  0.00922  0.32007  4  G A "O5'" 
65  C "C5'" . G A 4  ? 0.96673 0.92672 1.48656 0.15497  0.02922  0.28607  4  G A "C5'" 
66  C "C4'" . G A 4  ? 0.90869 0.87237 1.43314 0.13545  0.05878  0.26868  4  G A "C4'" 
67  O "O4'" . G A 4  ? 0.88654 0.84002 1.34564 0.13062  0.06248  0.28856  4  G A "O4'" 
68  C "C3'" . G A 4  ? 0.90258 0.85310 1.48502 0.14007  0.06678  0.26186  4  G A "C3'" 
69  O "O3'" . G A 4  ? 0.95893 0.92560 1.61147 0.14106  0.07187  0.23197  4  G A "O3'" 
70  C "C2'" . G A 4  ? 0.93380 0.88297 1.48873 0.12097  0.09169  0.25696  4  G A "C2'" 
71  O "O2'" . G A 4  ? 0.91890 0.89455 1.48476 0.09957  0.11572  0.22384  4  G A "O2'" 
72  C "C1'" . G A 4  ? 0.89484 0.84007 1.36999 0.12140  0.08235  0.28380  4  G A "C1'" 
73  N N9    . G A 4  ? 0.90572 0.82805 1.36132 0.13445  0.06835  0.31679  4  G A N9    
74  C C8    . G A 4  ? 0.93109 0.84203 1.36997 0.15472  0.04048  0.34602  4  G A C8    
75  N N7    . G A 4  ? 0.99013 0.88461 1.41357 0.15895  0.03411  0.37193  4  G A N7    
76  C C5    . G A 4  ? 0.96301 0.85572 1.39368 0.14077  0.05878  0.35914  4  G A C5    
77  C C6    . G A 4  ? 0.93599 0.81390 1.35541 0.13369  0.06370  0.37635  4  G A C6    
78  O O6    . G A 4  ? 1.07975 0.94474 1.47922 0.14094  0.04656  0.40815  4  G A O6    
79  N N1    . G A 4  ? 0.87227 0.75287 1.30495 0.11424  0.09130  0.35348  4  G A N1    
80  C C2    . G A 4  ? 0.87520 0.77308 1.32953 0.10297  0.11198  0.31820  4  G A C2    
81  N N2    . G A 4  ? 0.80715 0.70635 1.27200 0.08475  0.13744  0.29995  4  G A N2    
82  N N3    . G A 4  ? 0.91677 0.83114 1.38099 0.10751  0.10754  0.30249  4  G A N3    
83  C C4    . G A 4  ? 0.92103 0.83046 1.37231 0.12660  0.08048  0.32453  4  G A C4    
84  P P     . G A 5  ? 0.98337 0.92951 1.70282 0.16038  0.06075  0.23052  5  G A P     
85  O OP1   . G A 5  ? 1.03595 1.00956 1.82128 0.16311  0.06342  0.19626  5  G A OP1   
86  O OP2   . G A 5  ? 1.01350 0.92969 1.71041 0.18037  0.03280  0.26886  5  G A OP2   
87  O "O5'" . G A 5  ? 1.01715 0.94874 1.74401 0.14886  0.08095  0.22348  5  G A "O5'" 
88  C "C5'" . G A 5  ? 0.83144 0.78740 1.57317 0.12817  0.11009  0.19015  5  G A "C5'" 
89  C "C4'" . G A 5  ? 0.80036 0.73612 1.53342 0.11803  0.12552  0.19282  5  G A "C4'" 
90  O "O4'" . G A 5  ? 0.85114 0.77078 1.51228 0.11319  0.12238  0.22696  5  G A "O4'" 
91  C "C3'" . G A 5  ? 0.90981 0.81246 1.68922 0.13287  0.11291  0.19713  5  G A "C3'" 
92  O "O3'" . G A 5  ? 0.94165 0.85693 1.79182 0.13623  0.12067  0.15889  5  G A "O3'" 
93  C "C2'" . G A 5  ? 0.88664 0.76620 1.62356 0.11962  0.12291  0.21688  5  G A "C2'" 
94  O "O2'" . G A 5  ? 0.95402 0.84920 1.70138 0.10036  0.15232  0.18768  5  G A "O2'" 
95  C "C1'" . G A 5  ? 0.80028 0.68960 1.46152 0.11345  0.12134  0.24310  5  G A "C1'" 
96  N N9    . G A 5  ? 0.90672 0.77122 1.53986 0.12881  0.09383  0.28332  5  G A N9    
97  C C8    . G A 5  ? 0.92948 0.79508 1.55614 0.14622  0.06993  0.29951  5  G A C8    
98  N N7    . G A 5  ? 0.94380 0.78691 1.54340 0.15600  0.04900  0.33572  5  G A N7    
99  C C5    . G A 5  ? 0.90816 0.73480 1.49483 0.14296  0.05925  0.34470  5  G A C5    
100 C C6    . G A 5  ? 0.93834 0.74187 1.49439 0.14219  0.04551  0.38083  5  G A C6    
101 O O6    . G A 5  ? 1.03258 0.82653 1.56639 0.15386  0.02119  0.41266  5  G A O6    
102 N N1    . G A 5  ? 0.90316 0.69643 1.45461 0.12405  0.06274  0.37797  5  G A N1    
103 C C2    . G A 5  ? 0.85514 0.65878 1.42928 0.11015  0.09015  0.34381  5  G A C2    
104 N N2    . G A 5  ? 0.83702 0.62708 1.40180 0.09360  0.10287  0.34726  5  G A N2    
105 N N3    . G A 5  ? 0.84574 0.67304 1.44891 0.11088  0.10371  0.30944  5  G A N3    
106 C C4    . G A 5  ? 0.87937 0.71736 1.48677 0.12683  0.08688  0.31247  5  G A C4    
107 P P     . U A 6  ? 1.01902 0.90261 1.93087 0.16002  0.09708  0.15700  6  U A P     
108 O OP1   . U A 6  ? 0.98673 0.89789 1.95458 0.17532  0.08809  0.13024  6  U A OP1   
109 O OP2   . U A 6  ? 1.04950 0.88966 1.92445 0.16879  0.07317  0.20248  6  U A OP2   
110 O "O5'" . U A 6  ? 1.06501 0.94014 2.00955 0.15096  0.11486  0.13096  6  U A "O5'" 
111 C "C5'" . U A 6  ? 0.99187 0.90824 1.95889 0.13576  0.14387  0.09010  6  U A "C5'" 
112 C "C4'" . U A 6  ? 0.96352 0.86450 1.92808 0.12117  0.16269  0.08101  6  U A "C4'" 
113 O "O4'" . U A 6  ? 0.97341 0.85826 1.86453 0.10393  0.17081  0.11495  6  U A "O4'" 
114 C "C3'" . U A 6  ? 1.08662 0.94176 2.09012 0.13596  0.14428  0.08245  6  U A "C3'" 
115 O "O3'" . U A 6  ? 1.11616 0.98528 2.19507 0.15111  0.14124  0.04023  6  U A "O3'" 
116 C "C2'" . U A 6  ? 1.11332 0.94921 2.07897 0.11467  0.16241  0.09257  6  U A "C2'" 
117 O "O2'" . U A 6  ? 1.16633 1.03442 2.15695 0.10098  0.19170  0.05186  6  U A "O2'" 
118 C "C1'" . U A 6  ? 1.01304 0.86074 1.90232 0.09929  0.17107  0.12443  6  U A "C1'" 
119 N N1    . U A 6  ? 1.01269 0.82058 1.86044 0.10515  0.14686  0.17207  6  U A N1    
120 C C2    . U A 6  ? 1.06269 0.83716 1.88654 0.09402  0.14721  0.19189  6  U A C2    
121 O O2    . U A 6  ? 1.07354 0.84675 1.90911 0.08100  0.16629  0.17186  6  U A O2    
122 N N3    . U A 6  ? 1.02197 0.76644 1.80678 0.09747  0.12399  0.23664  6  U A N3    
123 C C4    . U A 6  ? 0.99459 0.73855 1.76286 0.11214  0.10125  0.26201  6  U A C4    
124 O O4    . U A 6  ? 0.99221 0.71129 1.72450 0.11246  0.08204  0.30159  6  U A O4    
125 C C5    . U A 6  ? 0.96943 0.74539 1.76478 0.12453  0.10221  0.23876  6  U A C5    
126 C C6    . U A 6  ? 1.03032 0.83696 1.86301 0.11983  0.12426  0.19611  6  U A C6    
127 P P     . C A 7  ? 1.17667 1.00917 2.30757 0.18242  0.10359  0.04208  7  C A P     
128 O OP1   . C A 7  ? 1.12170 0.97644 2.32827 0.19573  0.10610  -0.00952 7  C A OP1   
129 O OP2   . C A 7  ? 1.07353 0.90834 2.18673 0.19423  0.08373  0.06840  7  C A OP2   
130 O "O5'" . C A 7  ? 1.27050 1.03648 2.37542 0.18025  0.08677  0.07647  7  C A "O5'" 
131 C "C5'" . C A 7  ? 1.24523 0.99463 2.35353 0.16704  0.10104  0.06343  7  C A "C5'" 
132 C "C4'" . C A 7  ? 1.17013 0.86316 2.23171 0.15724  0.08673  0.10812  7  C A "C4'" 
133 O "O4'" . C A 7  ? 1.08337 0.78631 2.07292 0.14183  0.09433  0.14756  7  C A "O4'" 
134 C "C3'" . C A 7  ? 1.22758 0.86394 2.30768 0.17740  0.04424  0.13186  7  C A "C3'" 
135 O "O3'" . C A 7  ? 1.24032 0.84401 2.37557 0.18996  0.02901  0.10531  7  C A "O3'" 
136 C "C2'" . C A 7  ? 1.22671 0.83092 2.23607 0.15903  0.03754  0.18578  7  C A "C2'" 
137 O "O2'" . C A 7  ? 1.22229 0.79939 2.21722 0.14053  0.04614  0.18854  7  C A "O2'" 
138 C "C1'" . C A 7  ? 1.07569 0.73080 2.03352 0.14391  0.06614  0.19357  7  C A "C1'" 
139 N N1    . C A 7  ? 1.11461 0.77952 2.05467 0.15678  0.04894  0.21754  7  C A N1    
140 C C2    . C A 7  ? 1.09618 0.72978 1.99054 0.15526  0.02599  0.26671  7  C A C2    
141 O O2    . C A 7  ? 1.08892 0.68852 1.95776 0.14128  0.02040  0.29027  7  C A O2    
142 N N3    . C A 7  ? 1.00515 0.64861 1.88353 0.16785  0.00995  0.28765  7  C A N3    
143 C C4    . C A 7  ? 1.00464 0.68461 1.90994 0.18088  0.01530  0.26264  7  C A C4    
144 N N4    . C A 7  ? 0.96245 0.64895 1.85009 0.19306  -0.00198 0.28494  7  C A N4    
145 C C5    . C A 7  ? 1.04277 0.75653 1.99360 0.18059  0.03826  0.21365  7  C A C5    
146 C C6    . C A 7  ? 1.10849 0.81457 2.07554 0.16889  0.05465  0.19235  7  C A C6    
147 P P     . G A 8  ? 1.32041 0.91281 2.50729 0.21992  -0.00718 0.08509  8  G A P     
148 O OP1   . G A 8  ? 1.22408 0.79014 2.44648 0.22572  -0.01945 0.05487  8  G A OP1   
149 O OP2   . G A 8  ? 1.33712 0.98632 2.55536 0.23342  0.00408  0.05964  8  G A OP2   
150 O "O5'" . G A 8  ? 1.39192 0.94381 2.52467 0.21884  -0.04255 0.13630  8  G A "O5'" 
151 C "C5'" . G A 8  ? 1.34150 0.84270 2.42980 0.20228  -0.05764 0.17168  8  G A "C5'" 
152 C "C4'" . G A 8  ? 1.31505 0.79590 2.34925 0.19977  -0.08516 0.21767  8  G A "C4'" 
153 O "O4'" . G A 8  ? 1.14603 0.65929 2.13707 0.18965  -0.06536 0.24484  8  G A "O4'" 
154 C "C3'" . G A 8  ? 1.26473 0.74469 2.31817 0.22266  -0.11522 0.20909  8  G A "C3'" 
155 O "O3'" . G A 8  ? 1.44659 0.88383 2.52108 0.23232  -0.14643 0.19742  8  G A "O3'" 
156 C "C2'" . G A 8  ? 1.25514 0.73583 2.24583 0.21456  -0.12526 0.25516  8  G A "C2'" 
157 O "O2'" . G A 8  ? 1.25927 0.69472 2.20491 0.20014  -0.14798 0.29021  8  G A "O2'" 
158 C "C1'" . G A 8  ? 1.21138 0.72715 2.17547 0.19868  -0.08908 0.26701  8  G A "C1'" 
159 N N9    . G A 8  ? 1.15681 0.72085 2.13814 0.21077  -0.07380 0.25104  8  G A N9    
160 C C8    . G A 8  ? 1.10136 0.70186 2.13548 0.21894  -0.04922 0.21053  8  G A C8    
161 N N7    . G A 8  ? 1.15617 0.79527 2.19126 0.22699  -0.04286 0.20680  8  G A N7    
162 C C5    . G A 8  ? 1.11279 0.73907 2.09204 0.22532  -0.06454 0.24590  8  G A C5    
163 C C6    . G A 8  ? 1.09940 0.75177 2.05133 0.23129  -0.06999 0.25934  8  G A C6    
164 O O6    . G A 8  ? 1.15462 0.84543 2.12655 0.23869  -0.05784 0.24146  8  G A O6    
165 N N1    . G A 8  ? 1.04481 0.67546 1.93902 0.22668  -0.09248 0.29663  8  G A N1    
166 C C2    . G A 8  ? 1.08951 0.68010 1.95649 0.21633  -0.10796 0.31967  8  G A C2    
167 N N2    . G A 8  ? 1.14010 0.72050 1.95220 0.21209  -0.12722 0.35232  8  G A N2    
168 N N3    . G A 8  ? 1.11131 0.67510 2.00218 0.20947  -0.10487 0.31015  8  G A N3    
169 C C4    . G A 8  ? 1.09287 0.67553 2.03951 0.21517  -0.08295 0.27255  8  G A C4    
170 P P     . C A 9  ? 1.46396 0.91224 2.60100 0.26141  -0.16322 0.15188  9  C A P     
171 O OP1   . C A 9  ? 1.36842 0.76228 2.51240 0.26695  -0.19729 0.14906  9  C A OP1   
172 O OP2   . C A 9  ? 1.44010 0.93996 2.62924 0.26859  -0.13159 0.10663  9  C A OP2   
173 O "O5'" . C A 9  ? 1.47268 0.93752 2.59130 0.27227  -0.17757 0.16919  9  C A "O5'" 
174 C "C5'" . C A 9  ? 1.29639 0.78176 2.45935 0.29670  -0.19022 0.13678  9  C A "C5'" 
175 C "C4'" . C A 9  ? 1.32259 0.79474 2.45367 0.30323  -0.21601 0.16413  9  C A "C4'" 
176 O "O4'" . C A 9  ? 1.39264 0.80579 2.49997 0.29991  -0.24837 0.18616  9  C A "O4'" 
177 C "C3'" . C A 9  ? 1.40157 0.88970 2.47473 0.28861  -0.20487 0.20486  9  C A "C3'" 
178 O "O3'" . C A 9  ? 1.22924 0.77077 2.31539 0.29453  -0.18367 0.19103  9  C A "O3'" 
179 C "C2'" . C A 9  ? 1.37754 0.83071 2.41506 0.29128  -0.23780 0.23401  9  C A "C2'" 
180 O "O2'" . C A 9  ? 1.34436 0.81501 2.40763 0.31232  -0.25027 0.21543  9  C A "O2'" 
181 C "C1'" . C A 9  ? 1.40416 0.80494 2.45570 0.29124  -0.26119 0.22895  9  C A "C1'" 
182 N N1    . C A 9  ? 1.42516 0.79145 2.42589 0.26637  -0.26358 0.26697  9  C A N1    
183 C C2    . C A 9  ? 1.45300 0.79916 2.39764 0.25500  -0.28116 0.30911  9  C A C2    
184 O O2    . C A 9  ? 1.54052 0.89580 2.47838 0.26643  -0.29368 0.31395  9  C A O2    
185 N N3    . C A 9  ? 1.47337 0.79361 2.37172 0.23064  -0.28330 0.34292  9  C A N3    
186 C C4    . C A 9  ? 1.46769 0.77802 2.37269 0.21778  -0.26910 0.33728  9  C A C4    
187 N N4    . C A 9  ? 1.48981 0.77671 2.34588 0.19224  -0.27178 0.37204  9  C A N4    
188 C C5    . C A 9  ? 1.43945 0.76672 2.40114 0.22955  -0.25052 0.29449  9  C A C5    
189 C C6    . C A 9  ? 1.41896 0.77539 2.42745 0.25361  -0.24845 0.26010  9  C A C6    
190 P P     . A A 10 ? 1.19260 0.76507 2.23873 0.27640  -0.15345 0.21378  10 A A P     
191 O OP1   . A A 10 ? 1.32253 0.94725 2.39283 0.28560  -0.13691 0.19221  10 A A OP1   
192 O OP2   . A A 10 ? 1.16034 0.72035 2.20542 0.26007  -0.13470 0.21471  10 A A OP2   
193 O "O5'" . A A 10 ? 1.21092 0.76395 2.18573 0.26668  -0.17002 0.26199  10 A A "O5'" 
194 C "C5'" . A A 10 ? 1.20717 0.75982 2.16951 0.27917  -0.19172 0.26933  10 A A "C5'" 
195 C "C4'" . A A 10 ? 1.24002 0.76460 2.13898 0.26761  -0.20954 0.31163  10 A A "C4'" 
196 O "O4'" . A A 10 ? 1.29364 0.77084 2.19221 0.26006  -0.22627 0.32049  10 A A "O4'" 
197 C "C3'" . A A 10 ? 1.21980 0.76268 2.05963 0.24863  -0.19194 0.34236  10 A A "C3'" 
198 O "O3'" . A A 10 ? 1.27634 0.85437 2.09089 0.25365  -0.18617 0.34727  10 A A "O3'" 
199 C "C2'" . A A 10 ? 1.28800 0.79368 2.08161 0.23457  -0.21114 0.37673  10 A A "C2'" 
200 O "O2'" . A A 10 ? 1.41634 0.91819 2.17997 0.24036  -0.23114 0.39317  10 A A "O2'" 
201 C "C1'" . A A 10 ? 1.30320 0.76705 2.14045 0.23897  -0.22748 0.36019  10 A A "C1'" 
202 N N9    . A A 10 ? 1.30227 0.75147 2.14146 0.22266  -0.21438 0.36192  10 A A N9    
203 C C8    . A A 10 ? 1.27395 0.73438 2.15777 0.22473  -0.19309 0.33213  10 A A C8    
204 N N7    . A A 10 ? 1.28283 0.72337 2.15421 0.20676  -0.18495 0.34209  10 A A N7    
205 C C5    . A A 10 ? 1.32009 0.73638 2.13483 0.19122  -0.20307 0.38177  10 A A C5    
206 C C6    . A A 10 ? 1.35634 0.74701 2.13115 0.16706  -0.20562 0.40991  10 A A C6    
207 N N6    . A A 10 ? 1.35379 0.73541 2.13870 0.15418  -0.18898 0.40257  10 A A N6    
208 N N1    . A A 10 ? 1.42681 0.80411 2.14968 0.15504  -0.22519 0.44549  10 A A N1    
209 C C2    . A A 10 ? 1.41060 0.79718 2.12322 0.16770  -0.24018 0.45136  10 A A C2    
210 N N3    . A A 10 ? 1.39191 0.79922 2.13697 0.19067  -0.23964 0.42770  10 A A N3    
211 C C4    . A A 10 ? 1.33202 0.75412 2.12766 0.20120  -0.22086 0.39346  10 A A C4    
212 P P     . G A 11 ? 1.10923 0.80027 1.68210 0.27600  -0.19786 0.08192  11 G A P     
213 O OP1   . G A 11 ? 1.14429 0.89888 1.77983 0.25380  -0.18134 0.09248  11 G A OP1   
214 O OP2   . G A 11 ? 1.17841 0.90427 1.74681 0.32066  -0.18336 0.07212  11 G A OP2   
215 O "O5'" . G A 11 ? 1.14210 0.78254 1.68216 0.22727  -0.19939 0.09856  11 G A "O5'" 
216 C "C5'" . G A 11 ? 1.06848 0.69318 1.59564 0.19255  -0.21554 0.11451  11 G A "C5'" 
217 C "C4'" . G A 11 ? 1.02725 0.68251 1.55294 0.16042  -0.19195 0.13239  11 G A "C4'" 
218 O "O4'" . G A 11 ? 1.06459 0.69299 1.56021 0.14958  -0.19163 0.14499  11 G A "O4'" 
219 C "C3'" . G A 11 ? 0.99281 0.69959 1.56330 0.16382  -0.15840 0.12106  11 G A "C3'" 
220 O "O3'" . G A 11 ? 1.11613 0.84590 1.66837 0.15180  -0.15530 0.12812  11 G A "O3'" 
221 C "C2'" . G A 11 ? 0.97122 0.68387 1.54811 0.16677  -0.13394 0.12112  11 G A "C2'" 
222 O "O2'" . G A 11 ? 1.03575 0.78045 1.63640 0.15689  -0.11016 0.12132  11 G A "O2'" 
223 C "C1'" . G A 11 ? 1.04833 0.71805 1.57051 0.15071  -0.15050 0.13867  11 G A "C1'" 
224 N N9    . G A 11 ? 1.02756 0.66724 1.53390 0.16491  -0.14942 0.13340  11 G A N9    
225 C C8    . G A 11 ? 0.99353 0.66063 1.52715 0.20036  -0.13006 0.11439  11 G A C8    
226 N N7    . G A 11 ? 1.02531 0.65742 1.52417 0.21824  -0.13763 0.10916  11 G A N7    
227 C C5    . G A 11 ? 1.04437 0.60981 1.49392 0.18222  -0.17011 0.13054  11 G A C5    
228 C C6    . G A 11 ? 1.11282 0.60447 1.50801 0.17499  -0.20431 0.14059  11 G A C6    
229 O O6    . G A 11 ? 1.12453 0.58523 1.49483 0.21145  -0.21045 0.12051  11 G A O6    
230 N N1    . G A 11 ? 1.26676 0.72833 1.63401 0.11968  -0.23974 0.18378  11 G A N1    
231 C C2    . G A 11 ? 1.18880 0.70317 1.57463 0.08742  -0.23532 0.21022  11 G A C2    
232 N N2    . G A 11 ? 1.09729 0.61035 1.45616 0.03496  -0.27262 0.26576  11 G A N2    
233 N N3    . G A 11 ? 1.19402 0.76628 1.62059 0.10580  -0.20263 0.18925  11 G A N3    
234 C C4    . G A 11 ? 1.09936 0.68491 1.55713 0.14794  -0.17463 0.15113  11 G A C4    
235 P P     . U A 12 ? 1.41179 1.15428 1.94113 0.15301  -0.17971 0.13415  12 U A P     
236 O OP1   . U A 12 ? 1.45471 1.21293 1.94215 0.13076  -0.19228 0.17126  12 U A OP1   
237 O OP2   . U A 12 ? 1.52324 1.24436 2.08109 0.16368  -0.19739 0.11936  12 U A OP2   
238 O "O5'" . U A 12 ? 1.34048 1.11511 1.86151 0.17186  -0.17553 0.11837  12 U A "O5'" 
239 C "C5'" . U A 12 ? 1.20078 0.95549 1.75423 0.17928  -0.17418 0.09682  12 U A "C5'" 
240 C "C4'" . U A 12 ? 1.19531 0.94499 1.72121 0.20795  -0.20070 0.07422  12 U A "C4'" 
241 O "O4'" . U A 12 ? 1.12586 0.85692 1.66302 0.21489  -0.23125 0.06424  12 U A "O4'" 
242 C "C3'" . U A 12 ? 1.19787 1.00249 1.65694 0.23771  -0.19680 0.07674  12 U A "C3'" 
243 O "O3'" . U A 12 ? 1.31483 1.10270 1.73748 0.27889  -0.21865 0.04579  12 U A "O3'" 
244 C "C2'" . U A 12 ? 1.19574 1.02624 1.63652 0.25004  -0.21621 0.08099  12 U A "C2'" 
245 O "O2'" . U A 12 ? 1.32568 1.22342 1.70330 0.29863  -0.22711 0.07560  12 U A "O2'" 
246 C "C1'" . U A 12 ? 1.10203 0.86315 1.58232 0.24813  -0.24625 0.05617  12 U A "C1'" 
247 N N1    . U A 12 ? 0.97804 0.74139 1.47068 0.24099  -0.25896 0.06327  12 U A N1    
248 C C2    . U A 12 ? 1.07930 0.83232 1.54768 0.27307  -0.29464 0.04058  12 U A C2    
249 O O2    . U A 12 ? 1.18683 0.91889 1.61628 0.31243  -0.32306 0.01165  12 U A O2    
250 N N3    . U A 12 ? 0.99505 0.75242 1.47763 0.26349  -0.30396 0.04953  12 U A N3    
251 C C4    . U A 12 ? 0.98933 0.75070 1.50117 0.22992  -0.28838 0.07548  12 U A C4    
252 O O4    . U A 12 ? 1.11912 0.87750 1.63678 0.22794  -0.30485 0.07898  12 U A O4    
253 C C5    . U A 12 ? 0.93230 0.69149 1.45761 0.20577  -0.26088 0.09290  12 U A C5    
254 C C6    . U A 12 ? 0.92210 0.68681 1.44049 0.21000  -0.24420 0.08754  12 U A C6    
255 P P     . N A 13 ? 1.48054 1.25989 1.89748 0.27912  -0.20225 0.04228  13 N A P     
256 O OP1   . N A 13 ? 1.61503 1.31234 2.02233 0.30341  -0.25345 0.00680  13 N A OP1   
257 O OP2   . N A 13 ? 1.30983 1.09109 1.78068 0.22711  -0.16350 0.07137  13 N A OP2   
258 O "O5'" . N A 13 ? 1.68679 1.56277 2.03284 0.32068  -0.18427 0.05135  13 N A "O5'" 
259 C "C5'" . N A 13 ? 1.71586 1.67669 2.06415 0.28952  -0.14904 0.10049  13 N A "C5'" 
260 C "C4'" . N A 13 ? 1.81986 1.88212 2.11612 0.32071  -0.13010 0.11811  13 N A "C4'" 
261 O "O4'" . N A 13 ? 1.76606 1.91658 2.07087 0.27447  -0.10890 0.18413  13 N A "O4'" 
262 C "C3'" . N A 13 ? 1.82845 1.85415 2.12640 0.32207  -0.11512 0.10220  13 N A "C3'" 
263 O "O3'" . N A 13 ? 1.86588 1.82919 2.12843 0.37877  -0.14964 0.04779  13 N A "O3'" 
264 C "C2'" . N A 13 ? 1.75909 1.91558 2.02474 0.32421  -0.08571 0.14920  13 N A "C2'" 
265 O "O2'" . N A 13 ? 1.74372 2.00588 1.93539 0.40618  -0.09637 0.13714  13 N A "O2'" 
266 C "C1'" . N A 13 ? 1.73735 1.94136 2.02930 0.26825  -0.08357 0.20787  13 N A "C1'" 
267 O "O3'" . N A 14 ? 2.50626 3.19740 2.67714 0.34677  -0.03881 0.34076  14 N A "O3'" 
268 P P     . N A 15 ? 2.51687 3.12815 2.75439 0.22941  -0.04286 0.39851  15 N A P     
269 O OP1   . N A 15 ? 2.57640 3.16208 2.83592 0.19449  -0.07281 0.42024  15 N A OP1   
270 O OP2   . N A 15 ? 2.48264 3.22134 2.71902 0.18915  -0.03068 0.48063  15 N A OP2   
271 O "O5'" . N A 15 ? 2.48192 2.88972 2.75276 0.21485  -0.03534 0.32698  15 N A "O5'" 
272 C "C5'" . N A 15 ? 2.40854 2.73603 2.71593 0.14716  -0.03019 0.34969  15 N A "C5'" 
273 C "C4'" . N A 15 ? 2.37337 2.68979 2.70054 0.07652  -0.06240 0.41328  15 N A "C4'" 
274 O "O4'" . N A 15 ? 2.40886 2.64772 2.75083 0.08093  -0.08485 0.38240  15 N A "O4'" 
275 C "C3'" . N A 15 ? 2.23123 2.43537 2.58000 0.01706  -0.07573 0.42857  15 N A "C3'" 
276 O "O3'" . N A 15 ? 1.96009 2.23885 2.29836 -0.01728 -0.07320 0.48956  15 N A "O3'" 
277 C "C2'" . N A 15 ? 2.34823 2.48343 2.70525 -0.02537 -0.12650 0.45529  15 N A "C2'" 
278 O "O2'" . N A 15 ? 2.37262 2.61660 2.71798 -0.07491 -0.16282 0.55051  15 N A "O2'" 
279 C "C1'" . N A 15 ? 2.39225 2.52477 2.75449 0.02405  -0.11798 0.40295  15 N A "C1'" 
280 P P     . C A 16 ? 1.52007 1.76082 1.86061 -0.00414 -0.03599 0.45565  16 C A P     
281 O OP1   . C A 16 ? 1.57058 1.92023 1.89829 -0.04404 -0.03995 0.53581  16 C A OP1   
282 O OP2   . C A 16 ? 1.33497 1.57499 1.67084 0.06730  0.00019  0.38096  16 C A OP2   
283 O "O5'" . C A 16 ? 1.32960 1.39444 1.69025 -0.03073 -0.05481 0.42214  16 C A "O5'" 
284 C "C5'" . C A 16 ? 1.16076 1.16544 1.51180 -0.08776 -0.09724 0.47066  16 C A "C5'" 
285 C "C4'" . C A 16 ? 1.07723 0.93376 1.43310 -0.07509 -0.10172 0.41495  16 C A "C4'" 
286 O "O4'" . C A 16 ? 1.14561 0.92924 1.51175 -0.04617 -0.11476 0.36777  16 C A "O4'" 
287 C "C3'" . C A 16 ? 0.98221 0.84035 1.35674 -0.03705 -0.04378 0.36206  16 C A "C3'" 
288 O "O3'" . C A 16 ? 0.99277 0.87661 1.35582 -0.06016 -0.03342 0.39244  16 C A "O3'" 
289 C "C2'" . C A 16 ? 1.00498 0.75437 1.39175 -0.00925 -0.05057 0.30742  16 C A "C2'" 
290 O "O2'" . C A 16 ? 1.11570 0.77478 1.47282 -0.02505 -0.09125 0.31797  16 C A "O2'" 
291 C "C1'" . C A 16 ? 0.99459 0.72437 1.38114 -0.00474 -0.08282 0.30449  16 C A "C1'" 
292 N N1    . C A 16 ? 1.02652 0.79841 1.44548 0.03116  -0.04897 0.26505  16 C A N1    
293 C C2    . C A 16 ? 0.94824 0.69107 1.40059 0.06422  -0.02783 0.21794  16 C A C2    
294 O O2    . C A 16 ? 0.90551 0.60438 1.35751 0.07506  -0.02856 0.20454  16 C A O2    
295 N N3    . C A 16 ? 0.74446 0.51616 1.22718 0.08510  -0.01351 0.19328  16 C A N3    
296 C C4    . C A 16 ? 0.79542 0.61045 1.26563 0.08735  -0.01876 0.20061  16 C A C4    
297 N N4    . C A 16 ? 0.76013 0.58052 1.25215 0.11042  -0.01837 0.17261  16 C A N4    
298 C C5    . C A 16 ? 0.93573 0.80072 1.36875 0.06725  -0.03135 0.24345  16 C A C5    
299 C C6    . C A 16 ? 0.97752 0.82499 1.39179 0.03318  -0.04632 0.28066  16 C A C6    
300 P P     . C A 17 ? 1.04398 0.98800 1.42022 -0.02819 0.02735  0.36267  17 C A P     
301 O OP1   . C A 17 ? 1.03916 1.01915 1.39899 -0.06172 0.02809  0.41002  17 C A OP1   
302 O OP2   . C A 17 ? 0.95056 0.97554 1.32780 0.01119  0.04898  0.34361  17 C A OP2   
303 O "O5'" . C A 17 ? 1.05413 0.90731 1.45736 0.00036  0.04565  0.30061  17 C A "O5'" 
304 C "C5'" . C A 17 ? 1.01178 0.78448 1.40604 -0.00800 0.02887  0.29641  17 C A "C5'" 
305 C "C4'" . C A 17 ? 0.96180 0.70795 1.38835 0.03098  0.05634  0.24519  17 C A "C4'" 
306 O "O4'" . C A 17 ? 0.93512 0.66758 1.38060 0.05426  0.04456  0.22071  17 C A "O4'" 
307 C "C3'" . C A 17 ? 0.97800 0.78090 1.43870 0.04410  0.10351  0.22779  17 C A "C3'" 
308 O "O3'" . C A 17 ? 1.00557 0.81849 1.45924 0.03406  0.12483  0.23763  17 C A "O3'" 
309 C "C2'" . C A 17 ? 0.97523 0.77177 1.47910 0.07174  0.11105  0.19612  17 C A "C2'" 
310 O "O2'" . C A 17 ? 1.05728 0.83712 1.56410 0.08854  0.11647  0.18711  17 C A "O2'" 
311 C "C1'" . C A 17 ? 0.89532 0.66428 1.38871 0.07769  0.07753  0.19343  17 C A "C1'" 
312 N N1    . C A 17 ? 0.80662 0.60512 1.31536 0.07918  0.07583  0.18870  17 C A N1    
313 C C2    . C A 17 ? 0.88131 0.69576 1.43673 0.09356  0.08152  0.16994  17 C A C2    
314 O O2    . C A 17 ? 0.96858 0.79820 1.55951 0.10212  0.09425  0.16622  17 C A O2    
315 N N3    . C A 17 ? 0.87613 0.69694 1.43583 0.09802  0.06677  0.16209  17 C A N3    
316 C C4    . C A 17 ? 0.78406 0.61520 1.30194 0.09901  0.05563  0.16915  17 C A C4    
317 N N4    . C A 17 ? 0.83904 0.67568 1.35218 0.11645  0.03713  0.15471  17 C A N4    
318 C C5    . C A 17 ? 0.76793 0.61381 1.24626 0.08180  0.05608  0.19824  17 C A C5    
319 C C6    . C A 17 ? 0.83453 0.65352 1.31075 0.06719  0.06191  0.20854  17 C A C6    
320 P P     . C A 18 ? 0.98911 0.86147 1.45011 0.03798  0.15793  0.23661  18 C A P     
321 O OP1   . C A 18 ? 1.06901 0.94926 1.51423 0.02111  0.17346  0.25605  18 C A OP1   
322 O OP2   . C A 18 ? 1.02657 0.94687 1.46736 0.04720  0.14816  0.24391  18 C A OP2   
323 O "O5'" . C A 18 ? 1.11141 0.97728 1.62191 0.05743  0.17264  0.20482  18 C A "O5'" 
324 C "C5'" . C A 18 ? 1.03208 0.88756 1.57236 0.06225  0.18326  0.19850  18 C A "C5'" 
325 C "C4'" . C A 18 ? 0.89216 0.77343 1.48961 0.06935  0.18610  0.18989  18 C A "C4'" 
326 O "O4'" . C A 18 ? 0.88301 0.76021 1.49548 0.07798  0.16305  0.18351  18 C A "O4'" 
327 C "C3'" . C A 18 ? 0.87083 0.75445 1.47851 0.06274  0.18149  0.18698  18 C A "C3'" 
328 O "O3'" . C A 18 ? 0.99263 0.88784 1.60523 0.05465  0.20222  0.19342  18 C A "O3'" 
329 C "C2'" . C A 18 ? 0.79582 0.68716 1.45672 0.05915  0.15673  0.18915  18 C A "C2'" 
330 O "O2'" . C A 18 ? 0.79072 0.73330 1.50888 0.04924  0.16924  0.21065  18 C A "O2'" 
331 C "C1'" . C A 18 ? 0.80659 0.69434 1.45826 0.07130  0.14801  0.18353  18 C A "C1'" 
332 N N1    . C A 18 ? 0.77485 0.63240 1.39515 0.07807  0.12184  0.17034  18 C A N1    
333 C C2    . C A 18 ? 0.86992 0.71393 1.51815 0.07701  0.08779  0.16595  18 C A C2    
334 O O2    . C A 18 ? 0.90083 0.76598 1.60739 0.05981  0.07758  0.18378  18 C A O2    
335 N N3    . C A 18 ? 0.87086 0.68701 1.48183 0.09378  0.06105  0.14862  18 C A N3    
336 C C4    . C A 18 ? 0.82958 0.65648 1.38495 0.10879  0.07211  0.14443  18 C A C4    
337 N N4    . C A 18 ? 0.78281 0.60542 1.30177 0.13268  0.04673  0.13059  18 C A N4    
338 C C5    . C A 18 ? 0.78465 0.63489 1.31947 0.09820  0.10317  0.16133  18 C A C5    
339 C C6    . C A 18 ? 0.82002 0.67178 1.38480 0.08424  0.12447  0.16935  18 C A C6    
340 P P     . A A 19 ? 1.01208 1.01907 1.12705 -0.01940 0.08875  0.20176  19 A A P     
341 O OP1   . A A 19 ? 1.09249 1.08892 1.16328 -0.02550 0.07114  0.19502  19 A A OP1   
342 O OP2   . A A 19 ? 0.92206 0.97742 1.08002 -0.01662 0.07974  0.22209  19 A A OP2   
343 O "O5'" . A A 19 ? 1.07558 1.06543 1.17519 -0.00589 0.11392  0.19561  19 A A "O5'" 
344 C "C5'" . A A 19 ? 1.01506 1.02747 1.10917 0.00371  0.11194  0.20520  19 A A "C5'" 
345 C "C4'" . A A 19 ? 0.94674 0.95667 1.07019 0.00850  0.12880  0.20809  19 A A "C4'" 
346 O "O4'" . A A 19 ? 0.96894 0.99155 1.14701 0.00693  0.12773  0.21282  19 A A "O4'" 
347 C "C3'" . A A 19 ? 0.89028 0.91498 1.00825 0.01698  0.11868  0.22002  19 A A "C3'" 
348 O "O3'" . A A 19 ? 0.95730 0.95815 1.02525 0.01962  0.12554  0.21576  19 A A "O3'" 
349 C "C2'" . A A 19 ? 0.75585 0.78638 0.92717 0.01653  0.12247  0.22567  19 A A "C2'" 
350 O "O2'" . A A 19 ? 0.77941 0.79271 0.96138 0.01139  0.14515  0.22027  19 A A "O2'" 
351 C "C1'" . A A 19 ? 0.78662 0.82450 0.99547 0.01291  0.12317  0.22340  19 A A "C1'" 
352 N N9    . A A 19 ? 0.70261 0.76253 0.92826 0.01711  0.10280  0.23653  19 A A N9    
353 C C8    . A A 19 ? 0.65352 0.72522 0.87847 0.01191  0.09427  0.24064  19 A A C8    
354 N N7    . A A 19 ? 0.68992 0.77955 0.93003 0.01786  0.08232  0.25610  19 A A N7    
355 C C5    . A A 19 ? 0.67595 0.75890 0.92065 0.02969  0.07843  0.25996  19 A A C5    
356 C C6    . A A 19 ? 0.70772 0.79070 0.95478 0.04332  0.06422  0.27372  19 A A C6    
357 N N6    . A A 19 ? 0.74138 0.83564 0.98718 0.04909  0.05837  0.28832  19 A A N6    
358 N N1    . A A 19 ? 0.69374 0.75964 0.94112 0.05025  0.05516  0.27334  19 A A N1    
359 C C2    . A A 19 ? 0.84514 0.90303 1.09922 0.04122  0.06466  0.26263  19 A A C2    
360 N N3    . A A 19 ? 0.85062 0.90919 1.10180 0.03033  0.08488  0.25081  19 A A N3    
361 C C4    . A A 19 ? 0.69212 0.75981 0.93397 0.02656  0.08919  0.24865  19 A A C4    
362 P P     . G A 20 ? 0.89939 0.90415 0.92006 0.03315  0.10622  0.22397  20 G A P     
363 O OP1   . G A 20 ? 1.06377 1.03074 1.02359 0.03418  0.11554  0.21618  20 G A OP1   
364 O OP2   . G A 20 ? 0.82859 0.86970 0.85581 0.04005  0.08850  0.23108  20 G A OP2   
365 O "O5'" . G A 20 ? 0.79838 0.80300 0.83942 0.03773  0.09767  0.23553  20 G A "O5'" 
366 C "C5'" . G A 20 ? 0.85846 0.84190 0.91915 0.02670  0.10903  0.23506  20 G A "C5'" 
367 C "C4'" . G A 20 ? 0.87273 0.85163 0.94544 0.03112  0.08754  0.24662  20 G A "C4'" 
368 O "O4'" . G A 20 ? 0.86287 0.86801 0.97622 0.03774  0.07581  0.25216  20 G A "O4'" 
369 C "C3'" . G A 20 ? 0.87072 0.82583 0.87294 0.04850  0.06689  0.25281  20 G A "C3'" 
370 O "O3'" . G A 20 ? 0.98459 0.90908 0.98394 0.04512  0.04900  0.26004  20 G A "O3'" 
371 C "C2'" . G A 20 ? 0.85224 0.83701 0.85475 0.06793  0.05439  0.26000  20 G A "C2'" 
372 O "O2'" . G A 20 ? 0.97653 0.94195 0.92582 0.09213  0.03427  0.26991  20 G A "O2'" 
373 C "C1'" . G A 20 ? 0.76901 0.77203 0.84155 0.05799  0.05472  0.26207  20 G A "C1'" 
374 N N9    . G A 20 ? 0.74807 0.78458 0.84295 0.06451  0.05524  0.26698  20 G A N9    
375 C C8    . G A 20 ? 0.75695 0.81829 0.86676 0.05612  0.06768  0.26168  20 G A C8    
376 N N7    . G A 20 ? 0.76749 0.85421 0.89940 0.05964  0.06375  0.27117  20 G A N7    
377 C C5    . G A 20 ? 0.75432 0.83026 0.88001 0.07509  0.05089  0.28273  20 G A C5    
378 C C6    . G A 20 ? 0.78738 0.87429 0.92144 0.08695  0.04505  0.29781  20 G A C6    
379 O O6    . G A 20 ? 0.72180 0.83606 0.87895 0.08225  0.05149  0.30591  20 G A O6    
380 N N1    . G A 20 ? 0.77043 0.82517 0.87750 0.10478  0.02870  0.30475  20 G A N1    
381 C C2    . G A 20 ? 0.83484 0.85323 0.91654 0.10624  0.01562  0.29848  20 G A C2    
382 N N2    . G A 20 ? 0.84657 0.82727 0.89756 0.12319  -0.00683 0.30613  20 G A N2    
383 N N3    . G A 20 ? 0.80983 0.82278 0.89109 0.09116  0.02264  0.28666  20 G A N3    
384 C C4    . G A 20 ? 0.76985 0.81234 0.87142 0.07817  0.04228  0.27925  20 G A C4    
385 P P     . U A 21 ? 0.98754 0.86347 0.94278 0.03303  0.04905  0.26045  21 U A P     
386 O OP1   . U A 21 ? 0.99917 0.87863 0.96020 0.01818  0.08225  0.25220  21 U A OP1   
387 O OP2   . U A 21 ? 1.10122 0.93801 0.96828 0.05679  0.02586  0.26439  21 U A OP2   
388 O "O5'" . U A 21 ? 1.04071 0.90747 1.05332 0.01249  0.03460  0.26834  21 U A "O5'" 
389 C "C5'" . U A 21 ? 0.90540 0.81054 1.01096 -0.00625 0.05292  0.26796  21 U A "C5'" 
390 C "C4'" . U A 21 ? 0.97371 0.87651 1.13448 -0.01778 0.02472  0.27748  21 U A "C4'" 
391 O "O4'" . U A 21 ? 1.04255 0.95661 1.21184 0.00196  0.00188  0.27822  21 U A "O4'" 
392 C "C3'" . U A 21 ? 1.00678 0.85289 1.11863 -0.02612 -0.00840 0.28579  21 U A "C3'" 
393 O "O3'" . U A 21 ? 1.03962 0.89386 1.23072 -0.05382 -0.02182 0.29536  21 U A "O3'" 
394 C "C2'" . U A 21 ? 1.06226 0.88006 1.11528 0.00315  -0.04494 0.28686  21 U A "C2'" 
395 O "O2'" . U A 21 ? 1.16964 0.93039 1.19007 -0.00060 -0.08927 0.29447  21 U A "O2'" 
396 C "C1'" . U A 21 ? 1.01466 0.88189 1.13745 0.01071  -0.04035 0.28534  21 U A "C1'" 
397 N N1    . U A 21 ? 1.03130 0.89455 1.10435 0.04281  -0.05067 0.28577  21 U A N1    
398 C C2    . U A 21 ? 1.05843 0.89675 1.12501 0.05604  -0.08539 0.29207  21 U A C2    
399 O O2    . U A 21 ? 1.18639 1.00572 1.28849 0.04107  -0.11391 0.29575  21 U A O2    
400 N N3    . U A 21 ? 1.07355 0.90991 1.09125 0.08743  -0.08606 0.29557  21 U A N3    
401 C C4    . U A 21 ? 1.09565 0.96153 1.08432 0.10333  -0.05830 0.29483  21 U A C4    
402 O O4    . U A 21 ? 1.15978 1.02778 1.11485 0.13014  -0.05902 0.30263  21 U A O4    
403 C C5    . U A 21 ? 1.01032 0.90111 1.01166 0.08649  -0.03066 0.28655  21 U A C5    
404 C C6    . U A 21 ? 0.98002 0.86412 1.01566 0.05910  -0.02661 0.28182  21 U A C6    
405 P P     . U A 22 ? 1.09262 0.92818 1.29830 -0.08879 -0.00988 0.30510  22 U A P     
406 O OP1   . U A 22 ? 1.17925 0.94539 1.26746 -0.08173 -0.02152 0.30372  22 U A OP1   
407 O OP2   . U A 22 ? 1.15223 1.00284 1.45002 -0.11591 -0.03694 0.31841  22 U A OP2   
408 O "O5'" . U A 22 ? 0.97981 0.86290 1.22849 -0.09426 0.05137  0.30077  22 U A "O5'" 
409 C "C5'" . U A 22 ? 0.79314 0.73912 1.15274 -0.10206 0.07594  0.30372  22 U A "C5'" 
410 C "C4'" . U A 22 ? 0.85575 0.82425 1.21740 -0.09723 0.13394  0.29680  22 U A "C4'" 
411 O "O4'" . U A 22 ? 0.93284 0.86685 1.24931 -0.11475 0.15854  0.30328  22 U A "O4'" 
412 C "C3'" . U A 22 ? 0.84773 0.80886 1.14090 -0.06913 0.14301  0.27931  22 U A "C3'" 
413 O "O3'" . U A 22 ? 0.97015 0.96207 1.30108 -0.06268 0.18577  0.27256  22 U A "O3'" 
414 C "C2'" . U A 22 ? 0.93675 0.84535 1.12590 -0.06827 0.14766  0.27622  22 U A "C2'" 
415 O "O2'" . U A 22 ? 0.96648 0.86902 1.09870 -0.05000 0.16905  0.26211  22 U A "O2'" 
416 C "C1'" . U A 22 ? 0.83795 0.73783 1.05433 -0.09575 0.17547  0.28934  22 U A "C1'" 
417 N N1    . U A 22 ? 0.95202 0.79037 1.08551 -0.10652 0.16348  0.29505  22 U A N1    
418 C C2    . U A 22 ? 1.01799 0.82475 1.09686 -0.11129 0.20236  0.29496  22 U A C2    
419 O O2    . U A 22 ? 0.98376 0.80880 1.07464 -0.10477 0.24592  0.28955  22 U A O2    
420 N N3    . U A 22 ? 0.98707 0.72936 0.98537 -0.12155 0.18747  0.30132  22 U A N3    
421 C C4    . U A 22 ? 1.04031 0.74350 1.00439 -0.12618 0.13756  0.30685  22 U A C4    
422 O O4    . U A 22 ? 1.12464 0.76053 1.00573 -0.13363 0.12823  0.31181  22 U A O4    
423 C C5    . U A 22 ? 0.96334 0.69992 0.98415 -0.11935 0.09959  0.30617  22 U A C5    
424 C C6    . U A 22 ? 0.91454 0.71738 1.01768 -0.11065 0.11410  0.30085  22 U A C6    
425 P P     . A A 23 ? 0.94658 0.98234 1.35088 -0.04915 0.18306  0.26802  23 A A P     
426 O OP1   . A A 23 ? 0.91690 0.96566 1.33684 -0.04071 0.23089  0.26064  23 A A OP1   
427 O OP2   . A A 23 ? 0.83246 0.89363 1.31811 -0.05955 0.15287  0.28069  23 A A OP2   
428 O "O5'" . A A 23 ? 0.83121 0.85195 1.17334 -0.03029 0.15382  0.25788  23 A A "O5'" 
429 C "C5'" . A A 23 ? 0.86456 0.86676 1.13508 -0.01961 0.16722  0.24595  23 A A "C5'" 
430 C "C4'" . A A 23 ? 0.81282 0.82430 1.06948 -0.00488 0.14390  0.24157  23 A A "C4'" 
431 O "O4'" . A A 23 ? 0.94992 0.95344 1.18684 0.00030  0.10749  0.25034  23 A A "O4'" 
432 C "C3'" . A A 23 ? 0.71790 0.75565 1.04035 -0.00029 0.14583  0.24012  23 A A "C3'" 
433 O "O3'" . A A 23 ? 0.85348 0.88724 1.16608 0.00365  0.17202  0.22863  23 A A "O3'" 
434 C "C2'" . A A 23 ? 0.74889 0.79002 1.05979 0.00992  0.11175  0.24530  23 A A "C2'" 
435 O "O2'" . A A 23 ? 0.79973 0.84053 1.06964 0.01621  0.11286  0.24003  23 A A "O2'" 
436 C "C1'" . A A 23 ? 0.86799 0.88871 1.13520 0.01024  0.08883  0.25320  23 A A "C1'" 
437 N N9    . A A 23 ? 0.88481 0.90148 1.18951 0.00715  0.06230  0.26272  23 A A N9    
438 C C8    . A A 23 ? 0.87249 0.89876 1.24125 -0.00836 0.06422  0.26743  23 A A C8    
439 N N7    . A A 23 ? 0.92941 0.94507 1.31752 -0.00923 0.02727  0.27604  23 A A N7    
440 C C5    . A A 23 ? 0.86799 0.85959 1.19022 0.01060  0.00403  0.27657  23 A A C5    
441 C C6    . A A 23 ? 0.85277 0.81291 1.14452 0.02396  -0.03684 0.28370  23 A A C6    
442 N N6    . A A 23 ? 0.97367 0.91758 1.29965 0.01577  -0.07115 0.29002  23 A A N6    
443 N N1    . A A 23 ? 0.87319 0.81743 1.09628 0.04737  -0.04216 0.28539  23 A A N1    
444 C C2    . A A 23 ? 0.84460 0.81075 1.04376 0.05256  -0.01309 0.28078  23 A A C2    
445 N N3    . A A 23 ? 0.84291 0.83434 1.06426 0.03906  0.01872  0.27229  23 A A N3    
446 C C4    . A A 23 ? 0.83855 0.83746 1.11609 0.02005  0.02752  0.27001  23 A A C4    
447 P P     . A A 24 ? 0.78757 0.83514 1.16209 0.00991  0.19081  0.22476  24 A A P     
448 O OP1   . A A 24 ? 0.77762 0.85237 1.22950 0.00649  0.19106  0.23561  24 A A OP1   
449 O OP2   . A A 24 ? 0.82670 0.87178 1.19332 0.01671  0.17284  0.22079  24 A A OP2   
450 O "O5'" . A A 24 ? 0.84610 0.86931 1.18599 0.01262  0.23141  0.21382  24 A A "O5'" 
451 C "C5'" . A A 24 ? 0.88754 0.90290 1.21616 0.00620  0.25844  0.21772  24 A A "C5'" 
452 C "C4'" . A A 24 ? 0.88808 0.86213 1.14779 0.01303  0.29004  0.20535  24 A A "C4'" 
453 O "O4'" . A A 24 ? 0.97816 0.92425 1.15889 0.01138  0.26605  0.19688  24 A A "O4'" 
454 C "C3'" . A A 24 ? 0.99676 0.95366 1.25648 0.02894  0.31053  0.19412  24 A A "C3'" 
455 O "O3'" . A A 24 ? 1.03139 1.00718 1.35104 0.03909  0.34900  0.20034  24 A A "O3'" 
456 C "C2'" . A A 24 ? 1.01277 0.91233 1.17171 0.03298  0.31884  0.17983  24 A A "C2'" 
457 O "O2'" . A A 24 ? 1.05236 0.92765 1.18068 0.03723  0.36104  0.18184  24 A A "O2'" 
458 C "C1'" . A A 24 ? 0.91490 0.81931 1.03809 0.02017  0.28018  0.18196  24 A A "C1'" 
459 N N9    . A A 24 ? 0.99457 0.89781 1.10122 0.01855  0.24501  0.17544  24 A A N9    
460 C C8    . A A 24 ? 0.90273 0.84245 1.05492 0.01402  0.21486  0.18330  24 A A C8    
461 N N7    . A A 24 ? 0.93572 0.86766 1.06361 0.01013  0.19128  0.17856  24 A A N7    
462 C C5    . A A 24 ? 0.97207 0.85623 1.03291 0.01203  0.20066  0.16468  24 A A C5    
463 C C6    . A A 24 ? 1.04780 0.90001 1.05839 0.00670  0.17945  0.15448  24 A A C6    
464 N N6    . A A 24 ? 0.96264 0.83609 0.99387 -0.00502 0.14748  0.15959  24 A A N6    
465 N N1    . A A 24 ? 1.00316 0.79744 0.93970 0.01262  0.19113  0.14030  24 A A N1    
466 C C2    . A A 24 ? 1.11895 0.89201 1.03424 0.02415  0.22878  0.13869  24 A A C2    
467 N N3    . A A 24 ? 1.12002 0.92693 1.08745 0.02681  0.25481  0.15025  24 A A N3    
468 C C4    . A A 24 ? 1.05858 0.92079 1.09924 0.01969  0.23544  0.16209  24 A A C4    
469 P P     . C A 25 ? 1.01241 0.99235 1.37374 0.05972  0.35781  0.19477  25 C A P     
470 O OP1   . C A 25 ? 0.97209 0.99554 1.42117 0.06940  0.39277  0.20797  25 C A OP1   
471 O OP2   . C A 25 ? 0.99571 0.98448 1.36911 0.05420  0.31069  0.19270  25 C A OP2   
472 O "O5'" . C A 25 ? 1.14190 1.05230 1.40870 0.07619  0.38082  0.17678  25 C A "O5'" 
473 C "C5'" . C A 25 ? 1.13440 1.00993 1.34547 0.08403  0.42366  0.17506  25 C A "C5'" 
474 C "C4'" . C A 25 ? 1.27507 1.06898 1.37534 0.09724  0.42552  0.15494  25 C A "C4'" 
475 O "O4'" . C A 25 ? 1.23544 1.00935 1.27790 0.07760  0.37942  0.14746  25 C A "O4'" 
476 C "C3'" . C A 25 ? 1.33371 1.09616 1.42613 0.11556  0.41839  0.14287  25 C A "C3'" 
477 O "O3'" . C A 25 ? 1.35850 1.11145 1.46714 0.14710  0.46903  0.14405  25 C A "O3'" 
478 C "C2'" . C A 25 ? 1.39832 1.08287 1.37831 0.11121  0.39095  0.12434  25 C A "C2'" 
479 O "O2'" . C A 25 ? 1.53878 1.15197 1.42715 0.13238  0.42875  0.11459  25 C A "O2'" 
480 C "C1'" . C A 25 ? 1.30631 1.02253 1.28435 0.08303  0.35742  0.13050  25 C A "C1'" 
481 N N1    . C A 25 ? 1.24381 0.99246 1.25703 0.06339  0.30611  0.13301  25 C A N1    
482 C C2    . C A 25 ? 1.34521 1.04971 1.29739 0.05388  0.26986  0.12135  25 C A C2    
483 O O2    . C A 25 ? 1.53137 1.16414 1.39599 0.06270  0.27592  0.10668  25 C A O2    
484 N N3    . C A 25 ? 1.26662 1.00549 1.25549 0.03491  0.22868  0.12774  25 C A N3    
485 C C4    . C A 25 ? 1.15581 0.96014 1.22495 0.02978  0.22314  0.14306  25 C A C4    
486 N N4    . C A 25 ? 1.12440 0.95649 1.22001 0.01414  0.18766  0.15115  25 C A N4    
487 C C5    . C A 25 ? 1.09831 0.94037 1.22332 0.03981  0.25276  0.15238  25 C A C5    
488 C C6    . C A 25 ? 1.11359 0.93127 1.21524 0.05417  0.29332  0.14801  25 C A C6    
489 P P     . A A 26 ? 1.41244 1.17687 1.57759 0.16866  0.46646  0.14250  26 A A P     
490 O OP1   . A A 26 ? 1.44128 1.21237 1.63414 0.20507  0.52808  0.14873  26 A A OP1   
491 O OP2   . A A 26 ? 1.29776 1.13044 1.55300 0.14616  0.42365  0.15323  26 A A OP2   
492 O "O5'" . A A 26 ? 1.59369 1.26368 1.65273 0.17447  0.43816  0.12040  26 A A "O5'" 
493 C "C5'" . A A 26 ? 1.55524 1.22290 1.63246 0.16283  0.39135  0.11668  26 A A "C5'" 
494 C "C4'" . A A 26 ? 1.53878 1.15368 1.53544 0.13678  0.34523  0.10523  26 A A "C4'" 
495 O "O4'" . A A 26 ? 1.43380 1.11064 1.46906 0.10459  0.31652  0.11654  26 A A "O4'" 
496 C "C3'" . A A 26 ? 1.55474 1.13050 1.53587 0.12920  0.30486  0.09856  26 A A "C3'" 
497 O "O3'" . A A 26 ? 1.66580 1.14502 1.56288 0.15509  0.31586  0.08175  26 A A "O3'" 
498 C "C2'" . A A 26 ? 1.46324 1.04450 1.42126 0.09070  0.25699  0.09976  26 A A "C2'" 
499 O "O2'" . A A 26 ? 1.57260 1.07632 1.42728 0.08848  0.24801  0.08426  26 A A "O2'" 
500 C "C1'" . A A 26 ? 1.34488 1.00846 1.36076 0.07988  0.26665  0.11416  26 A A "C1'" 
501 N N9    . A A 26 ? 1.20647 0.94312 1.30941 0.06510  0.24473  0.13057  26 A A N9    
502 C C8    . A A 26 ? 1.12097 0.92122 1.30591 0.07262  0.26040  0.14378  26 A A C8    
503 N N7    . A A 26 ? 0.99281 0.83636 1.22803 0.05893  0.23103  0.15595  26 A A N7    
504 C C5    . A A 26 ? 1.09725 0.91226 1.28829 0.04021  0.19896  0.15293  26 A A C5    
505 C C6    . A A 26 ? 1.03082 0.86917 1.24161 0.02109  0.16489  0.16458  26 A A C6    
506 N N6    . A A 26 ? 0.88827 0.77461 1.15642 0.02156  0.15599  0.17960  26 A A N6    
507 N N1    . A A 26 ? 1.07858 0.88667 1.24625 0.00149  0.13964  0.16197  26 A A N1    
508 C C2    . A A 26 ? 1.13833 0.88762 1.23955 0.00155  0.14206  0.14576  26 A A C2    
509 N N3    . A A 26 ? 1.26130 0.97227 1.32332 0.02241  0.17221  0.13155  26 A A N3    
510 C C4    . A A 26 ? 1.19989 0.95102 1.31370 0.04144  0.20341  0.13722  26 A A C4    
511 P P     . A A 27 ? 1.69965 1.14659 1.61106 0.17714  0.31258  0.07876  27 A A P     
512 O OP1   . A A 27 ? 1.85547 1.19637 1.66487 0.21473  0.33797  0.06076  27 A A OP1   
513 O OP2   . A A 27 ? 1.55725 1.09752 1.58724 0.18743  0.32979  0.09550  27 A A OP2   
514 O "O5'" . A A 27 ? 1.70458 1.12760 1.60102 0.13837  0.25096  0.07871  27 A A "O5'" 
515 C "C5'" . A A 27 ? 1.73033 1.09881 1.54876 0.10983  0.21528  0.06973  27 A A "C5'" 
516 C "C4'" . A A 27 ? 1.65311 1.04673 1.50556 0.06770  0.16401  0.08083  27 A A "C4'" 
517 O "O4'" . A A 27 ? 1.59252 1.09216 1.52652 0.04773  0.16114  0.09871  27 A A "O4'" 
518 C "C3'" . A A 27 ? 1.67673 1.06055 1.56392 0.07108  0.15270  0.08710  27 A A "C3'" 
519 O "O3'" . A A 27 ? 1.82279 1.09344 1.62397 0.07531  0.13355  0.07266  27 A A "O3'" 
520 C "C2'" . A A 27 ? 1.54094 0.99832 1.49554 0.03168  0.12000  0.10758  27 A A "C2'" 
521 O "O2'" . A A 27 ? 1.56916 0.98515 1.48059 -0.00606 0.07681  0.10782  27 A A "O2'" 
522 C "C1'" . A A 27 ? 1.46079 1.00162 1.45660 0.02885  0.13686  0.11467  27 A A "C1'" 
523 N N9    . A A 27 ? 1.25259 0.87059 1.33192 0.04586  0.16095  0.12709  27 A A N9    
524 C C8    . A A 27 ? 1.21163 0.85249 1.31728 0.07665  0.20121  0.12416  27 A A C8    
525 N N7    . A A 27 ? 1.16774 0.87957 1.35508 0.08106  0.20641  0.13835  27 A A N7    
526 C C5    . A A 27 ? 1.10914 0.84098 1.31518 0.05566  0.17047  0.15053  27 A A C5    
527 C C6    . A A 27 ? 1.00233 0.79080 1.27117 0.05017  0.15614  0.16767  27 A A C6    
528 N N6    . A A 27 ? 0.96861 0.80576 1.29923 0.06707  0.16919  0.17442  27 A A N6    
529 N N1    . A A 27 ? 0.95170 0.74232 1.21588 0.02648  0.12650  0.17925  27 A A N1    
530 C C2    . A A 27 ? 1.05101 0.79825 1.26394 0.00469  0.10942  0.17504  27 A A C2    
531 N N3    . A A 27 ? 1.19301 0.88274 1.34595 0.00407  0.11264  0.15810  27 A A N3    
532 C C4    . A A 27 ? 1.11095 0.79161 1.25714 0.03289  0.14522  0.14538  27 A A C4    
533 P P     . A A 28 ? 1.88091 1.09962 1.67716 0.10814  0.14397  0.06919  28 A A P     
534 O OP1   . A A 28 ? 1.86210 0.95735 1.54395 0.13973  0.15398  0.04660  28 A A OP1   
535 O OP2   . A A 28 ? 1.86803 1.18060 1.76416 0.13392  0.17790  0.08149  28 A A OP2   
536 O "O5'" . A A 28 ? 1.96143 1.15923 1.76504 0.06664  0.09359  0.08057  28 A A "O5'" 
537 C "C5'" . A A 28 ? 1.99616 1.17782 1.77222 0.01690  0.05009  0.08438  28 A A "C5'" 
538 C "C4'" . A A 28 ? 1.96915 1.16724 1.78720 -0.02196 0.01515  0.10482  28 A A "C4'" 
539 O "O4'" . A A 28 ? 1.82713 1.14903 1.74384 -0.03497 0.02379  0.12690  28 A A "O4'" 
540 C "C3'" . A A 28 ? 1.97086 1.11012 1.77772 -0.00190 0.01542  0.10532  28 A A "C3'" 
541 O "O3'" . A A 28 ? 2.05085 1.13997 1.83748 -0.04635 -0.02836 0.11713  28 A A "O3'" 
542 C "C2'" . A A 28 ? 1.82414 1.06874 1.73022 0.01379  0.03952  0.12234  28 A A "C2'" 
543 O "O2'" . A A 28 ? 1.88231 1.10342 1.80327 0.01801  0.02957  0.13297  28 A A "O2'" 
544 C "C1'" . A A 28 ? 1.74283 1.08035 1.70413 -0.02644 0.02683  0.14045  28 A A "C1'" 
545 N N9    . A A 28 ? 1.54384 0.98710 1.58735 -0.01191 0.05052  0.15300  28 A A N9    
546 C C8    . A A 28 ? 1.46059 0.94078 1.53813 0.02833  0.08444  0.14634  28 A A C8    
547 N N7    . A A 28 ? 1.35094 0.91916 1.49850 0.02767  0.09092  0.16148  28 A A N7    
548 C C5    . A A 28 ? 1.31528 0.90619 1.47143 -0.01034 0.06448  0.17927  28 A A C5    
549 C C6    . A A 28 ? 1.15616 0.82266 1.36288 -0.02417 0.05894  0.20052  28 A A C6    
550 N N6    . A A 28 ? 1.14317 0.86971 1.39782 -0.00366 0.07333  0.20562  28 A A N6    
551 N N1    . A A 28 ? 1.18321 0.85902 1.38818 -0.05959 0.03722  0.21801  28 A A N1    
552 C C2    . A A 28 ? 1.31568 0.93007 1.47745 -0.08562 0.01682  0.21446  28 A A C2    
553 N N3    . A A 28 ? 1.48109 1.01127 1.58544 -0.07863 0.01308  0.19326  28 A A N3    
554 C C4    . A A 28 ? 1.44091 0.96274 1.54185 -0.03701 0.04040  0.17582  28 A A C4    
555 P P     . A A 29 ? 2.15162 1.12457 1.87811 -0.03509 -0.04381 0.11274  29 A A P     
556 O OP1   . A A 29 ? 2.32146 1.16239 1.93475 -0.04358 -0.07239 0.09269  29 A A OP1   
557 O OP2   . A A 29 ? 2.01690 1.00729 1.77091 0.02195  -0.00602 0.10807  29 A A OP2   
558 O "O5'" . A A 29 ? 2.10189 1.10304 1.87658 -0.08647 -0.07415 0.14270  29 A A "O5'" 
559 C "C5'" . A A 29 ? 1.91992 0.98283 1.76205 -0.07393 -0.05805 0.16138  29 A A "C5'" 
560 C "C4'" . A A 29 ? 1.73888 0.90093 1.65639 -0.11775 -0.06667 0.19159  29 A A "C4'" 
561 O "O4'" . A A 29 ? 1.65216 0.92178 1.62536 -0.10720 -0.04358 0.19077  29 A A "O4'" 
562 C "C3'" . A A 29 ? 1.64428 0.83875 1.60747 -0.11376 -0.06037 0.21512  29 A A "C3'" 
563 O "O3'" . A A 29 ? 1.70603 0.81819 1.63118 -0.14332 -0.08659 0.22905  29 A A "O3'" 
564 C "C2'" . A A 29 ? 1.56352 0.88084 1.60285 -0.13391 -0.05116 0.23730  29 A A "C2'" 
565 O "O2'" . A A 29 ? 1.57804 0.90621 1.62605 -0.18974 -0.07538 0.25882  29 A A "O2'" 
566 C "C1'" . A A 29 ? 1.48025 0.84264 1.52650 -0.11337 -0.03414 0.21599  29 A A "C1'" 
567 N N9    . A A 29 ? 1.45110 0.86172 1.53318 -0.06531 -0.00360 0.20788  29 A A N9    
568 C C8    . A A 29 ? 1.52605 0.90529 1.58816 -0.02169 0.01650  0.18427  29 A A C8    
569 N N7    . A A 29 ? 1.51298 0.95670 1.62952 0.01053  0.03882  0.18542  29 A A N7    
570 C C5    . A A 29 ? 1.34338 0.85457 1.50645 -0.01097 0.03101  0.20897  29 A A C5    
571 C C6    . A A 29 ? 1.09604 0.68122 1.31653 0.00504  0.04020  0.22061  29 A A C6    
572 N N6    . A A 29 ? 1.05820 0.67121 1.31319 0.04198  0.05698  0.21089  29 A A N6    
573 N N1    . A A 29 ? 1.12157 0.74978 1.36215 -0.01800 0.03071  0.24424  29 A A N1    
574 C C2    . A A 29 ? 1.11841 0.72960 1.33769 -0.05678 0.01602  0.25789  29 A A C2    
575 N N3    . A A 29 ? 1.23856 0.78842 1.41562 -0.08114 0.00226  0.25042  29 A A N3    
576 C C4    . A A 29 ? 1.38146 0.87653 1.52510 -0.05525 0.00896  0.22399  29 A A C4    
577 P P     . C A 30 ? 1.83874 0.89518 1.74668 -0.11253 -0.08246 0.23419  30 C A P     
578 O OP1   . C A 30 ? 2.05153 1.00900 1.90658 -0.15317 -0.11335 0.24877  30 C A OP1   
579 O OP2   . C A 30 ? 1.72104 0.74996 1.60791 -0.04984 -0.06215 0.20549  30 C A OP2   
580 O "O5'" . C A 30 ? 1.74809 0.91137 1.73334 -0.10938 -0.06513 0.26023  30 C A "O5'" 
581 C "C5'" . C A 30 ? 1.64206 0.86437 1.66587 -0.15686 -0.07072 0.29178  30 C A "C5'" 
582 C "C4'" . C A 30 ? 1.48838 0.80640 1.57092 -0.13698 -0.04907 0.30878  30 C A "C4'" 
583 O "O4'" . C A 30 ? 1.46908 0.86329 1.58774 -0.11057 -0.03192 0.29073  30 C A "O4'" 
584 C "C3'" . C A 30 ? 1.52607 0.81312 1.59971 -0.09579 -0.04356 0.31030  30 C A "C3'" 
585 O "O3'" . C A 30 ? 1.53904 0.77331 1.58625 -0.11728 -0.05337 0.33699  30 C A "O3'" 
586 C "C2'" . C A 30 ? 1.45708 0.84396 1.58646 -0.06894 -0.02537 0.31339  30 C A "C2'" 
587 O "O2'" . C A 30 ? 1.42214 0.86191 1.57414 -0.09370 -0.02039 0.34545  30 C A "O2'" 
588 C "C1'" . C A 30 ? 1.39264 0.83019 1.54287 -0.07144 -0.01732 0.29299  30 C A "C1'" 
589 N N1    . C A 30 ? 1.39847 0.82590 1.54973 -0.02733 -0.00730 0.26363  30 C A N1    
590 C C2    . C A 30 ? 1.34451 0.83515 1.54234 0.00687  0.00517  0.26133  30 C A C2    
591 O O2    . C A 30 ? 1.29583 0.83674 1.51912 0.00203  0.00483  0.28130  30 C A O2    
592 N N3    . C A 30 ? 1.28471 0.77827 1.49773 0.04459  0.01704  0.23907  30 C A N3    
593 C C4    . C A 30 ? 1.41135 0.84405 1.58620 0.05497  0.02132  0.21886  30 C A C4    
594 N N4    . C A 30 ? 1.36122 0.80552 1.55716 0.09563  0.03969  0.20079  30 C A N4    
595 C C5    . C A 30 ? 1.49302 0.84736 1.60502 0.02413  0.00632  0.21772  30 C A C5    
596 C C6    . C A 30 ? 1.45747 0.81401 1.56442 -0.01937 -0.00987 0.24073  30 C A C6    
597 P P     . A A 31 ? 1.67456 0.81183 1.67260 -0.08220 -0.06209 0.33221  31 A A P     
598 O OP1   . A A 31 ? 1.82895 0.89315 1.78510 -0.12186 -0.07515 0.36015  31 A A OP1   
599 O OP2   . A A 31 ? 1.78752 0.87511 1.75947 -0.04519 -0.06483 0.29648  31 A A OP2   
600 O "O5'" . A A 31 ? 1.65385 0.85083 1.68782 -0.04163 -0.05009 0.34011  31 A A "O5'" 
601 C "C5'" . A A 31 ? 1.63978 0.88777 1.69295 -0.05882 -0.04106 0.37219  31 A A "C5'" 
602 C "C4'" . A A 31 ? 1.59389 0.87350 1.66331 -0.01236 -0.03789 0.37219  31 A A "C4'" 
603 O "O4'" . A A 31 ? 1.47956 0.84406 1.60148 0.00661  -0.02953 0.35297  31 A A "O4'" 
604 C "C3'" . A A 31 ? 1.60565 0.81256 1.64629 0.03264  -0.05322 0.35716  31 A A "C3'" 
605 O "O3'" . A A 31 ? 1.71438 0.84046 1.69966 0.02889  -0.06207 0.37970  31 A A "O3'" 
606 C "C2'" . A A 31 ? 1.59730 0.87143 1.68417 0.07426  -0.05337 0.34662  31 A A "C2'" 
607 O "O2'" . A A 31 ? 1.62604 0.90988 1.70008 0.08014  -0.05482 0.37137  31 A A "O2'" 
608 C "C1'" . A A 31 ? 1.43378 0.79736 1.56996 0.05532  -0.03735 0.33720  31 A A "C1'" 
609 N N9    . A A 31 ? 1.41886 0.79161 1.57913 0.07280  -0.03372 0.30640  31 A A N9    
610 C C8    . A A 31 ? 1.42028 0.75624 1.55828 0.05527  -0.03009 0.29191  31 A A C8    
611 N N7    . A A 31 ? 1.36650 0.71804 1.52646 0.08246  -0.02132 0.26646  31 A A N7    
612 C C5    . A A 31 ? 1.34026 0.75103 1.55220 0.11529  -0.02066 0.26549  31 A A C5    
613 C C6    . A A 31 ? 1.31121 0.77081 1.57669 0.15028  -0.01143 0.24797  31 A A C6    
614 N N6    . A A 31 ? 1.15696 0.61258 1.42675 0.16389  0.00598  0.22736  31 A A N6    
615 N N1    . A A 31 ? 1.23129 0.74165 1.54456 0.17124  -0.02093 0.25416  31 A A N1    
616 C C2    . A A 31 ? 1.24861 0.75153 1.54325 0.16273  -0.03742 0.27448  31 A A C2    
617 N N3    . A A 31 ? 1.34846 0.80806 1.58978 0.13520  -0.04073 0.29319  31 A A N3    
618 C C4    . A A 31 ? 1.39122 0.81041 1.59927 0.10976  -0.03182 0.28846  31 A A C4    
619 P P     . A A 32 ? 1.88215 0.91047 1.82128 0.07248  -0.08244 0.36729  32 A A P     
620 O OP1   . A A 32 ? 2.03814 0.96032 1.90714 0.04294  -0.08989 0.38383  32 A A OP1   
621 O OP2   . A A 32 ? 1.99336 1.04155 1.96669 0.10973  -0.08538 0.33236  32 A A OP2   
622 O "O5'" . A A 32 ? 1.91371 0.95251 1.84978 0.10710  -0.08976 0.38164  32 A A "O5'" 
623 C "C5'" . A A 32 ? 1.82751 0.87418 1.74042 0.08527  -0.07881 0.41559  32 A A "C5'" 
624 C "C4'" . A A 32 ? 1.78730 0.85433 1.70067 0.12679  -0.08873 0.41975  32 A A "C4'" 
625 O "O4'" . A A 32 ? 1.62969 0.79439 1.61272 0.14030  -0.08740 0.40029  32 A A "O4'" 
626 C "C3'" . A A 32 ? 1.77573 0.78572 1.65915 0.17625  -0.11182 0.40200  32 A A "C3'" 
627 O "O3'" . A A 32 ? 1.93576 0.87952 1.75612 0.17379  -0.10800 0.41902  32 A A "O3'" 
628 C "C2'" . A A 32 ? 1.74738 0.82275 1.66447 0.21050  -0.12294 0.39175  32 A A "C2'" 
629 O "O2'" . A A 32 ? 1.86650 0.94037 1.73893 0.21071  -0.11295 0.41487  32 A A "O2'" 
630 C "C1'" . A A 32 ? 1.64362 0.80515 1.63703 0.18857  -0.11309 0.38808  32 A A "C1'" 
631 N N9    . A A 32 ? 1.67894 0.87624 1.73432 0.20887  -0.12074 0.35644  32 A A N9    
632 C C8    . A A 32 ? 1.65615 0.86599 1.73516 0.19139  -0.10511 0.33961  32 A A C8    
633 N N7    . A A 32 ? 1.63157 0.87492 1.76421 0.22121  -0.10995 0.31498  32 A A N7    
634 C C5    . A A 32 ? 1.65370 0.91355 1.80965 0.25647  -0.13445 0.31611  32 A A C5    
635 C C6    . A A 32 ? 1.66563 0.97024 1.88833 0.29494  -0.15134 0.29912  32 A A C6    
636 N N6    . A A 32 ? 1.66099 1.00423 1.94208 0.30874  -0.13846 0.27933  32 A A N6    
637 N N1    . A A 32 ? 1.71726 1.03820 1.93004 0.31454  -0.17475 0.29739  32 A A N1    
638 C C2    . A A 32 ? 1.75082 1.03318 1.89040 0.30421  -0.17837 0.31423  32 A A C2    
639 N N3    . A A 32 ? 1.78165 1.01768 1.86117 0.27490  -0.16089 0.33581  32 A A N3    
640 C C4    . A A 32 ? 1.71240 0.93978 1.81171 0.24969  -0.14267 0.33831  32 A A C4    
641 P P     . G A 33 ? 2.09999 0.96131 1.88460 0.17984  -0.11991 0.40627  33 G A P     
642 O OP1   . G A 33 ? 2.09786 0.90498 1.82256 0.17367  -0.11762 0.42789  33 G A OP1   
643 O OP2   . G A 33 ? 2.18662 1.02735 1.97693 0.14698  -0.11386 0.39934  33 G A OP2   
644 O "O5'" . G A 33 ? 2.10660 0.98517 1.92593 0.23632  -0.14402 0.37437  33 G A "O5'" 
645 C "C5'" . G A 33 ? 2.02686 0.93219 1.85235 0.27044  -0.15903 0.37230  33 G A "C5'" 
646 C "C4'" . G A 33 ? 1.95784 0.91812 1.84834 0.31119  -0.17647 0.34502  33 G A "C4'" 
647 O "O4'" . G A 33 ? 1.88683 0.90941 1.83256 0.29936  -0.16626 0.33815  33 G A "O4'" 
648 C "C3'" . G A 33 ? 1.98588 0.91241 1.88531 0.34054  -0.18777 0.32360  33 G A "C3'" 
649 O "O3'" . G A 33 ? 2.14668 1.03309 2.01353 0.36767  -0.20759 0.32138  33 G A "O3'" 
650 C "C2'" . G A 33 ? 1.95568 0.96199 1.93943 0.36564  -0.19070 0.30368  33 G A "C2'" 
651 O "O2'" . G A 33 ? 2.05834 1.11741 2.07775 0.39439  -0.21142 0.29830  33 G A "O2'" 
652 C "C1'" . G A 33 ? 1.82492 0.87405 1.82673 0.32894  -0.17417 0.31301  33 G A "C1'" 
653 N N9    . G A 33 ? 1.80582 0.83166 1.81073 0.30686  -0.15882 0.30817  33 G A N9    
654 C C8    . G A 33 ? 1.84539 0.81045 1.79426 0.26419  -0.14627 0.32317  33 G A C8    
655 N N7    . G A 33 ? 1.87305 0.82880 1.83385 0.25073  -0.13714 0.31146  33 G A N7    
656 C C5    . G A 33 ? 1.78696 0.80765 1.81970 0.28979  -0.13703 0.28795  33 G A C5    
657 C C6    . G A 33 ? 1.72206 0.77622 1.79132 0.29739  -0.11771 0.26499  33 G A C6    
658 O O6    . G A 33 ? 1.68325 0.70741 1.72013 0.27101  -0.10173 0.25794  33 G A O6    
659 N N1    . G A 33 ? 1.70034 0.82726 1.85030 0.34076  -0.11926 0.25091  33 G A N1    
660 C C2    . G A 33 ? 1.67770 0.83965 1.87095 0.36999  -0.14413 0.25690  33 G A C2    
661 N N2    . G A 33 ? 1.62630 0.86774 1.90597 0.40424  -0.14296 0.24322  33 G A N2    
662 N N3    . G A 33 ? 1.71304 0.84754 1.85492 0.36105  -0.16089 0.27167  33 G A N3    
663 C C4    . G A 33 ? 1.76664 0.82842 1.83255 0.32360  -0.15444 0.28814  33 G A C4    
# 
